data_4RLG
#
_entry.id   4RLG
#
_cell.length_a   69.320
_cell.length_b   124.981
_cell.length_c   132.760
_cell.angle_alpha   90.00
_cell.angle_beta   99.49
_cell.angle_gamma   90.00
#
_symmetry.space_group_name_H-M   'P 1 21 1'
#
loop_
_entity.id
_entity.type
_entity.pdbx_description
1 polymer 'Pyridoxal-dependent decarboxylase'
2 non-polymer "4'-DEOXY-4'-AMINOPYRIDOXAL-5'-PHOSPHATE"
3 non-polymer GLYCEROL
4 non-polymer 'POTASSIUM ION'
5 non-polymer 'GAMMA-AMINO-BUTANOIC ACID'
6 water water
#
_entity_poly.entity_id   1
_entity_poly.type   'polypeptide(L)'
_entity_poly.pdbx_seq_one_letter_code
;SNA(MSE)DSRFLPATAFIDPEGRNRNEVERLVQQVVDLILAKLTGAAERPP(MSE)PETVDLPGPITIPEAAATEATLL
QAIRD(MSE)VDGS(MSE)NPANPGYIGH(MSE)DP(MSE)PAT(MSE)AILGDLVAAAVNNN(MSE)LSLE(MSE)SPS
FSRLETLLLRAIAGLFGLGEQAGGVLTSGGSLANLQALAVARNVAFDSVEPGITGLAQRPVIFASEAAHTSLQKAA
(MSE)LLGLGTAAVIPVRATADSR(MSE)DPEDLRARIDQARGAGQHPFCVVATAGTTTTGNIDPLAEIGAIAREHGLWF
HVDAAYGGALVFSERHRWRLAGIEQADSITFNPQ(LLP)WLYVAKTCA(MSE)VLFRDAGVLERAFRIPAPY(MSE)RAT
DGFINLGEIGVQGTRHADVVKLWLTLQHIGQQGYARLIDDGYRLAERVVEGVRQRPFLRLAGEIDTNIVCFRGEPDWLPA
ERWDDWNAALQALLLREGKIFLSLPVYRGGRWLRAVLLNPYTTDAVIDA(MSE)FKQIDRFAGRERGQER
;
_entity_poly.pdbx_strand_id   A,B,D,C
#
# COMPACT_ATOMS: atom_id res chain seq x y z
N ALA A 3 4.93 -33.40 6.07
CA ALA A 3 5.23 -33.33 7.49
C ALA A 3 5.60 -31.91 7.82
N ASP A 5 6.86 -30.50 10.45
CA ASP A 5 8.17 -30.37 11.08
C ASP A 5 9.32 -30.37 10.06
N SER A 6 9.05 -30.94 8.90
CA SER A 6 10.01 -31.02 7.83
C SER A 6 10.33 -29.70 7.13
N ARG A 7 11.44 -29.74 6.40
CA ARG A 7 11.92 -28.68 5.56
C ARG A 7 11.07 -28.48 4.31
N PHE A 8 10.23 -29.46 4.01
CA PHE A 8 9.52 -29.53 2.74
C PHE A 8 8.17 -28.83 2.68
N LEU A 9 7.80 -28.13 3.73
CA LEU A 9 6.52 -27.44 3.76
C LEU A 9 6.69 -26.15 4.46
N PRO A 10 6.10 -25.12 3.92
CA PRO A 10 6.12 -23.83 4.61
C PRO A 10 5.43 -23.91 5.99
N ALA A 11 5.86 -23.03 6.90
CA ALA A 11 5.38 -22.95 8.28
C ALA A 11 3.86 -22.73 8.34
N THR A 12 3.33 -22.11 7.30
CA THR A 12 1.91 -21.77 7.28
C THR A 12 1.09 -22.58 6.27
N ALA A 13 1.57 -23.76 5.88
CA ALA A 13 0.87 -24.49 4.84
C ALA A 13 -0.51 -24.92 5.35
N PHE A 14 -0.53 -25.23 6.65
CA PHE A 14 -1.74 -25.63 7.37
C PHE A 14 -1.79 -24.88 8.67
N ILE A 15 -2.97 -24.87 9.29
CA ILE A 15 -3.15 -24.23 10.57
C ILE A 15 -3.05 -25.31 11.64
N ASP A 16 -2.01 -25.16 12.44
CA ASP A 16 -1.71 -26.10 13.50
C ASP A 16 -2.84 -26.09 14.51
N PRO A 17 -3.48 -27.25 14.75
CA PRO A 17 -4.69 -27.31 15.56
C PRO A 17 -4.41 -27.16 17.07
N GLU A 18 -3.14 -27.03 17.44
CA GLU A 18 -2.78 -26.78 18.84
C GLU A 18 -2.06 -25.48 18.99
N GLY A 19 -2.20 -24.61 18.00
CA GLY A 19 -1.77 -23.25 18.19
C GLY A 19 -0.32 -22.95 17.85
N ARG A 20 0.44 -23.95 17.44
CA ARG A 20 1.90 -23.75 17.30
C ARG A 20 2.34 -22.74 16.22
N ASN A 21 1.55 -22.51 15.18
CA ASN A 21 1.98 -21.51 14.19
C ASN A 21 0.98 -20.37 14.12
N ARG A 22 0.25 -20.16 15.21
CA ARG A 22 -0.84 -19.19 15.23
C ARG A 22 -0.40 -17.81 14.81
N ASN A 23 0.74 -17.35 15.33
CA ASN A 23 1.20 -16.01 14.98
C ASN A 23 1.49 -15.85 13.49
N GLU A 24 2.12 -16.87 12.92
CA GLU A 24 2.53 -16.78 11.52
C GLU A 24 1.30 -16.86 10.64
N VAL A 25 0.35 -17.69 11.05
CA VAL A 25 -0.90 -17.86 10.29
C VAL A 25 -1.74 -16.58 10.34
N GLU A 26 -1.89 -16.00 11.53
CA GLU A 26 -2.58 -14.72 11.66
C GLU A 26 -2.03 -13.63 10.75
N ARG A 27 -0.70 -13.49 10.70
CA ARG A 27 -0.10 -12.46 9.88
C ARG A 27 -0.37 -12.68 8.41
N LEU A 28 -0.23 -13.93 7.95
CA LEU A 28 -0.52 -14.27 6.55
C LEU A 28 -1.98 -14.02 6.22
N VAL A 29 -2.85 -14.51 7.08
CA VAL A 29 -4.28 -14.33 6.85
C VAL A 29 -4.58 -12.80 6.82
N GLN A 30 -3.97 -12.04 7.71
CA GLN A 30 -4.26 -10.60 7.80
C GLN A 30 -3.82 -9.85 6.56
N GLN A 31 -2.72 -10.27 5.95
CA GLN A 31 -2.23 -9.61 4.75
C GLN A 31 -3.15 -9.84 3.56
N VAL A 32 -3.66 -11.06 3.41
CA VAL A 32 -4.60 -11.27 2.35
C VAL A 32 -5.94 -10.52 2.57
N VAL A 33 -6.43 -10.57 3.81
CA VAL A 33 -7.67 -9.84 4.17
C VAL A 33 -7.55 -8.35 3.87
N ASP A 34 -6.42 -7.75 4.28
CA ASP A 34 -6.23 -6.32 4.05
C ASP A 34 -6.10 -6.02 2.56
N LEU A 35 -5.42 -6.89 1.81
CA LEU A 35 -5.29 -6.72 0.36
C LEU A 35 -6.66 -6.77 -0.35
N ILE A 36 -7.45 -7.81 -0.06
CA ILE A 36 -8.80 -7.91 -0.58
C ILE A 36 -9.73 -6.71 -0.19
N LEU A 37 -9.71 -6.29 1.07
CA LEU A 37 -10.53 -5.11 1.40
C LEU A 37 -10.09 -3.87 0.62
N ALA A 38 -8.80 -3.69 0.34
CA ALA A 38 -8.40 -2.49 -0.35
C ALA A 38 -8.96 -2.56 -1.77
N LYS A 39 -8.91 -3.72 -2.41
CA LYS A 39 -9.39 -3.83 -3.77
C LYS A 39 -10.90 -3.60 -3.83
N LEU A 40 -11.61 -4.02 -2.78
CA LEU A 40 -13.09 -3.97 -2.84
C LEU A 40 -13.55 -2.57 -2.37
N THR A 41 -12.96 -2.05 -1.28
CA THR A 41 -13.29 -0.69 -0.84
C THR A 41 -12.75 0.32 -1.83
N GLY A 42 -11.94 -0.15 -2.77
CA GLY A 42 -11.38 0.73 -3.76
C GLY A 42 -11.82 0.33 -5.14
N ALA A 43 -12.93 -0.42 -5.22
CA ALA A 43 -13.31 -1.03 -6.48
C ALA A 43 -13.72 -0.05 -7.54
N ALA A 44 -14.18 1.14 -7.13
CA ALA A 44 -14.65 2.07 -8.16
C ALA A 44 -13.46 2.63 -8.99
N GLU A 45 -12.25 2.51 -8.47
CA GLU A 45 -11.07 3.04 -9.19
C GLU A 45 -10.65 2.04 -10.30
N ARG A 46 -10.90 0.74 -10.11
CA ARG A 46 -10.71 -0.23 -11.19
C ARG A 46 -11.90 -0.23 -12.15
N PRO A 47 -11.63 -0.31 -13.47
CA PRO A 47 -12.72 -0.29 -14.45
C PRO A 47 -13.55 -1.59 -14.43
N PRO A 48 -14.73 -1.56 -15.07
CA PRO A 48 -15.62 -2.74 -14.95
C PRO A 48 -14.99 -3.98 -15.54
N PRO A 50 -10.99 -5.66 -17.03
CA PRO A 50 -9.55 -5.43 -16.97
C PRO A 50 -8.97 -4.94 -18.28
N GLU A 51 -7.88 -4.16 -18.19
CA GLU A 51 -7.06 -3.74 -19.31
C GLU A 51 -6.42 -4.97 -19.95
N THR A 52 -6.45 -5.03 -21.28
CA THR A 52 -6.02 -6.23 -22.00
C THR A 52 -4.51 -6.45 -21.78
N LEU A 55 -1.15 -12.68 -23.64
CA LEU A 55 -1.71 -13.97 -23.32
C LEU A 55 -0.73 -14.68 -22.40
N PRO A 56 -1.20 -15.39 -21.39
CA PRO A 56 -0.23 -15.97 -20.47
C PRO A 56 0.43 -17.20 -21.06
N GLY A 57 1.64 -17.46 -20.60
CA GLY A 57 2.46 -18.58 -21.00
C GLY A 57 2.10 -19.87 -20.31
N PRO A 58 2.76 -21.03 -20.76
CA PRO A 58 2.36 -22.25 -20.01
C PRO A 58 2.72 -22.18 -18.53
N ILE A 59 1.83 -22.71 -17.72
CA ILE A 59 1.96 -22.75 -16.29
C ILE A 59 2.86 -23.90 -15.87
N THR A 60 3.58 -23.69 -14.78
CA THR A 60 4.39 -24.73 -14.20
C THR A 60 4.10 -24.86 -12.72
N ILE A 61 3.83 -26.07 -12.23
CA ILE A 61 3.65 -26.27 -10.81
C ILE A 61 5.03 -26.43 -10.19
N PRO A 62 5.39 -25.56 -9.25
CA PRO A 62 6.79 -25.46 -8.78
C PRO A 62 7.14 -26.65 -7.93
N GLU A 63 8.39 -27.05 -7.94
CA GLU A 63 8.86 -28.16 -7.09
C GLU A 63 8.83 -27.72 -5.64
N ALA A 64 9.39 -26.53 -5.41
CA ALA A 64 9.51 -25.96 -4.08
C ALA A 64 8.39 -24.96 -3.79
N ALA A 65 8.09 -24.81 -2.50
CA ALA A 65 7.08 -23.90 -1.99
C ALA A 65 7.36 -22.49 -2.42
N ALA A 66 6.29 -21.78 -2.73
CA ALA A 66 6.40 -20.39 -3.16
C ALA A 66 6.52 -19.51 -1.91
N THR A 67 7.18 -18.37 -2.05
CA THR A 67 7.25 -17.42 -0.95
C THR A 67 5.88 -16.77 -0.73
N GLU A 68 5.61 -16.36 0.52
CA GLU A 68 4.43 -15.55 0.80
C GLU A 68 4.39 -14.34 -0.13
N ALA A 69 5.53 -13.80 -0.53
CA ALA A 69 5.47 -12.59 -1.37
C ALA A 69 5.03 -12.92 -2.80
N THR A 70 5.43 -14.08 -3.29
CA THR A 70 5.00 -14.52 -4.60
C THR A 70 3.47 -14.74 -4.60
N LEU A 71 2.98 -15.33 -3.51
CA LEU A 71 1.57 -15.69 -3.39
C LEU A 71 0.74 -14.41 -3.33
N LEU A 72 1.22 -13.42 -2.58
CA LEU A 72 0.48 -12.17 -2.50
C LEU A 72 0.44 -11.47 -3.85
N GLN A 73 1.54 -11.53 -4.59
CA GLN A 73 1.57 -10.86 -5.89
C GLN A 73 0.66 -11.59 -6.87
N ALA A 74 0.58 -12.91 -6.76
CA ALA A 74 -0.37 -13.67 -7.56
C ALA A 74 -1.81 -13.22 -7.28
N ILE A 75 -2.15 -13.03 -6.02
CA ILE A 75 -3.51 -12.56 -5.69
C ILE A 75 -3.78 -11.20 -6.31
N ARG A 76 -2.82 -10.28 -6.18
CA ARG A 76 -2.94 -8.93 -6.73
C ARG A 76 -3.15 -8.95 -8.24
N ASP A 77 -2.31 -9.71 -8.94
CA ASP A 77 -2.46 -9.93 -10.38
C ASP A 77 -3.82 -10.55 -10.74
N VAL A 79 -6.73 -10.55 -9.09
CA VAL A 79 -7.76 -9.56 -8.92
C VAL A 79 -7.75 -8.47 -9.98
N ASP A 80 -6.58 -7.88 -10.23
CA ASP A 80 -6.51 -6.81 -11.23
C ASP A 80 -6.89 -7.31 -12.63
N GLY A 81 -6.71 -8.61 -12.88
CA GLY A 81 -7.07 -9.22 -14.15
C GLY A 81 -8.53 -9.72 -14.21
N SER A 82 -9.31 -9.49 -13.15
CA SER A 82 -10.71 -9.99 -13.04
C SER A 82 -11.80 -9.01 -13.49
N ASN A 84 -14.97 -6.73 -12.81
CA ASN A 84 -15.20 -6.01 -11.57
C ASN A 84 -16.65 -5.54 -11.49
N PRO A 85 -17.57 -6.45 -11.10
CA PRO A 85 -19.00 -6.09 -11.03
C PRO A 85 -19.28 -5.06 -9.92
N ALA A 86 -18.30 -4.83 -9.04
CA ALA A 86 -18.47 -3.84 -8.01
C ALA A 86 -18.36 -2.42 -8.56
N ASN A 87 -17.81 -2.25 -9.75
CA ASN A 87 -17.81 -0.91 -10.34
C ASN A 87 -19.26 -0.48 -10.67
N PRO A 88 -19.66 0.73 -10.23
CA PRO A 88 -21.03 1.24 -10.45
C PRO A 88 -21.42 1.22 -11.95
N GLY A 89 -20.42 1.32 -12.83
CA GLY A 89 -20.69 1.21 -14.25
C GLY A 89 -20.78 -0.20 -14.82
N TYR A 90 -20.62 -1.22 -13.98
CA TYR A 90 -20.87 -2.58 -14.46
C TYR A 90 -22.38 -2.83 -14.43
N ILE A 91 -23.00 -2.90 -15.60
CA ILE A 91 -24.44 -3.02 -15.68
C ILE A 91 -24.83 -3.98 -16.79
N GLY A 92 -24.02 -5.02 -17.03
CA GLY A 92 -24.21 -5.79 -18.24
C GLY A 92 -24.64 -7.26 -18.09
N HIS A 93 -24.53 -7.80 -16.89
CA HIS A 93 -24.77 -9.26 -16.73
C HIS A 93 -25.45 -9.56 -15.40
N ASP A 95 -24.61 -10.90 -12.87
CA ASP A 95 -23.44 -11.22 -12.07
C ASP A 95 -23.14 -10.05 -11.18
N PRO A 96 -23.54 -10.11 -9.90
CA PRO A 96 -23.47 -8.89 -9.07
C PRO A 96 -22.24 -8.85 -8.19
N PRO A 98 -20.84 -9.21 -4.58
CA PRO A 98 -21.36 -10.09 -3.52
C PRO A 98 -21.70 -9.31 -2.25
N ALA A 99 -22.77 -9.72 -1.62
CA ALA A 99 -23.06 -9.29 -0.25
C ALA A 99 -21.85 -9.57 0.62
N THR A 100 -21.63 -8.69 1.60
CA THR A 100 -20.48 -8.83 2.52
C THR A 100 -20.52 -10.16 3.24
N ALA A 102 -21.83 -12.92 2.35
CA ALA A 102 -21.58 -14.06 1.41
C ALA A 102 -20.08 -14.30 1.28
N ILE A 103 -19.31 -13.21 1.21
CA ILE A 103 -17.82 -13.34 1.21
C ILE A 103 -17.39 -14.04 2.48
N LEU A 104 -17.90 -13.56 3.60
CA LEU A 104 -17.49 -14.07 4.90
C LEU A 104 -18.04 -15.47 5.10
N GLY A 105 -19.23 -15.74 4.58
CA GLY A 105 -19.76 -17.09 4.63
C GLY A 105 -18.87 -18.11 3.93
N ASP A 106 -18.28 -17.73 2.79
CA ASP A 106 -17.41 -18.67 2.09
C ASP A 106 -16.09 -18.85 2.83
N LEU A 107 -15.67 -17.79 3.51
CA LEU A 107 -14.48 -17.90 4.35
C LEU A 107 -14.73 -18.96 5.44
N VAL A 108 -15.88 -18.85 6.08
CA VAL A 108 -16.25 -19.79 7.15
C VAL A 108 -16.37 -21.21 6.61
N ALA A 109 -17.07 -21.34 5.46
CA ALA A 109 -17.28 -22.67 4.87
C ALA A 109 -15.94 -23.36 4.56
N ALA A 110 -15.03 -22.62 3.93
CA ALA A 110 -13.72 -23.19 3.55
C ALA A 110 -12.93 -23.56 4.80
N ALA A 111 -13.02 -22.73 5.83
CA ALA A 111 -12.30 -22.99 7.08
C ALA A 111 -12.73 -24.31 7.71
N VAL A 112 -14.05 -24.57 7.83
CA VAL A 112 -14.42 -25.82 8.49
C VAL A 112 -14.41 -26.98 7.50
N ASN A 113 -14.54 -26.68 6.18
CA ASN A 113 -14.37 -27.62 5.09
C ASN A 113 -15.24 -28.86 5.33
N ASN A 114 -16.50 -28.69 5.65
CA ASN A 114 -17.39 -29.83 5.73
C ASN A 114 -17.84 -30.28 4.34
N ASN A 115 -18.46 -31.44 4.25
CA ASN A 115 -18.91 -32.00 3.00
C ASN A 115 -20.41 -32.33 3.03
N LEU A 117 -22.01 -34.13 1.05
CA LEU A 117 -22.21 -35.53 0.65
C LEU A 117 -23.10 -36.30 1.66
N SER A 118 -22.81 -36.15 2.95
CA SER A 118 -23.55 -36.93 3.94
C SER A 118 -23.65 -36.21 5.24
N LEU A 119 -24.63 -36.65 6.03
CA LEU A 119 -24.90 -36.01 7.29
C LEU A 119 -23.69 -36.08 8.16
N GLU A 120 -22.93 -37.17 8.14
CA GLU A 120 -21.88 -37.24 9.14
C GLU A 120 -20.65 -36.40 8.75
N SER A 122 -21.36 -33.37 7.34
CA SER A 122 -21.86 -31.99 7.49
C SER A 122 -22.99 -31.91 8.53
N PRO A 123 -22.69 -32.21 9.80
CA PRO A 123 -23.80 -32.45 10.72
C PRO A 123 -24.69 -31.21 10.94
N SER A 124 -24.11 -30.03 11.07
CA SER A 124 -25.00 -28.89 11.25
C SER A 124 -25.56 -28.42 9.88
N PHE A 125 -24.71 -28.39 8.86
CA PHE A 125 -25.11 -27.80 7.58
C PHE A 125 -26.18 -28.60 6.85
N SER A 126 -26.13 -29.94 6.91
CA SER A 126 -27.13 -30.75 6.19
C SER A 126 -28.53 -30.47 6.72
N ARG A 127 -28.71 -30.42 8.03
CA ARG A 127 -30.05 -30.16 8.57
C ARG A 127 -30.48 -28.73 8.28
N LEU A 128 -29.57 -27.78 8.46
CA LEU A 128 -29.86 -26.41 8.11
C LEU A 128 -30.28 -26.27 6.64
N GLU A 129 -29.56 -26.92 5.73
CA GLU A 129 -29.94 -26.76 4.32
C GLU A 129 -31.34 -27.31 4.07
N THR A 130 -31.60 -28.52 4.54
CA THR A 130 -32.95 -29.10 4.37
C THR A 130 -34.05 -28.19 4.92
N LEU A 131 -33.87 -27.70 6.14
CA LEU A 131 -34.91 -26.83 6.70
C LEU A 131 -35.07 -25.48 5.98
N LEU A 132 -33.95 -24.88 5.57
CA LEU A 132 -34.02 -23.58 4.88
C LEU A 132 -34.71 -23.79 3.53
N LEU A 133 -34.41 -24.88 2.84
CA LEU A 133 -35.05 -25.06 1.51
C LEU A 133 -36.54 -25.39 1.66
N ARG A 134 -36.93 -26.01 2.76
CA ARG A 134 -38.38 -26.17 3.00
C ARG A 134 -39.01 -24.80 3.20
N ALA A 135 -38.32 -23.95 3.96
CA ALA A 135 -38.84 -22.60 4.19
C ALA A 135 -38.97 -21.84 2.86
N ILE A 136 -37.97 -21.93 2.00
CA ILE A 136 -38.03 -21.18 0.74
C ILE A 136 -39.10 -21.77 -0.18
N ALA A 137 -39.23 -23.11 -0.17
CA ALA A 137 -40.25 -23.76 -0.98
C ALA A 137 -41.60 -23.23 -0.51
N GLY A 138 -41.75 -23.03 0.80
CA GLY A 138 -42.99 -22.47 1.32
C GLY A 138 -43.30 -21.07 0.82
N LEU A 139 -42.29 -20.22 0.71
CA LEU A 139 -42.45 -18.84 0.19
C LEU A 139 -42.90 -18.88 -1.26
N PHE A 140 -42.45 -19.89 -2.01
CA PHE A 140 -42.88 -20.01 -3.39
C PHE A 140 -44.31 -20.55 -3.42
N GLY A 141 -44.82 -20.97 -2.26
CA GLY A 141 -46.20 -21.47 -2.14
C GLY A 141 -46.37 -22.93 -2.58
N LEU A 142 -45.30 -23.71 -2.52
CA LEU A 142 -45.35 -25.10 -3.05
C LEU A 142 -46.05 -26.10 -2.16
N GLY A 143 -46.30 -25.74 -0.92
CA GLY A 143 -47.04 -26.67 -0.10
C GLY A 143 -46.21 -27.39 0.92
N GLU A 144 -46.89 -28.17 1.75
CA GLU A 144 -46.23 -28.75 2.91
C GLU A 144 -45.27 -29.89 2.62
N GLN A 145 -45.42 -30.54 1.48
CA GLN A 145 -44.53 -31.61 1.10
C GLN A 145 -43.27 -31.09 0.38
N ALA A 146 -43.22 -29.80 0.13
CA ALA A 146 -42.16 -29.22 -0.70
C ALA A 146 -40.80 -29.21 -0.03
N GLY A 147 -39.79 -29.46 -0.84
CA GLY A 147 -38.43 -29.57 -0.35
C GLY A 147 -37.47 -29.48 -1.52
N GLY A 148 -36.18 -29.39 -1.21
CA GLY A 148 -35.19 -29.31 -2.26
C GLY A 148 -33.76 -29.51 -1.82
N VAL A 149 -32.86 -29.39 -2.78
CA VAL A 149 -31.44 -29.39 -2.52
C VAL A 149 -30.74 -28.23 -3.23
N LEU A 150 -29.71 -27.70 -2.60
CA LEU A 150 -28.79 -26.76 -3.22
C LEU A 150 -27.92 -27.48 -4.25
N THR A 151 -27.58 -26.77 -5.30
CA THR A 151 -26.78 -27.31 -6.39
C THR A 151 -25.76 -26.26 -6.85
N SER A 152 -24.69 -26.70 -7.46
CA SER A 152 -23.66 -25.76 -7.90
C SER A 152 -24.01 -25.12 -9.23
N GLY A 153 -24.97 -24.20 -9.21
CA GLY A 153 -25.42 -23.54 -10.43
C GLY A 153 -26.81 -23.98 -10.87
N GLY A 154 -27.50 -23.10 -11.61
CA GLY A 154 -28.80 -23.42 -12.10
C GLY A 154 -28.84 -24.46 -13.20
N SER A 155 -27.75 -24.63 -13.93
CA SER A 155 -27.72 -25.65 -14.98
C SER A 155 -27.95 -27.03 -14.37
N LEU A 156 -27.35 -27.25 -13.19
CA LEU A 156 -27.50 -28.54 -12.49
C LEU A 156 -28.89 -28.64 -11.92
N ALA A 157 -29.46 -27.51 -11.50
CA ALA A 157 -30.82 -27.59 -10.95
C ALA A 157 -31.77 -27.95 -12.09
N ASN A 158 -31.58 -27.36 -13.28
CA ASN A 158 -32.42 -27.68 -14.42
C ASN A 158 -32.24 -29.12 -14.82
N LEU A 159 -30.98 -29.54 -14.86
CA LEU A 159 -30.67 -30.95 -15.09
C LEU A 159 -31.43 -31.91 -14.16
N GLN A 160 -31.35 -31.63 -12.87
CA GLN A 160 -31.98 -32.51 -11.91
C GLN A 160 -33.53 -32.52 -12.03
N ALA A 161 -34.13 -31.34 -12.26
CA ALA A 161 -35.57 -31.31 -12.42
C ALA A 161 -35.98 -32.12 -13.63
N LEU A 162 -35.26 -31.97 -14.73
CA LEU A 162 -35.61 -32.69 -15.96
C LEU A 162 -35.33 -34.18 -15.84
N ALA A 163 -34.26 -34.59 -15.12
CA ALA A 163 -34.03 -36.02 -14.81
C ALA A 163 -35.23 -36.63 -14.07
N VAL A 164 -35.71 -35.94 -13.03
CA VAL A 164 -36.85 -36.43 -12.25
C VAL A 164 -38.11 -36.50 -13.11
N ALA A 165 -38.35 -35.47 -13.92
CA ALA A 165 -39.51 -35.52 -14.83
C ALA A 165 -39.42 -36.74 -15.75
N ARG A 166 -38.24 -36.97 -16.35
CA ARG A 166 -38.03 -38.11 -17.25
C ARG A 166 -38.24 -39.42 -16.50
N ASN A 167 -37.65 -39.52 -15.30
CA ASN A 167 -37.74 -40.76 -14.52
C ASN A 167 -39.17 -41.09 -14.12
N VAL A 168 -39.95 -40.08 -13.75
CA VAL A 168 -41.36 -40.27 -13.41
C VAL A 168 -42.15 -40.72 -14.65
N ALA A 169 -41.86 -40.13 -15.80
CA ALA A 169 -42.65 -40.43 -17.02
C ALA A 169 -42.31 -41.78 -17.59
N PHE A 170 -41.07 -42.22 -17.38
CA PHE A 170 -40.61 -43.38 -18.16
C PHE A 170 -40.03 -44.49 -17.34
N ASP A 171 -40.08 -44.35 -16.02
CA ASP A 171 -39.56 -45.33 -15.09
C ASP A 171 -38.12 -45.72 -15.46
N SER A 172 -37.27 -44.72 -15.64
CA SER A 172 -35.96 -44.96 -16.24
C SER A 172 -34.77 -45.07 -15.26
N VAL A 173 -35.01 -45.06 -13.95
CA VAL A 173 -33.90 -45.02 -13.03
C VAL A 173 -33.00 -46.25 -13.25
N GLU A 174 -33.62 -47.44 -13.32
CA GLU A 174 -32.84 -48.67 -13.47
C GLU A 174 -32.61 -49.11 -14.93
N PRO A 175 -33.66 -49.13 -15.79
CA PRO A 175 -33.46 -49.62 -17.16
C PRO A 175 -32.97 -48.60 -18.18
N GLY A 176 -32.90 -47.30 -17.84
CA GLY A 176 -32.57 -46.30 -18.84
C GLY A 176 -33.72 -45.98 -19.80
N ILE A 177 -33.44 -45.21 -20.85
CA ILE A 177 -34.49 -44.87 -21.82
C ILE A 177 -34.15 -45.37 -23.24
N THR A 178 -33.16 -46.25 -23.40
CA THR A 178 -32.80 -46.66 -24.77
C THR A 178 -33.84 -47.57 -25.36
N GLY A 179 -34.70 -48.11 -24.51
CA GLY A 179 -35.69 -49.04 -25.01
C GLY A 179 -36.84 -48.36 -25.72
N LEU A 180 -37.02 -47.05 -25.48
CA LEU A 180 -38.20 -46.34 -25.98
C LEU A 180 -38.25 -46.30 -27.49
N ALA A 181 -39.44 -46.38 -28.05
CA ALA A 181 -39.67 -46.35 -29.50
C ALA A 181 -40.32 -45.04 -29.99
N GLN A 182 -40.72 -44.20 -29.05
CA GLN A 182 -41.15 -42.85 -29.37
C GLN A 182 -40.27 -41.87 -28.56
N ARG A 183 -39.73 -40.87 -29.23
CA ARG A 183 -38.75 -39.99 -28.63
C ARG A 183 -39.38 -39.01 -27.61
N PRO A 184 -38.87 -39.04 -26.37
CA PRO A 184 -39.32 -38.11 -25.31
C PRO A 184 -38.97 -36.68 -25.68
N VAL A 185 -39.89 -35.74 -25.49
CA VAL A 185 -39.57 -34.35 -25.85
C VAL A 185 -40.07 -33.42 -24.74
N ILE A 186 -39.50 -32.21 -24.74
N ILE A 186 -39.49 -32.23 -24.66
CA ILE A 186 -39.72 -31.17 -23.73
CA ILE A 186 -39.97 -31.24 -23.72
C ILE A 186 -40.08 -29.87 -24.45
C ILE A 186 -40.26 -30.00 -24.53
N PHE A 187 -41.02 -29.08 -23.91
CA PHE A 187 -41.35 -27.80 -24.55
C PHE A 187 -40.80 -26.66 -23.77
N ALA A 188 -40.28 -25.67 -24.47
CA ALA A 188 -39.83 -24.47 -23.80
C ALA A 188 -39.87 -23.30 -24.74
N SER A 189 -39.87 -22.10 -24.17
CA SER A 189 -39.91 -20.90 -24.98
C SER A 189 -38.69 -20.81 -25.90
N GLU A 190 -38.89 -20.30 -27.11
CA GLU A 190 -37.71 -20.02 -27.96
C GLU A 190 -36.74 -19.03 -27.29
N ALA A 191 -37.19 -18.34 -26.24
CA ALA A 191 -36.31 -17.48 -25.42
C ALA A 191 -35.62 -18.17 -24.20
N ALA A 192 -35.88 -19.45 -23.94
CA ALA A 192 -35.40 -20.18 -22.76
C ALA A 192 -33.93 -20.56 -22.73
N HIS A 193 -33.42 -20.94 -21.57
CA HIS A 193 -31.97 -21.08 -21.31
C HIS A 193 -31.39 -22.31 -21.98
N THR A 194 -30.19 -22.18 -22.50
CA THR A 194 -29.62 -23.25 -23.25
C THR A 194 -29.25 -24.44 -22.37
N SER A 195 -29.31 -24.25 -21.06
CA SER A 195 -29.00 -25.37 -20.15
C SER A 195 -30.11 -26.41 -20.29
N LEU A 196 -31.25 -26.01 -20.90
CA LEU A 196 -32.24 -27.02 -21.29
C LEU A 196 -31.65 -27.96 -22.36
N GLN A 197 -31.02 -27.41 -23.39
N GLN A 197 -31.01 -27.41 -23.39
N GLN A 197 -31.00 -27.42 -23.40
CA GLN A 197 -30.45 -28.25 -24.46
CA GLN A 197 -30.45 -28.25 -24.46
CA GLN A 197 -30.45 -28.27 -24.46
C GLN A 197 -29.31 -29.11 -23.93
C GLN A 197 -29.31 -29.11 -23.93
C GLN A 197 -29.31 -29.12 -23.91
N LYS A 198 -28.50 -28.53 -23.04
CA LYS A 198 -27.37 -29.22 -22.46
C LYS A 198 -27.91 -30.31 -21.55
N ALA A 199 -28.88 -29.96 -20.72
CA ALA A 199 -29.50 -30.96 -19.89
C ALA A 199 -30.09 -32.05 -20.77
N ALA A 200 -30.81 -31.67 -21.85
CA ALA A 200 -31.38 -32.70 -22.70
C ALA A 200 -30.28 -33.62 -23.30
N LEU A 202 -27.38 -34.39 -21.90
CA LEU A 202 -26.87 -35.16 -20.76
C LEU A 202 -27.83 -36.28 -20.44
N LEU A 203 -29.14 -35.97 -20.45
CA LEU A 203 -30.15 -36.96 -20.06
C LEU A 203 -30.43 -38.06 -21.09
N GLY A 204 -29.82 -37.93 -22.30
CA GLY A 204 -29.85 -38.95 -23.35
C GLY A 204 -31.01 -38.66 -24.28
N LEU A 205 -31.58 -37.44 -24.17
CA LEU A 205 -32.70 -37.09 -25.00
C LEU A 205 -32.24 -36.41 -26.30
N GLY A 206 -31.02 -35.83 -26.30
CA GLY A 206 -30.54 -35.10 -27.45
C GLY A 206 -30.99 -33.65 -27.41
N THR A 207 -30.16 -32.74 -27.90
CA THR A 207 -30.51 -31.32 -27.94
C THR A 207 -31.81 -31.07 -28.69
N ALA A 208 -32.13 -31.93 -29.65
CA ALA A 208 -33.30 -31.75 -30.49
C ALA A 208 -34.58 -32.10 -29.76
N ALA A 209 -34.46 -32.72 -28.59
CA ALA A 209 -35.66 -33.02 -27.80
C ALA A 209 -36.27 -31.77 -27.14
N VAL A 210 -35.55 -30.65 -27.19
CA VAL A 210 -36.13 -29.42 -26.63
C VAL A 210 -36.86 -28.64 -27.72
N ILE A 211 -38.17 -28.77 -27.75
CA ILE A 211 -38.95 -28.17 -28.81
C ILE A 211 -39.34 -26.73 -28.43
N PRO A 212 -38.88 -25.74 -29.22
CA PRO A 212 -39.11 -24.32 -28.95
C PRO A 212 -40.52 -23.88 -29.24
N VAL A 213 -41.13 -23.16 -28.31
CA VAL A 213 -42.48 -22.61 -28.45
C VAL A 213 -42.34 -21.15 -28.80
N ARG A 214 -43.20 -20.66 -29.66
CA ARG A 214 -43.13 -19.30 -30.12
C ARG A 214 -43.31 -18.35 -28.95
N ALA A 215 -42.56 -17.27 -28.97
CA ALA A 215 -42.66 -16.24 -27.97
C ALA A 215 -43.19 -14.95 -28.59
N THR A 216 -43.82 -14.13 -27.78
CA THR A 216 -44.39 -12.88 -28.24
C THR A 216 -43.32 -11.85 -28.49
N ALA A 217 -43.74 -10.69 -28.96
CA ALA A 217 -42.83 -9.59 -29.21
C ALA A 217 -42.15 -9.20 -27.92
N ASP A 218 -42.77 -9.49 -26.80
CA ASP A 218 -42.23 -9.21 -25.49
C ASP A 218 -41.47 -10.40 -24.88
N SER A 219 -41.18 -11.37 -25.72
CA SER A 219 -40.39 -12.53 -25.33
C SER A 219 -41.02 -13.36 -24.23
N ARG A 220 -42.34 -13.49 -24.29
CA ARG A 220 -43.08 -14.35 -23.37
C ARG A 220 -43.69 -15.53 -24.14
N ASP A 222 -45.97 -18.20 -25.78
CA ASP A 222 -47.36 -18.11 -26.24
C ASP A 222 -48.08 -19.38 -25.90
N PRO A 223 -49.06 -19.28 -25.01
CA PRO A 223 -49.75 -20.50 -24.59
C PRO A 223 -50.46 -21.23 -25.73
N GLU A 224 -50.94 -20.48 -26.73
CA GLU A 224 -51.61 -21.11 -27.87
C GLU A 224 -50.62 -21.90 -28.70
N ASP A 225 -49.43 -21.34 -28.91
CA ASP A 225 -48.43 -22.09 -29.66
C ASP A 225 -47.94 -23.33 -28.88
N LEU A 226 -47.89 -23.27 -27.54
CA LEU A 226 -47.53 -24.46 -26.75
C LEU A 226 -48.52 -25.58 -27.08
N ARG A 227 -49.81 -25.26 -27.04
CA ARG A 227 -50.81 -26.28 -27.39
C ARG A 227 -50.65 -26.84 -28.79
N ALA A 228 -50.34 -25.97 -29.75
CA ALA A 228 -50.14 -26.46 -31.10
C ALA A 228 -48.96 -27.43 -31.12
N ARG A 229 -47.85 -27.05 -30.51
CA ARG A 229 -46.68 -27.90 -30.53
C ARG A 229 -46.93 -29.22 -29.82
N ILE A 230 -47.68 -29.24 -28.75
CA ILE A 230 -47.92 -30.52 -28.08
C ILE A 230 -48.72 -31.42 -29.02
N ASP A 231 -49.74 -30.86 -29.69
CA ASP A 231 -50.53 -31.61 -30.67
C ASP A 231 -49.64 -32.15 -31.80
N GLN A 232 -48.78 -31.28 -32.31
CA GLN A 232 -47.90 -31.64 -33.38
C GLN A 232 -46.89 -32.72 -32.95
N ALA A 233 -46.42 -32.64 -31.71
CA ALA A 233 -45.47 -33.62 -31.22
C ALA A 233 -46.12 -34.99 -31.26
N ARG A 234 -47.32 -35.08 -30.69
CA ARG A 234 -47.99 -36.37 -30.60
C ARG A 234 -48.35 -36.90 -31.99
N GLY A 235 -48.56 -36.01 -32.93
CA GLY A 235 -48.91 -36.43 -34.28
C GLY A 235 -47.68 -36.98 -34.95
N ALA A 236 -46.52 -36.46 -34.55
CA ALA A 236 -45.25 -36.87 -35.11
C ALA A 236 -44.70 -38.11 -34.38
N GLY A 237 -45.54 -38.70 -33.54
CA GLY A 237 -45.16 -39.87 -32.76
C GLY A 237 -44.15 -39.66 -31.63
N GLN A 238 -43.94 -38.41 -31.21
CA GLN A 238 -43.14 -38.09 -30.03
C GLN A 238 -43.90 -38.27 -28.72
N HIS A 239 -43.19 -38.31 -27.60
CA HIS A 239 -43.80 -38.47 -26.29
C HIS A 239 -43.49 -37.27 -25.38
N PRO A 240 -44.43 -36.23 -25.42
CA PRO A 240 -44.15 -35.14 -24.49
C PRO A 240 -44.17 -35.53 -23.03
N PHE A 241 -43.23 -35.06 -22.24
CA PHE A 241 -43.26 -35.33 -20.81
C PHE A 241 -43.09 -34.13 -19.88
N CYS A 242 -42.68 -33.00 -20.41
CA CYS A 242 -42.43 -31.83 -19.58
C CYS A 242 -42.57 -30.52 -20.34
N VAL A 243 -43.06 -29.52 -19.63
CA VAL A 243 -43.07 -28.16 -20.10
C VAL A 243 -42.26 -27.28 -19.15
N VAL A 244 -41.34 -26.49 -19.70
CA VAL A 244 -40.57 -25.57 -18.91
C VAL A 244 -41.02 -24.14 -19.20
N ALA A 245 -41.46 -23.44 -18.17
CA ALA A 245 -41.70 -22.01 -18.29
C ALA A 245 -40.57 -21.25 -17.64
N THR A 246 -40.22 -20.10 -18.19
CA THR A 246 -39.10 -19.35 -17.66
C THR A 246 -39.55 -18.06 -16.99
N ALA A 247 -39.22 -17.92 -15.71
CA ALA A 247 -39.45 -16.69 -14.99
C ALA A 247 -38.19 -15.84 -14.95
N GLY A 248 -38.02 -15.02 -15.96
CA GLY A 248 -36.83 -14.25 -16.16
C GLY A 248 -35.88 -14.84 -17.16
N THR A 249 -36.15 -14.58 -18.42
CA THR A 249 -35.33 -15.07 -19.52
C THR A 249 -33.96 -14.41 -19.47
N THR A 250 -32.94 -15.13 -19.87
CA THR A 250 -31.60 -14.64 -19.73
C THR A 250 -31.33 -13.38 -20.50
N THR A 251 -31.80 -13.29 -21.74
CA THR A 251 -31.43 -12.10 -22.54
C THR A 251 -32.26 -10.86 -22.18
N THR A 252 -33.59 -11.00 -22.12
CA THR A 252 -34.44 -9.86 -21.90
C THR A 252 -35.10 -9.78 -20.52
N GLY A 253 -35.00 -10.83 -19.72
CA GLY A 253 -35.49 -10.75 -18.35
C GLY A 253 -37.01 -10.86 -18.32
N ASN A 254 -37.62 -11.43 -19.36
CA ASN A 254 -39.09 -11.55 -19.31
C ASN A 254 -39.61 -12.80 -18.57
N ILE A 255 -40.90 -12.76 -18.20
CA ILE A 255 -41.54 -13.84 -17.42
C ILE A 255 -42.70 -14.41 -18.20
N ASP A 256 -42.60 -15.69 -18.46
CA ASP A 256 -43.63 -16.44 -19.13
C ASP A 256 -44.95 -16.38 -18.36
N PRO A 257 -46.09 -16.61 -19.03
CA PRO A 257 -47.31 -16.52 -18.19
C PRO A 257 -47.51 -17.85 -17.43
N LEU A 258 -46.99 -17.91 -16.20
CA LEU A 258 -46.84 -19.19 -15.50
C LEU A 258 -48.18 -19.90 -15.28
N ALA A 259 -49.24 -19.13 -15.00
CA ALA A 259 -50.51 -19.76 -14.66
C ALA A 259 -51.14 -20.47 -15.87
N GLU A 260 -51.13 -19.80 -17.01
CA GLU A 260 -51.69 -20.37 -18.24
C GLU A 260 -50.84 -21.53 -18.71
N ILE A 261 -49.50 -21.34 -18.72
CA ILE A 261 -48.64 -22.43 -19.18
C ILE A 261 -48.82 -23.67 -18.31
N GLY A 262 -48.87 -23.46 -16.99
CA GLY A 262 -49.07 -24.56 -16.05
C GLY A 262 -50.42 -25.25 -16.21
N ALA A 263 -51.47 -24.47 -16.50
CA ALA A 263 -52.80 -25.05 -16.78
C ALA A 263 -52.71 -26.02 -17.95
N ILE A 264 -52.01 -25.57 -19.00
CA ILE A 264 -51.86 -26.40 -20.20
C ILE A 264 -51.01 -27.65 -19.92
N ALA A 265 -49.90 -27.50 -19.21
CA ALA A 265 -49.15 -28.68 -18.77
C ALA A 265 -49.99 -29.65 -17.97
N ARG A 266 -50.80 -29.15 -17.05
CA ARG A 266 -51.57 -30.06 -16.18
C ARG A 266 -52.70 -30.75 -16.96
N GLU A 267 -53.14 -30.09 -17.99
CA GLU A 267 -54.21 -30.59 -18.82
C GLU A 267 -53.72 -31.79 -19.62
N HIS A 268 -52.48 -31.72 -20.05
CA HIS A 268 -51.87 -32.76 -20.88
C HIS A 268 -51.03 -33.74 -20.09
N GLY A 269 -51.12 -33.70 -18.78
CA GLY A 269 -50.42 -34.62 -17.90
C GLY A 269 -48.89 -34.47 -17.94
N LEU A 270 -48.40 -33.29 -18.27
CA LEU A 270 -46.96 -33.05 -18.36
C LEU A 270 -46.38 -32.44 -17.06
N TRP A 271 -45.16 -32.82 -16.71
CA TRP A 271 -44.39 -32.18 -15.63
C TRP A 271 -44.27 -30.67 -15.93
N PHE A 272 -44.54 -29.86 -14.92
CA PHE A 272 -44.43 -28.41 -15.09
C PHE A 272 -43.23 -27.92 -14.29
N HIS A 273 -42.16 -27.55 -15.01
CA HIS A 273 -40.96 -27.01 -14.38
C HIS A 273 -40.87 -25.52 -14.59
N VAL A 274 -40.63 -24.74 -13.53
CA VAL A 274 -40.41 -23.31 -13.76
C VAL A 274 -38.90 -22.97 -13.54
N ASP A 275 -38.25 -22.48 -14.59
CA ASP A 275 -36.87 -22.02 -14.48
C ASP A 275 -36.94 -20.58 -13.97
N ALA A 276 -36.94 -20.44 -12.65
CA ALA A 276 -36.94 -19.11 -12.04
C ALA A 276 -35.54 -18.73 -11.56
N ALA A 277 -34.50 -19.22 -12.26
CA ALA A 277 -33.10 -18.93 -11.87
C ALA A 277 -32.93 -17.47 -11.49
N TYR A 278 -33.38 -16.56 -12.35
CA TYR A 278 -33.28 -15.17 -12.03
C TYR A 278 -34.52 -14.59 -11.31
N GLY A 279 -35.69 -14.69 -11.96
CA GLY A 279 -36.89 -13.99 -11.47
C GLY A 279 -37.44 -14.53 -10.14
N GLY A 280 -36.92 -15.67 -9.70
CA GLY A 280 -37.37 -16.28 -8.45
C GLY A 280 -37.16 -15.36 -7.25
N ALA A 281 -36.17 -14.45 -7.32
CA ALA A 281 -35.91 -13.54 -6.22
C ALA A 281 -37.12 -12.65 -5.88
N LEU A 282 -38.06 -12.50 -6.82
CA LEU A 282 -39.27 -11.69 -6.58
C LEU A 282 -40.12 -12.25 -5.43
N VAL A 283 -39.85 -13.49 -5.06
CA VAL A 283 -40.58 -14.06 -3.91
C VAL A 283 -40.37 -13.23 -2.63
N PHE A 284 -39.27 -12.46 -2.55
CA PHE A 284 -39.05 -11.55 -1.42
C PHE A 284 -39.59 -10.12 -1.58
N SER A 285 -40.27 -9.85 -2.68
CA SER A 285 -40.86 -8.52 -2.91
C SER A 285 -42.38 -8.56 -2.88
N GLU A 286 -42.97 -8.00 -1.85
CA GLU A 286 -44.43 -7.89 -1.76
C GLU A 286 -44.91 -7.19 -2.98
N ARG A 287 -44.18 -6.21 -3.42
CA ARG A 287 -44.67 -5.35 -4.47
C ARG A 287 -44.62 -5.99 -5.84
N HIS A 288 -43.68 -6.92 -6.10
CA HIS A 288 -43.52 -7.51 -7.43
C HIS A 288 -43.80 -9.04 -7.56
N ARG A 289 -44.01 -9.70 -6.42
CA ARG A 289 -44.18 -11.14 -6.35
C ARG A 289 -45.37 -11.69 -7.19
N TRP A 290 -46.41 -10.87 -7.40
CA TRP A 290 -47.55 -11.26 -8.26
C TRP A 290 -47.14 -11.64 -9.67
N ARG A 291 -45.99 -11.10 -10.09
CA ARG A 291 -45.43 -11.43 -11.39
C ARG A 291 -45.13 -12.93 -11.53
N LEU A 292 -44.93 -13.64 -10.40
CA LEU A 292 -44.73 -15.09 -10.45
C LEU A 292 -46.03 -15.91 -10.32
N ALA A 293 -47.21 -15.26 -10.37
CA ALA A 293 -48.47 -15.99 -10.14
C ALA A 293 -48.56 -17.22 -11.05
N GLY A 294 -48.85 -18.37 -10.45
CA GLY A 294 -48.91 -19.66 -11.12
C GLY A 294 -47.72 -20.54 -10.72
N ILE A 295 -46.68 -19.93 -10.17
CA ILE A 295 -45.46 -20.69 -9.90
C ILE A 295 -45.74 -21.68 -8.78
N GLU A 296 -46.76 -21.37 -7.96
CA GLU A 296 -47.06 -22.17 -6.75
C GLU A 296 -47.58 -23.57 -7.11
N GLN A 297 -48.00 -23.72 -8.35
CA GLN A 297 -48.49 -25.00 -8.83
C GLN A 297 -47.45 -25.85 -9.54
N ALA A 298 -46.23 -25.34 -9.68
CA ALA A 298 -45.17 -26.09 -10.34
C ALA A 298 -44.82 -27.42 -9.63
N ASP A 299 -44.45 -28.41 -10.43
CA ASP A 299 -43.86 -29.64 -9.92
C ASP A 299 -42.41 -29.38 -9.48
N SER A 300 -41.72 -28.51 -10.20
CA SER A 300 -40.38 -28.17 -9.73
C SER A 300 -40.05 -26.72 -10.09
N ILE A 301 -39.12 -26.17 -9.32
CA ILE A 301 -38.63 -24.82 -9.54
C ILE A 301 -37.10 -24.78 -9.43
N THR A 302 -36.47 -24.14 -10.39
CA THR A 302 -35.04 -23.75 -10.28
C THR A 302 -34.95 -22.30 -9.81
N PHE A 303 -34.06 -22.01 -8.85
CA PHE A 303 -33.92 -20.65 -8.33
C PHE A 303 -32.45 -20.41 -7.99
N ASN A 304 -31.89 -19.24 -8.38
CA ASN A 304 -30.42 -19.00 -8.17
C ASN A 304 -30.19 -17.74 -7.36
N PRO A 305 -30.09 -17.86 -6.01
CA PRO A 305 -29.68 -16.69 -5.21
C PRO A 305 -28.37 -16.04 -5.67
N GLN A 306 -27.50 -16.75 -6.38
CA GLN A 306 -26.25 -16.11 -6.84
C GLN A 306 -26.55 -14.98 -7.85
N TRP A 308 -29.96 -12.59 -8.34
CA TRP A 308 -30.61 -11.37 -7.78
C TRP A 308 -30.67 -11.33 -6.23
N LEU A 309 -30.13 -12.33 -5.55
CA LEU A 309 -30.02 -12.24 -4.09
C LEU A 309 -28.56 -11.98 -3.67
N TYR A 310 -27.67 -11.70 -4.63
CA TYR A 310 -26.31 -11.22 -4.36
C TYR A 310 -25.46 -12.18 -3.54
N VAL A 311 -25.74 -13.48 -3.61
CA VAL A 311 -24.90 -14.46 -2.90
C VAL A 311 -23.73 -14.81 -3.84
N ALA A 312 -22.52 -14.74 -3.35
CA ALA A 312 -21.38 -15.02 -4.20
C ALA A 312 -21.52 -16.42 -4.81
N LYS A 313 -21.15 -16.55 -6.07
CA LYS A 313 -21.30 -17.82 -6.76
C LYS A 313 -20.52 -18.92 -6.06
N THR A 314 -21.04 -20.15 -6.09
CA THR A 314 -22.29 -20.50 -6.75
C THR A 314 -23.32 -20.68 -5.67
N CYS A 315 -24.58 -20.45 -6.02
CA CYS A 315 -25.64 -20.71 -5.08
C CYS A 315 -26.94 -20.80 -5.88
N ALA A 316 -27.48 -22.03 -5.95
CA ALA A 316 -28.68 -22.30 -6.71
C ALA A 316 -29.38 -23.49 -6.07
N VAL A 318 -32.76 -26.62 -6.63
CA VAL A 318 -33.96 -27.14 -7.30
C VAL A 318 -34.92 -27.52 -6.18
N LEU A 319 -36.16 -27.04 -6.30
CA LEU A 319 -37.22 -27.31 -5.33
C LEU A 319 -38.27 -28.19 -5.96
N PHE A 320 -38.80 -29.16 -5.21
CA PHE A 320 -39.87 -30.03 -5.74
C PHE A 320 -41.11 -29.85 -4.90
N ARG A 321 -42.30 -29.83 -5.50
CA ARG A 321 -43.52 -29.70 -4.67
C ARG A 321 -43.72 -30.92 -3.80
N ASP A 322 -43.26 -32.07 -4.25
CA ASP A 322 -43.22 -33.26 -3.41
C ASP A 322 -41.78 -33.79 -3.30
N ALA A 323 -41.12 -33.53 -2.19
CA ALA A 323 -39.69 -33.79 -2.10
C ALA A 323 -39.46 -35.30 -2.05
N GLY A 324 -40.52 -36.02 -1.73
CA GLY A 324 -40.49 -37.49 -1.75
C GLY A 324 -40.22 -38.06 -3.13
N VAL A 325 -40.43 -37.29 -4.18
CA VAL A 325 -40.18 -37.74 -5.53
C VAL A 325 -38.71 -38.14 -5.74
N LEU A 326 -37.82 -37.45 -5.04
CA LEU A 326 -36.39 -37.71 -5.05
C LEU A 326 -36.03 -39.10 -4.53
N GLU A 327 -36.73 -39.55 -3.50
CA GLU A 327 -36.60 -40.93 -3.04
C GLU A 327 -37.16 -41.93 -4.05
N ARG A 328 -38.31 -41.62 -4.60
CA ARG A 328 -38.98 -42.43 -5.61
C ARG A 328 -38.42 -42.52 -7.02
N ALA A 329 -37.93 -41.40 -7.52
CA ALA A 329 -37.59 -41.27 -8.91
C ALA A 329 -36.23 -40.64 -9.19
N PHE A 330 -35.32 -40.73 -8.24
CA PHE A 330 -33.98 -40.19 -8.44
C PHE A 330 -32.90 -41.02 -7.76
N ARG A 331 -33.10 -41.23 -6.47
CA ARG A 331 -32.13 -41.88 -5.63
C ARG A 331 -31.93 -43.29 -6.17
N ILE A 332 -30.68 -43.71 -6.22
CA ILE A 332 -30.31 -45.01 -6.74
C ILE A 332 -30.66 -46.08 -5.72
N PRO A 333 -31.06 -47.31 -6.26
CA PRO A 333 -31.34 -48.32 -5.24
C PRO A 333 -30.06 -48.64 -4.46
N ALA A 334 -30.16 -48.95 -3.18
CA ALA A 334 -28.97 -48.98 -2.33
C ALA A 334 -29.22 -49.70 -0.99
N TYR A 336 -20.79 -45.38 2.10
CA TYR A 336 -19.44 -45.23 2.60
C TYR A 336 -19.40 -44.77 4.05
N ARG A 338 -21.39 -44.91 8.13
CA ARG A 338 -22.20 -45.54 9.15
C ARG A 338 -23.65 -45.03 9.05
N ASP A 341 -30.00 -41.85 11.93
CA ASP A 341 -31.25 -41.15 12.25
C ASP A 341 -32.33 -41.69 11.33
N GLY A 342 -32.02 -41.74 10.04
CA GLY A 342 -32.98 -42.08 9.00
C GLY A 342 -33.00 -40.94 8.00
N PHE A 343 -32.48 -39.79 8.43
CA PHE A 343 -32.27 -38.59 7.56
C PHE A 343 -31.59 -39.01 6.27
N ILE A 344 -31.93 -38.36 5.16
CA ILE A 344 -31.33 -38.80 3.91
C ILE A 344 -30.07 -37.98 3.58
N ASN A 345 -28.97 -38.69 3.40
CA ASN A 345 -27.71 -38.04 3.03
C ASN A 345 -27.96 -37.27 1.74
N LEU A 346 -27.60 -35.99 1.67
CA LEU A 346 -28.02 -35.18 0.55
C LEU A 346 -27.39 -35.64 -0.75
N GLY A 347 -26.19 -36.22 -0.67
CA GLY A 347 -25.53 -36.72 -1.86
C GLY A 347 -26.37 -37.75 -2.59
N GLU A 348 -27.25 -38.47 -1.88
CA GLU A 348 -28.03 -39.52 -2.56
C GLU A 348 -29.17 -38.91 -3.38
N ILE A 349 -29.51 -37.65 -3.12
CA ILE A 349 -30.64 -37.03 -3.83
C ILE A 349 -30.28 -35.76 -4.57
N GLY A 350 -29.01 -35.64 -4.97
CA GLY A 350 -28.62 -34.57 -5.87
C GLY A 350 -27.79 -35.12 -7.02
N VAL A 351 -27.56 -34.30 -8.02
CA VAL A 351 -26.63 -34.69 -9.07
C VAL A 351 -25.19 -34.85 -8.51
N GLN A 352 -24.75 -33.87 -7.73
CA GLN A 352 -23.41 -33.94 -7.12
C GLN A 352 -23.47 -34.93 -5.98
N GLY A 353 -22.30 -35.44 -5.62
CA GLY A 353 -22.08 -36.15 -4.36
C GLY A 353 -21.42 -35.15 -3.41
N THR A 354 -20.09 -35.09 -3.43
CA THR A 354 -19.43 -34.03 -2.64
C THR A 354 -19.87 -32.68 -3.11
N ARG A 355 -20.15 -31.81 -2.16
CA ARG A 355 -20.60 -30.49 -2.46
C ARG A 355 -20.09 -29.54 -1.37
N HIS A 356 -19.72 -28.34 -1.78
CA HIS A 356 -19.32 -27.25 -0.90
C HIS A 356 -20.54 -26.77 -0.10
N ALA A 357 -20.34 -26.32 1.13
CA ALA A 357 -21.45 -25.90 1.97
C ALA A 357 -21.87 -24.48 1.63
N ASP A 358 -22.56 -24.35 0.51
CA ASP A 358 -23.11 -23.09 0.04
C ASP A 358 -24.17 -22.55 0.99
N VAL A 359 -24.71 -23.43 1.80
CA VAL A 359 -25.75 -23.04 2.72
C VAL A 359 -25.26 -21.98 3.71
N VAL A 360 -23.99 -22.00 4.04
CA VAL A 360 -23.47 -21.01 4.95
C VAL A 360 -23.54 -19.56 4.43
N LYS A 361 -23.05 -19.27 3.24
CA LYS A 361 -23.23 -17.92 2.70
C LYS A 361 -24.69 -17.60 2.39
N LEU A 362 -25.47 -18.61 2.04
CA LEU A 362 -26.87 -18.31 1.75
C LEU A 362 -27.60 -17.89 3.03
N TRP A 363 -27.47 -18.68 4.09
CA TRP A 363 -28.19 -18.40 5.33
C TRP A 363 -27.69 -17.10 5.98
N LEU A 364 -26.38 -16.87 6.01
CA LEU A 364 -25.85 -15.62 6.57
C LEU A 364 -26.31 -14.45 5.75
N THR A 365 -26.32 -14.57 4.44
CA THR A 365 -26.78 -13.46 3.62
C THR A 365 -28.26 -13.12 3.77
N LEU A 366 -29.11 -14.12 3.70
CA LEU A 366 -30.55 -13.94 3.93
C LEU A 366 -30.81 -13.26 5.29
N GLN A 367 -30.09 -13.66 6.30
CA GLN A 367 -30.37 -13.05 7.61
C GLN A 367 -29.91 -11.58 7.64
N HIS A 368 -28.77 -11.31 7.02
CA HIS A 368 -28.24 -9.95 7.16
C HIS A 368 -29.02 -9.00 6.28
N ILE A 369 -29.45 -9.44 5.10
CA ILE A 369 -30.21 -8.52 4.27
C ILE A 369 -31.70 -8.54 4.66
N GLY A 370 -32.25 -9.71 4.91
CA GLY A 370 -33.67 -9.81 5.30
C GLY A 370 -34.60 -9.64 4.12
N GLN A 371 -35.86 -10.07 4.25
CA GLN A 371 -36.84 -9.88 3.17
C GLN A 371 -37.05 -8.39 2.79
N GLN A 372 -37.09 -7.52 3.77
CA GLN A 372 -37.23 -6.08 3.53
C GLN A 372 -36.06 -5.49 2.76
N GLY A 373 -34.83 -5.96 3.05
CA GLY A 373 -33.67 -5.47 2.30
C GLY A 373 -33.76 -5.87 0.83
N TYR A 374 -34.11 -7.13 0.58
CA TYR A 374 -34.27 -7.57 -0.80
C TYR A 374 -35.37 -6.83 -1.53
N ALA A 375 -36.48 -6.59 -0.83
CA ALA A 375 -37.59 -5.88 -1.50
C ALA A 375 -37.11 -4.49 -1.93
N ARG A 376 -36.29 -3.87 -1.07
CA ARG A 376 -35.75 -2.54 -1.40
C ARG A 376 -34.75 -2.62 -2.56
N LEU A 377 -33.86 -3.62 -2.50
CA LEU A 377 -32.92 -3.80 -3.61
C LEU A 377 -33.64 -4.02 -4.93
N ILE A 378 -34.69 -4.83 -4.89
CA ILE A 378 -35.42 -5.14 -6.12
C ILE A 378 -36.09 -3.89 -6.72
N ASP A 379 -36.77 -3.13 -5.85
CA ASP A 379 -37.35 -1.84 -6.24
C ASP A 379 -36.37 -0.92 -6.94
N ASP A 380 -35.22 -0.76 -6.34
CA ASP A 380 -34.26 0.12 -6.97
C ASP A 380 -33.80 -0.38 -8.34
N GLY A 381 -33.75 -1.71 -8.50
CA GLY A 381 -33.43 -2.28 -9.79
C GLY A 381 -34.47 -1.95 -10.83
N TYR A 382 -35.76 -2.13 -10.50
CA TYR A 382 -36.85 -1.74 -11.40
C TYR A 382 -36.79 -0.24 -11.75
N ARG A 383 -36.51 0.58 -10.75
CA ARG A 383 -36.36 2.05 -11.01
C ARG A 383 -35.27 2.40 -12.03
N LEU A 384 -34.07 1.80 -11.90
CA LEU A 384 -33.01 2.01 -12.88
C LEU A 384 -33.45 1.47 -14.24
N ALA A 385 -34.01 0.24 -14.28
CA ALA A 385 -34.46 -0.30 -15.55
C ALA A 385 -35.47 0.66 -16.20
N GLU A 386 -36.43 1.16 -15.43
CA GLU A 386 -37.41 2.05 -16.01
C GLU A 386 -36.75 3.32 -16.53
N ARG A 387 -35.66 3.75 -15.87
CA ARG A 387 -34.96 4.94 -16.38
C ARG A 387 -34.32 4.62 -17.73
N VAL A 388 -33.76 3.41 -17.88
CA VAL A 388 -33.24 3.02 -19.18
C VAL A 388 -34.36 2.98 -20.24
N VAL A 389 -35.51 2.40 -19.89
CA VAL A 389 -36.66 2.31 -20.83
C VAL A 389 -37.10 3.72 -21.25
N GLU A 390 -37.12 4.63 -20.29
CA GLU A 390 -37.51 6.01 -20.64
C GLU A 390 -36.51 6.65 -21.61
N GLY A 391 -35.21 6.45 -21.38
CA GLY A 391 -34.17 6.99 -22.23
C GLY A 391 -34.30 6.47 -23.65
N VAL A 392 -34.60 5.19 -23.79
CA VAL A 392 -34.80 4.58 -25.10
C VAL A 392 -36.02 5.16 -25.82
N ARG A 393 -37.12 5.33 -25.11
CA ARG A 393 -38.38 5.86 -25.64
C ARG A 393 -38.18 7.25 -26.26
N GLN A 394 -37.33 8.05 -25.64
CA GLN A 394 -37.04 9.40 -26.13
C GLN A 394 -36.14 9.43 -27.37
N ARG A 395 -35.42 8.36 -27.67
CA ARG A 395 -34.49 8.37 -28.79
C ARG A 395 -34.99 7.52 -29.97
N PRO A 396 -35.42 8.15 -31.06
CA PRO A 396 -36.04 7.40 -32.17
C PRO A 396 -35.09 6.43 -32.87
N PHE A 397 -33.78 6.60 -32.71
CA PHE A 397 -32.78 5.69 -33.27
C PHE A 397 -32.47 4.44 -32.39
N LEU A 398 -33.08 4.38 -31.21
CA LEU A 398 -32.97 3.22 -30.30
C LEU A 398 -34.25 2.42 -30.26
N ARG A 399 -34.17 1.10 -30.34
CA ARG A 399 -35.35 0.27 -30.20
C ARG A 399 -35.34 -0.61 -28.96
N LEU A 400 -36.43 -0.66 -28.20
CA LEU A 400 -36.58 -1.59 -27.08
C LEU A 400 -36.81 -2.99 -27.61
N ALA A 401 -36.21 -4.03 -27.01
CA ALA A 401 -36.57 -5.37 -27.46
C ALA A 401 -38.06 -5.65 -27.18
N GLY A 402 -38.61 -5.04 -26.13
CA GLY A 402 -39.99 -5.31 -25.77
C GLY A 402 -40.27 -4.82 -24.36
N GLU A 403 -41.45 -5.11 -23.84
CA GLU A 403 -41.81 -4.72 -22.49
C GLU A 403 -40.86 -5.41 -21.52
N ILE A 404 -40.51 -4.76 -20.43
CA ILE A 404 -39.71 -5.40 -19.41
C ILE A 404 -40.55 -6.00 -18.28
N ASP A 405 -40.11 -7.15 -17.77
CA ASP A 405 -40.67 -7.75 -16.58
C ASP A 405 -39.80 -7.69 -15.32
N THR A 406 -38.51 -7.51 -15.50
CA THR A 406 -37.56 -7.50 -14.40
C THR A 406 -36.60 -6.33 -14.61
N ASN A 407 -35.55 -6.26 -13.81
CA ASN A 407 -34.58 -5.18 -13.92
C ASN A 407 -33.57 -5.34 -15.06
N ILE A 408 -34.03 -5.90 -16.14
CA ILE A 408 -33.23 -6.10 -17.32
C ILE A 408 -33.81 -5.41 -18.55
N VAL A 409 -32.95 -4.71 -19.26
CA VAL A 409 -33.39 -4.03 -20.45
C VAL A 409 -32.53 -4.33 -21.67
N CYS A 410 -33.12 -4.96 -22.66
CA CYS A 410 -32.43 -5.21 -23.89
C CYS A 410 -32.95 -4.23 -24.97
N PHE A 411 -32.02 -3.57 -25.62
CA PHE A 411 -32.29 -2.55 -26.61
C PHE A 411 -31.15 -2.40 -27.61
N ARG A 412 -31.41 -1.78 -28.75
CA ARG A 412 -30.37 -1.54 -29.72
C ARG A 412 -30.59 -0.33 -30.62
N GLY A 413 -29.51 0.16 -31.18
CA GLY A 413 -29.56 1.13 -32.23
C GLY A 413 -30.07 0.53 -33.52
N GLU A 414 -31.07 1.14 -34.10
CA GLU A 414 -31.48 0.87 -35.45
C GLU A 414 -31.57 2.19 -36.20
N PRO A 415 -30.46 2.88 -36.39
CA PRO A 415 -30.52 4.23 -36.98
C PRO A 415 -30.96 4.20 -38.44
N ASP A 416 -31.95 5.04 -38.79
CA ASP A 416 -32.50 5.10 -40.15
C ASP A 416 -31.46 5.50 -41.20
N TRP A 417 -30.42 6.22 -40.78
CA TRP A 417 -29.42 6.76 -41.69
C TRP A 417 -28.31 5.78 -42.01
N LEU A 418 -28.49 4.53 -41.60
CA LEU A 418 -27.57 3.46 -41.93
C LEU A 418 -28.35 2.26 -42.37
N PRO A 419 -27.77 1.46 -43.27
CA PRO A 419 -28.53 0.32 -43.75
C PRO A 419 -28.56 -0.76 -42.68
N ALA A 420 -29.65 -1.52 -42.63
CA ALA A 420 -29.85 -2.53 -41.60
C ALA A 420 -28.67 -3.49 -41.49
N GLU A 421 -27.97 -3.70 -42.60
CA GLU A 421 -26.83 -4.61 -42.64
C GLU A 421 -25.68 -4.12 -41.75
N ARG A 422 -25.65 -2.83 -41.47
CA ARG A 422 -24.57 -2.27 -40.66
C ARG A 422 -24.92 -2.02 -39.17
N TRP A 423 -26.15 -2.30 -38.79
CA TRP A 423 -26.60 -2.13 -37.41
C TRP A 423 -25.76 -2.94 -36.40
N ASP A 424 -25.53 -4.22 -36.67
CA ASP A 424 -24.66 -5.03 -35.80
C ASP A 424 -23.32 -4.35 -35.49
N ASP A 425 -22.67 -3.76 -36.49
CA ASP A 425 -21.35 -3.19 -36.21
C ASP A 425 -21.48 -1.87 -35.48
N TRP A 426 -22.58 -1.19 -35.74
CA TRP A 426 -22.88 0.06 -35.07
C TRP A 426 -23.03 -0.16 -33.55
N ASN A 427 -23.73 -1.23 -33.20
CA ASN A 427 -24.02 -1.54 -31.80
C ASN A 427 -22.77 -2.10 -31.10
N ALA A 428 -21.98 -2.93 -31.81
CA ALA A 428 -20.70 -3.38 -31.26
C ALA A 428 -19.80 -2.19 -30.97
N ALA A 429 -19.76 -1.24 -31.90
CA ALA A 429 -18.84 -0.12 -31.71
C ALA A 429 -19.32 0.79 -30.57
N LEU A 430 -20.63 0.89 -30.39
CA LEU A 430 -21.17 1.69 -29.29
C LEU A 430 -20.84 1.02 -27.96
N GLN A 431 -20.98 -0.31 -27.92
CA GLN A 431 -20.64 -1.05 -26.72
C GLN A 431 -19.17 -0.91 -26.35
N ALA A 432 -18.29 -0.96 -27.36
CA ALA A 432 -16.86 -0.78 -27.12
C ALA A 432 -16.59 0.62 -26.58
N LEU A 433 -17.30 1.60 -27.12
CA LEU A 433 -17.11 3.00 -26.76
C LEU A 433 -17.55 3.27 -25.32
N LEU A 434 -18.74 2.78 -24.98
CA LEU A 434 -19.28 2.95 -23.63
C LEU A 434 -18.29 2.36 -22.65
N LEU A 435 -17.74 1.22 -23.02
CA LEU A 435 -16.75 0.60 -22.15
C LEU A 435 -15.42 1.43 -22.10
N ARG A 436 -14.88 1.82 -23.25
CA ARG A 436 -13.53 2.39 -23.19
C ARG A 436 -13.55 3.82 -22.70
N GLU A 437 -14.50 4.61 -23.17
CA GLU A 437 -14.62 6.02 -22.81
C GLU A 437 -15.50 6.27 -21.58
N GLY A 438 -16.61 5.53 -21.49
CA GLY A 438 -17.57 5.72 -20.40
C GLY A 438 -17.28 4.92 -19.12
N LYS A 439 -16.47 3.90 -19.24
CA LYS A 439 -16.24 2.96 -18.17
C LYS A 439 -17.58 2.34 -17.74
N ILE A 440 -18.43 2.08 -18.71
CA ILE A 440 -19.75 1.49 -18.51
C ILE A 440 -19.83 0.20 -19.31
N PHE A 441 -20.16 -0.92 -18.66
CA PHE A 441 -20.25 -2.20 -19.37
C PHE A 441 -21.69 -2.67 -19.62
N LEU A 442 -22.05 -2.75 -20.91
CA LEU A 442 -23.28 -3.42 -21.36
C LEU A 442 -22.90 -4.73 -22.09
N SER A 443 -23.70 -5.78 -21.98
CA SER A 443 -23.34 -6.97 -22.73
C SER A 443 -23.97 -6.82 -24.11
N LEU A 444 -23.57 -7.68 -25.02
CA LEU A 444 -24.02 -7.60 -26.42
C LEU A 444 -24.40 -8.99 -26.94
N PRO A 445 -25.48 -9.59 -26.41
CA PRO A 445 -25.95 -10.91 -26.85
C PRO A 445 -26.41 -10.85 -28.32
N VAL A 446 -26.42 -12.01 -28.99
CA VAL A 446 -27.18 -12.21 -30.20
C VAL A 446 -28.63 -12.49 -29.84
N TYR A 447 -29.55 -11.73 -30.41
CA TYR A 447 -30.98 -11.93 -30.14
C TYR A 447 -31.74 -11.62 -31.42
N ARG A 448 -32.67 -12.50 -31.78
CA ARG A 448 -33.44 -12.32 -33.01
C ARG A 448 -32.52 -12.11 -34.19
N GLY A 449 -31.48 -12.93 -34.26
CA GLY A 449 -30.52 -12.84 -35.33
C GLY A 449 -29.75 -11.54 -35.39
N GLY A 450 -29.79 -10.74 -34.32
CA GLY A 450 -29.08 -9.48 -34.34
C GLY A 450 -28.18 -9.31 -33.12
N ARG A 451 -27.32 -8.29 -33.11
CA ARG A 451 -26.57 -7.96 -31.91
C ARG A 451 -27.35 -6.86 -31.13
N TRP A 452 -27.69 -7.12 -29.88
CA TRP A 452 -28.43 -6.14 -29.06
C TRP A 452 -27.63 -5.76 -27.82
N LEU A 453 -27.81 -4.54 -27.34
CA LEU A 453 -27.22 -4.14 -26.08
C LEU A 453 -28.08 -4.66 -24.96
N ARG A 454 -27.49 -4.91 -23.80
CA ARG A 454 -28.26 -5.52 -22.71
C ARG A 454 -27.81 -4.95 -21.37
N ALA A 455 -28.74 -4.35 -20.64
CA ALA A 455 -28.45 -3.78 -19.34
C ALA A 455 -29.09 -4.63 -18.26
N VAL A 456 -28.32 -4.97 -17.24
CA VAL A 456 -28.86 -5.75 -16.14
C VAL A 456 -28.58 -4.88 -14.94
N LEU A 457 -29.62 -4.26 -14.37
CA LEU A 457 -29.40 -3.17 -13.42
C LEU A 457 -29.32 -3.70 -11.98
N LEU A 458 -28.17 -4.26 -11.59
CA LEU A 458 -28.03 -5.07 -10.37
C LEU A 458 -27.21 -4.45 -9.25
N ASN A 459 -26.12 -3.79 -9.64
CA ASN A 459 -25.24 -3.19 -8.67
C ASN A 459 -26.03 -2.18 -7.80
N PRO A 460 -26.02 -2.36 -6.48
CA PRO A 460 -26.69 -1.45 -5.55
C PRO A 460 -26.16 -0.03 -5.68
N TYR A 461 -24.96 0.11 -6.26
CA TYR A 461 -24.29 1.42 -6.35
C TYR A 461 -24.40 2.03 -7.72
N THR A 462 -25.10 1.37 -8.65
CA THR A 462 -25.38 2.05 -9.91
C THR A 462 -26.45 3.14 -9.62
N THR A 463 -26.24 4.34 -10.13
CA THR A 463 -27.18 5.48 -9.87
C THR A 463 -27.84 6.01 -11.15
N ASP A 464 -28.83 6.91 -11.00
CA ASP A 464 -29.35 7.62 -12.17
C ASP A 464 -28.22 8.29 -12.95
N ALA A 465 -27.20 8.77 -12.25
CA ALA A 465 -26.15 9.49 -12.94
C ALA A 465 -25.34 8.60 -13.91
N VAL A 466 -25.22 7.32 -13.56
CA VAL A 466 -24.54 6.38 -14.45
C VAL A 466 -25.38 6.18 -15.71
N ILE A 467 -26.69 6.04 -15.53
CA ILE A 467 -27.56 5.88 -16.68
C ILE A 467 -27.51 7.14 -17.56
N ASP A 468 -27.60 8.29 -16.91
CA ASP A 468 -27.50 9.57 -17.64
C ASP A 468 -26.22 9.65 -18.46
N ALA A 469 -25.08 9.28 -17.85
CA ALA A 469 -23.86 9.31 -18.60
C ALA A 469 -23.90 8.34 -19.80
N PHE A 471 -26.36 7.51 -21.62
CA PHE A 471 -27.18 8.09 -22.69
C PHE A 471 -26.48 9.30 -23.34
N LYS A 472 -25.64 9.97 -22.59
CA LYS A 472 -24.91 11.09 -23.17
C LYS A 472 -23.82 10.56 -24.12
N GLN A 473 -23.12 9.50 -23.72
CA GLN A 473 -22.21 8.86 -24.66
C GLN A 473 -22.90 8.27 -25.91
N ILE A 474 -24.07 7.64 -25.75
CA ILE A 474 -24.86 7.17 -26.89
C ILE A 474 -25.25 8.33 -27.84
N ASP A 475 -25.66 9.46 -27.26
CA ASP A 475 -26.03 10.63 -28.05
C ASP A 475 -24.86 11.17 -28.87
N ARG A 476 -23.71 11.32 -28.21
CA ARG A 476 -22.51 11.77 -28.86
C ARG A 476 -22.10 10.81 -29.98
N PHE A 477 -22.30 9.51 -29.77
CA PHE A 477 -21.93 8.52 -30.77
C PHE A 477 -22.87 8.55 -31.98
N ALA A 478 -24.13 8.83 -31.71
CA ALA A 478 -25.13 8.88 -32.74
C ALA A 478 -25.14 10.25 -33.43
N GLY A 479 -24.21 11.13 -33.07
CA GLY A 479 -24.15 12.45 -33.67
C GLY A 479 -22.82 12.76 -34.37
N ASN B 2 -28.84 4.22 -3.43
CA ASN B 2 -30.21 4.47 -3.04
C ASN B 2 -30.64 3.44 -2.00
N ALA B 3 -30.53 2.15 -2.32
CA ALA B 3 -30.84 1.10 -1.34
C ALA B 3 -29.98 1.21 -0.06
N ASP B 5 -28.50 3.75 1.32
CA ASP B 5 -28.77 4.91 2.15
C ASP B 5 -30.04 4.63 2.93
N SER B 6 -30.74 3.56 2.57
CA SER B 6 -32.10 3.48 3.06
C SER B 6 -32.12 2.85 4.45
N ARG B 7 -33.24 3.01 5.13
CA ARG B 7 -33.35 2.37 6.43
C ARG B 7 -33.68 0.89 6.27
N PHE B 8 -33.76 0.36 5.05
CA PHE B 8 -34.10 -1.06 4.89
C PHE B 8 -32.92 -2.00 4.62
N LEU B 9 -31.71 -1.44 4.57
N LEU B 9 -31.72 -1.45 4.53
CA LEU B 9 -30.50 -2.25 4.45
CA LEU B 9 -30.50 -2.26 4.44
C LEU B 9 -29.51 -1.92 5.55
C LEU B 9 -29.54 -1.95 5.57
N PRO B 10 -28.82 -2.95 6.08
CA PRO B 10 -27.76 -2.65 7.05
C PRO B 10 -26.61 -1.93 6.34
N ALA B 11 -25.94 -1.00 7.03
CA ALA B 11 -24.85 -0.22 6.42
C ALA B 11 -23.67 -1.05 5.86
N THR B 12 -23.54 -2.29 6.28
CA THR B 12 -22.46 -3.19 5.82
C THR B 12 -22.95 -4.31 4.92
N ALA B 13 -24.14 -4.18 4.34
CA ALA B 13 -24.75 -5.26 3.51
C ALA B 13 -23.82 -5.55 2.30
N PHE B 14 -23.16 -4.51 1.83
CA PHE B 14 -22.25 -4.57 0.70
C PHE B 14 -21.04 -3.73 1.03
N ILE B 15 -19.97 -3.93 0.27
CA ILE B 15 -18.79 -3.09 0.50
C ILE B 15 -18.86 -1.92 -0.48
N ASP B 16 -18.94 -0.73 0.06
CA ASP B 16 -19.08 0.47 -0.76
C ASP B 16 -17.84 0.59 -1.63
N PRO B 17 -18.02 0.77 -2.96
CA PRO B 17 -16.82 0.67 -3.79
C PRO B 17 -16.02 1.99 -3.79
N GLU B 18 -16.49 2.98 -3.05
CA GLU B 18 -15.69 4.20 -2.89
C GLU B 18 -15.30 4.38 -1.46
N GLY B 19 -15.38 3.32 -0.69
CA GLY B 19 -14.78 3.34 0.63
C GLY B 19 -15.61 3.98 1.70
N ARG B 20 -16.83 4.44 1.38
CA ARG B 20 -17.65 5.14 2.39
C ARG B 20 -18.00 4.31 3.62
N ASN B 21 -18.06 2.98 3.53
CA ASN B 21 -18.34 2.22 4.76
C ASN B 21 -17.18 1.35 5.20
N ARG B 22 -15.98 1.73 4.77
CA ARG B 22 -14.78 0.93 5.00
C ARG B 22 -14.61 0.55 6.49
N ASN B 23 -14.80 1.51 7.38
CA ASN B 23 -14.52 1.24 8.80
C ASN B 23 -15.47 0.21 9.38
N GLU B 24 -16.75 0.36 9.06
CA GLU B 24 -17.77 -0.56 9.52
C GLU B 24 -17.51 -1.95 8.92
N VAL B 25 -17.23 -1.99 7.63
CA VAL B 25 -16.97 -3.26 6.92
C VAL B 25 -15.72 -3.92 7.49
N GLU B 26 -14.66 -3.14 7.73
CA GLU B 26 -13.41 -3.71 8.28
C GLU B 26 -13.64 -4.34 9.67
N ARG B 27 -14.45 -3.69 10.49
CA ARG B 27 -14.68 -4.25 11.83
C ARG B 27 -15.53 -5.55 11.80
N LEU B 28 -16.49 -5.60 10.91
CA LEU B 28 -17.29 -6.82 10.77
C LEU B 28 -16.41 -7.98 10.28
N VAL B 29 -15.68 -7.75 9.21
CA VAL B 29 -14.76 -8.74 8.70
C VAL B 29 -13.78 -9.19 9.75
N GLN B 30 -13.25 -8.27 10.56
CA GLN B 30 -12.23 -8.68 11.54
C GLN B 30 -12.83 -9.58 12.60
N GLN B 31 -14.06 -9.30 12.99
CA GLN B 31 -14.70 -10.15 13.97
C GLN B 31 -14.87 -11.56 13.44
N VAL B 32 -15.24 -11.68 12.17
CA VAL B 32 -15.37 -13.04 11.64
C VAL B 32 -13.98 -13.70 11.47
N VAL B 33 -13.03 -12.98 10.92
CA VAL B 33 -11.66 -13.54 10.82
C VAL B 33 -11.12 -13.99 12.18
N ASP B 34 -11.28 -13.17 13.21
CA ASP B 34 -10.79 -13.51 14.56
C ASP B 34 -11.45 -14.77 15.12
N LEU B 35 -12.75 -14.87 14.94
CA LEU B 35 -13.49 -16.02 15.41
C LEU B 35 -13.00 -17.31 14.68
N ILE B 36 -12.86 -17.23 13.37
CA ILE B 36 -12.39 -18.39 12.60
C ILE B 36 -10.96 -18.74 12.95
N LEU B 37 -10.06 -17.76 13.05
CA LEU B 37 -8.67 -18.11 13.39
C LEU B 37 -8.64 -18.79 14.75
N ALA B 38 -9.51 -18.36 15.64
CA ALA B 38 -9.54 -18.88 17.01
C ALA B 38 -9.99 -20.34 16.98
N LYS B 39 -11.04 -20.63 16.22
CA LYS B 39 -11.54 -21.99 16.11
C LYS B 39 -10.52 -22.92 15.43
N LEU B 40 -9.78 -22.39 14.47
CA LEU B 40 -8.86 -23.28 13.76
C LEU B 40 -7.51 -23.47 14.49
N THR B 41 -6.95 -22.38 15.04
CA THR B 41 -5.68 -22.51 15.77
C THR B 41 -5.97 -23.22 17.08
N GLY B 42 -7.25 -23.25 17.44
CA GLY B 42 -7.71 -24.02 18.59
C GLY B 42 -8.45 -25.32 18.25
N ALA B 43 -8.23 -25.88 17.04
CA ALA B 43 -9.12 -26.96 16.56
C ALA B 43 -9.09 -28.23 17.41
N ALA B 44 -7.92 -28.56 18.01
CA ALA B 44 -7.77 -29.77 18.82
C ALA B 44 -8.62 -29.75 20.10
N GLU B 45 -9.13 -28.59 20.47
CA GLU B 45 -10.02 -28.44 21.63
C GLU B 45 -11.45 -28.90 21.32
N ARG B 46 -11.78 -28.99 20.04
CA ARG B 46 -13.07 -29.51 19.65
C ARG B 46 -12.90 -30.97 19.20
N PRO B 47 -13.84 -31.83 19.60
CA PRO B 47 -13.66 -33.25 19.25
C PRO B 47 -13.80 -33.43 17.72
N PRO B 48 -13.43 -34.59 17.19
CA PRO B 48 -13.56 -34.82 15.75
C PRO B 48 -15.00 -34.74 15.23
N PRO B 50 -19.08 -33.49 16.33
CA PRO B 50 -19.77 -32.65 17.32
C PRO B 50 -20.65 -33.48 18.23
N GLU B 51 -20.84 -33.02 19.45
CA GLU B 51 -21.79 -33.61 20.38
C GLU B 51 -23.19 -33.37 19.86
N THR B 52 -24.05 -34.35 20.08
CA THR B 52 -25.42 -34.29 19.62
C THR B 52 -26.16 -33.17 20.31
N VAL B 53 -27.04 -32.53 19.56
CA VAL B 53 -27.90 -31.50 20.09
C VAL B 53 -29.34 -32.00 20.02
N LEU B 55 -31.31 -30.81 18.28
CA LEU B 55 -32.08 -31.01 17.05
C LEU B 55 -32.82 -29.74 16.65
N PRO B 56 -32.80 -29.38 15.38
CA PRO B 56 -33.22 -28.04 14.99
C PRO B 56 -34.66 -27.91 14.51
N GLY B 57 -35.23 -26.76 14.83
CA GLY B 57 -36.60 -26.41 14.50
C GLY B 57 -36.76 -25.83 13.12
N PRO B 58 -37.99 -25.57 12.70
CA PRO B 58 -38.20 -24.94 11.39
C PRO B 58 -37.56 -23.56 11.33
N ILE B 59 -37.01 -23.22 10.17
CA ILE B 59 -36.26 -21.99 9.92
C ILE B 59 -37.17 -20.90 9.37
N THR B 60 -36.93 -19.67 9.78
CA THR B 60 -37.64 -18.55 9.19
C THR B 60 -36.67 -17.51 8.66
N ILE B 61 -36.94 -17.00 7.46
CA ILE B 61 -36.12 -15.97 6.87
C ILE B 61 -36.62 -14.63 7.39
N PRO B 62 -35.81 -13.88 8.10
CA PRO B 62 -36.32 -12.68 8.75
C PRO B 62 -36.80 -11.57 7.82
N GLU B 63 -37.75 -10.78 8.28
CA GLU B 63 -38.20 -9.59 7.58
C GLU B 63 -37.12 -8.53 7.62
N ALA B 64 -36.64 -8.25 8.84
CA ALA B 64 -35.66 -7.18 9.08
C ALA B 64 -34.27 -7.79 9.20
N ALA B 65 -33.26 -6.97 8.94
CA ALA B 65 -31.87 -7.38 8.98
C ALA B 65 -31.51 -7.89 10.38
N ALA B 66 -30.78 -9.00 10.45
CA ALA B 66 -30.24 -9.53 11.70
C ALA B 66 -29.12 -8.64 12.20
N THR B 67 -28.90 -8.65 13.52
CA THR B 67 -27.81 -7.90 14.09
C THR B 67 -26.49 -8.62 13.87
N GLU B 68 -25.40 -7.86 13.87
CA GLU B 68 -24.08 -8.46 13.79
C GLU B 68 -23.89 -9.50 14.90
N ALA B 69 -24.48 -9.24 16.06
CA ALA B 69 -24.40 -10.17 17.17
C ALA B 69 -25.01 -11.53 16.83
N THR B 70 -26.22 -11.49 16.26
CA THR B 70 -26.94 -12.70 15.90
C THR B 70 -26.10 -13.45 14.86
N LEU B 71 -25.51 -12.70 13.93
CA LEU B 71 -24.77 -13.34 12.83
C LEU B 71 -23.50 -14.00 13.36
N LEU B 72 -22.78 -13.27 14.18
CA LEU B 72 -21.62 -13.88 14.80
C LEU B 72 -22.01 -15.09 15.65
N GLN B 73 -23.18 -15.05 16.30
CA GLN B 73 -23.54 -16.22 17.13
C GLN B 73 -23.86 -17.37 16.20
N ALA B 74 -24.48 -17.08 15.06
CA ALA B 74 -24.80 -18.12 14.10
C ALA B 74 -23.54 -18.80 13.57
N ILE B 75 -22.50 -18.02 13.33
CA ILE B 75 -21.29 -18.62 12.80
C ILE B 75 -20.69 -19.52 13.88
N ARG B 76 -20.71 -19.00 15.11
N ARG B 76 -20.77 -19.03 15.11
CA ARG B 76 -20.17 -19.74 16.25
CA ARG B 76 -20.22 -19.73 16.26
C ARG B 76 -20.87 -21.10 16.41
C ARG B 76 -20.88 -21.08 16.47
N ASP B 77 -22.19 -21.11 16.32
CA ASP B 77 -22.95 -22.35 16.47
C ASP B 77 -22.69 -23.27 15.30
N VAL B 79 -19.95 -23.45 13.36
CA VAL B 79 -18.61 -24.06 13.52
C VAL B 79 -18.64 -25.15 14.62
N ASP B 80 -19.25 -24.85 15.77
CA ASP B 80 -19.25 -25.83 16.89
C ASP B 80 -20.02 -27.10 16.56
N GLY B 81 -21.00 -26.99 15.65
CA GLY B 81 -21.76 -28.14 15.25
C GLY B 81 -21.22 -28.90 14.04
N SER B 82 -20.04 -28.53 13.54
N SER B 82 -20.05 -28.54 13.52
CA SER B 82 -19.50 -29.10 12.31
CA SER B 82 -19.55 -29.12 12.28
C SER B 82 -18.55 -30.27 12.59
C SER B 82 -18.53 -30.24 12.57
N ASN B 84 -14.99 -31.92 12.44
CA ASN B 84 -13.74 -31.20 12.66
C ASN B 84 -12.54 -32.03 12.18
N PRO B 85 -12.30 -32.08 10.85
CA PRO B 85 -11.14 -32.88 10.38
C PRO B 85 -9.78 -32.30 10.75
N ALA B 86 -9.74 -31.09 11.30
CA ALA B 86 -8.44 -30.59 11.81
C ALA B 86 -8.00 -31.29 13.14
N ASN B 87 -8.94 -31.93 13.82
CA ASN B 87 -8.57 -32.66 15.04
C ASN B 87 -7.68 -33.83 14.66
N PRO B 88 -6.55 -34.02 15.33
CA PRO B 88 -5.59 -35.06 14.95
C PRO B 88 -6.20 -36.44 15.02
N GLY B 89 -7.23 -36.60 15.83
CA GLY B 89 -8.00 -37.81 15.92
C GLY B 89 -8.91 -38.13 14.75
N TYR B 90 -9.14 -37.18 13.85
CA TYR B 90 -10.02 -37.45 12.71
C TYR B 90 -9.24 -38.19 11.63
N ILE B 91 -9.55 -39.47 11.50
CA ILE B 91 -8.85 -40.34 10.57
C ILE B 91 -9.79 -41.23 9.77
N GLY B 92 -11.00 -40.77 9.51
CA GLY B 92 -11.99 -41.63 8.92
C GLY B 92 -12.45 -41.49 7.48
N HIS B 93 -12.15 -40.37 6.84
CA HIS B 93 -12.71 -40.04 5.54
C HIS B 93 -11.72 -39.33 4.65
N ASP B 95 -11.59 -36.52 3.64
CA ASP B 95 -12.01 -35.15 3.86
C ASP B 95 -11.03 -34.54 4.81
N PRO B 96 -10.07 -33.81 4.27
CA PRO B 96 -8.97 -33.33 5.09
C PRO B 96 -9.18 -31.92 5.63
N PRO B 98 -8.24 -28.20 5.48
CA PRO B 98 -7.88 -27.46 4.26
C PRO B 98 -6.51 -26.81 4.38
N ALA B 99 -5.79 -26.74 3.28
CA ALA B 99 -4.58 -25.94 3.30
C ALA B 99 -4.93 -24.47 3.58
N THR B 100 -4.05 -23.77 4.34
CA THR B 100 -4.26 -22.35 4.63
C THR B 100 -4.58 -21.53 3.41
N ALA B 102 -5.83 -22.51 0.62
CA ALA B 102 -7.13 -22.86 0.08
C ALA B 102 -8.25 -22.04 0.70
N ILE B 103 -8.19 -21.88 2.01
CA ILE B 103 -9.15 -21.00 2.72
C ILE B 103 -9.06 -19.60 2.16
N LEU B 104 -7.85 -19.09 2.09
CA LEU B 104 -7.66 -17.75 1.63
C LEU B 104 -8.02 -17.64 0.13
N GLY B 105 -7.78 -18.67 -0.66
CA GLY B 105 -8.16 -18.57 -2.05
C GLY B 105 -9.68 -18.47 -2.23
N ASP B 106 -10.46 -19.16 -1.39
CA ASP B 106 -11.93 -19.03 -1.52
C ASP B 106 -12.39 -17.63 -1.04
N LEU B 107 -11.71 -17.03 -0.06
CA LEU B 107 -12.01 -15.62 0.30
C LEU B 107 -11.81 -14.72 -0.94
N VAL B 108 -10.67 -14.89 -1.57
CA VAL B 108 -10.32 -14.09 -2.76
C VAL B 108 -11.37 -14.34 -3.88
N ALA B 109 -11.62 -15.62 -4.18
CA ALA B 109 -12.66 -15.99 -5.17
C ALA B 109 -14.04 -15.36 -4.90
N ALA B 110 -14.55 -15.49 -3.67
CA ALA B 110 -15.86 -14.92 -3.34
C ALA B 110 -15.86 -13.38 -3.43
N ALA B 111 -14.73 -12.73 -3.08
CA ALA B 111 -14.68 -11.25 -3.08
C ALA B 111 -14.75 -10.72 -4.51
N VAL B 112 -14.01 -11.30 -5.46
CA VAL B 112 -14.11 -10.77 -6.84
C VAL B 112 -15.35 -11.35 -7.57
N ASN B 113 -15.84 -12.50 -7.09
CA ASN B 113 -17.09 -13.13 -7.56
C ASN B 113 -17.09 -13.21 -9.08
N ASN B 114 -16.06 -13.74 -9.70
CA ASN B 114 -16.09 -13.98 -11.12
C ASN B 114 -16.85 -15.28 -11.45
N ASN B 115 -17.10 -15.52 -12.72
CA ASN B 115 -17.95 -16.62 -13.19
C ASN B 115 -17.26 -17.37 -14.32
N LEU B 117 -18.40 -19.42 -16.40
CA LEU B 117 -19.32 -19.61 -17.49
C LEU B 117 -18.69 -19.13 -18.83
N SER B 118 -18.05 -17.96 -18.80
CA SER B 118 -17.50 -17.40 -20.04
C SER B 118 -16.25 -16.62 -19.78
N LEU B 119 -15.48 -16.40 -20.82
CA LEU B 119 -14.24 -15.68 -20.70
C LEU B 119 -14.46 -14.23 -20.24
N GLU B 120 -15.49 -13.57 -20.74
CA GLU B 120 -15.75 -12.20 -20.35
C GLU B 120 -16.10 -12.04 -18.88
N SER B 122 -14.80 -14.19 -16.58
CA SER B 122 -13.65 -14.61 -15.80
C SER B 122 -12.39 -14.48 -16.62
N PRO B 123 -12.02 -13.29 -17.03
CA PRO B 123 -10.93 -13.12 -17.98
C PRO B 123 -9.59 -13.63 -17.46
N SER B 124 -9.27 -13.33 -16.25
CA SER B 124 -8.08 -13.92 -15.68
C SER B 124 -8.20 -15.43 -15.37
N PHE B 125 -9.30 -15.81 -14.74
CA PHE B 125 -9.49 -17.17 -14.27
C PHE B 125 -9.60 -18.23 -15.36
N SER B 126 -10.30 -17.93 -16.44
CA SER B 126 -10.52 -18.91 -17.48
C SER B 126 -9.22 -19.36 -18.16
N ARG B 127 -8.39 -18.40 -18.49
CA ARG B 127 -7.12 -18.70 -19.11
C ARG B 127 -6.24 -19.48 -18.15
N LEU B 128 -6.22 -19.08 -16.89
CA LEU B 128 -5.42 -19.76 -15.91
C LEU B 128 -5.86 -21.21 -15.70
N GLU B 129 -7.16 -21.43 -15.65
CA GLU B 129 -7.66 -22.80 -15.44
C GLU B 129 -7.25 -23.65 -16.63
N THR B 130 -7.43 -23.13 -17.83
CA THR B 130 -7.12 -23.90 -19.02
C THR B 130 -5.64 -24.25 -19.06
N LEU B 131 -4.79 -23.29 -18.71
CA LEU B 131 -3.35 -23.59 -18.73
C LEU B 131 -2.93 -24.51 -17.60
N LEU B 132 -3.50 -24.32 -16.41
CA LEU B 132 -3.11 -25.16 -15.30
C LEU B 132 -3.52 -26.62 -15.59
N LEU B 133 -4.71 -26.82 -16.16
CA LEU B 133 -5.16 -28.21 -16.38
C LEU B 133 -4.38 -28.86 -17.52
N ARG B 134 -3.91 -28.09 -18.49
CA ARG B 134 -2.92 -28.64 -19.43
C ARG B 134 -1.67 -29.12 -18.71
N ALA B 135 -1.14 -28.32 -17.80
CA ALA B 135 0.05 -28.70 -17.03
C ALA B 135 -0.25 -29.97 -16.23
N ILE B 136 -1.43 -30.05 -15.62
CA ILE B 136 -1.69 -31.24 -14.77
C ILE B 136 -1.86 -32.49 -15.67
N ALA B 137 -2.51 -32.31 -16.81
CA ALA B 137 -2.69 -33.41 -17.75
C ALA B 137 -1.33 -33.93 -18.18
N GLY B 138 -0.34 -33.04 -18.20
CA GLY B 138 1.03 -33.38 -18.59
C GLY B 138 1.73 -34.18 -17.52
N LEU B 139 1.47 -33.87 -16.24
CA LEU B 139 1.98 -34.74 -15.16
C LEU B 139 1.40 -36.17 -15.24
N PHE B 140 0.14 -36.31 -15.68
CA PHE B 140 -0.45 -37.61 -15.90
C PHE B 140 0.08 -38.31 -17.16
N GLY B 141 0.83 -37.59 -18.02
CA GLY B 141 1.43 -38.20 -19.22
C GLY B 141 0.46 -38.37 -20.37
N LEU B 142 -0.61 -37.57 -20.37
CA LEU B 142 -1.66 -37.70 -21.36
C LEU B 142 -1.30 -37.14 -22.74
N GLY B 143 -0.20 -36.40 -22.84
CA GLY B 143 0.24 -35.94 -24.15
C GLY B 143 -0.17 -34.54 -24.55
N GLU B 144 0.27 -34.12 -25.73
CA GLU B 144 0.21 -32.70 -26.09
C GLU B 144 -1.20 -32.14 -26.30
N GLN B 145 -2.12 -33.00 -26.69
CA GLN B 145 -3.47 -32.59 -27.00
C GLN B 145 -4.39 -32.55 -25.77
N ALA B 146 -3.86 -32.95 -24.62
CA ALA B 146 -4.63 -33.13 -23.39
C ALA B 146 -5.06 -31.83 -22.68
N GLY B 147 -6.25 -31.86 -22.12
CA GLY B 147 -6.81 -30.71 -21.45
C GLY B 147 -8.02 -31.13 -20.66
N GLY B 148 -8.61 -30.21 -19.92
CA GLY B 148 -9.79 -30.53 -19.15
C GLY B 148 -10.51 -29.32 -18.64
N VAL B 149 -11.53 -29.58 -17.85
CA VAL B 149 -12.19 -28.56 -17.08
C VAL B 149 -12.26 -28.91 -15.61
N LEU B 150 -12.24 -27.90 -14.76
CA LEU B 150 -12.59 -28.06 -13.37
C LEU B 150 -14.11 -28.28 -13.23
N THR B 151 -14.48 -29.06 -12.25
CA THR B 151 -15.87 -29.36 -11.96
C THR B 151 -16.14 -29.37 -10.47
N SER B 152 -17.39 -29.15 -10.08
CA SER B 152 -17.73 -29.10 -8.67
C SER B 152 -17.94 -30.50 -8.13
N GLY B 153 -16.85 -31.23 -7.93
CA GLY B 153 -16.95 -32.60 -7.44
C GLY B 153 -16.59 -33.66 -8.43
N GLY B 154 -16.06 -34.78 -7.94
CA GLY B 154 -15.66 -35.86 -8.79
C GLY B 154 -16.87 -36.54 -9.42
N SER B 155 -18.07 -36.43 -8.80
CA SER B 155 -19.22 -37.06 -9.43
C SER B 155 -19.53 -36.45 -10.80
N LEU B 156 -19.40 -35.12 -10.89
CA LEU B 156 -19.65 -34.38 -12.12
C LEU B 156 -18.54 -34.67 -13.12
N ALA B 157 -17.32 -34.80 -12.63
CA ALA B 157 -16.25 -35.19 -13.54
C ALA B 157 -16.49 -36.57 -14.17
N ASN B 158 -16.86 -37.59 -13.36
CA ASN B 158 -17.29 -38.90 -13.92
C ASN B 158 -18.48 -38.80 -14.85
N LEU B 159 -19.47 -37.96 -14.56
CA LEU B 159 -20.63 -37.85 -15.43
C LEU B 159 -20.20 -37.33 -16.79
N GLN B 160 -19.33 -36.32 -16.79
CA GLN B 160 -18.90 -35.70 -18.03
C GLN B 160 -18.04 -36.65 -18.85
N ALA B 161 -17.16 -37.40 -18.19
CA ALA B 161 -16.38 -38.41 -18.91
C ALA B 161 -17.31 -39.43 -19.61
N LEU B 162 -18.24 -39.98 -18.86
CA LEU B 162 -19.18 -40.98 -19.43
C LEU B 162 -20.10 -40.38 -20.50
N ALA B 163 -20.48 -39.10 -20.35
CA ALA B 163 -21.29 -38.43 -21.36
C ALA B 163 -20.55 -38.40 -22.71
N VAL B 164 -19.28 -38.03 -22.64
CA VAL B 164 -18.44 -37.97 -23.82
C VAL B 164 -18.27 -39.36 -24.39
N ALA B 165 -18.08 -40.36 -23.53
CA ALA B 165 -17.81 -41.71 -24.05
C ALA B 165 -19.07 -42.21 -24.80
N ARG B 166 -20.22 -41.91 -24.23
CA ARG B 166 -21.52 -42.17 -24.87
C ARG B 166 -21.67 -41.40 -26.16
N ASN B 167 -21.36 -40.10 -26.13
CA ASN B 167 -21.58 -39.32 -27.33
C ASN B 167 -20.70 -39.79 -28.48
N VAL B 168 -19.47 -40.20 -28.17
CA VAL B 168 -18.53 -40.64 -29.18
C VAL B 168 -18.98 -42.01 -29.75
N ALA B 169 -19.44 -42.90 -28.88
CA ALA B 169 -19.87 -44.21 -29.34
C ALA B 169 -21.19 -44.14 -30.15
N PHE B 170 -22.10 -43.23 -29.80
CA PHE B 170 -23.48 -43.30 -30.34
C PHE B 170 -23.91 -42.04 -31.08
N ASP B 171 -23.04 -41.05 -31.14
CA ASP B 171 -23.35 -39.82 -31.87
C ASP B 171 -24.64 -39.19 -31.34
N SER B 172 -24.75 -39.19 -30.01
CA SER B 172 -26.02 -38.87 -29.38
C SER B 172 -26.21 -37.43 -28.95
N VAL B 173 -25.27 -36.50 -29.23
CA VAL B 173 -25.48 -35.10 -28.81
C VAL B 173 -26.86 -34.51 -29.30
N GLU B 174 -27.16 -34.57 -30.61
CA GLU B 174 -28.45 -34.07 -31.12
C GLU B 174 -29.62 -35.06 -31.10
N PRO B 175 -29.41 -36.32 -31.51
CA PRO B 175 -30.62 -37.15 -31.51
C PRO B 175 -30.88 -37.92 -30.23
N GLY B 176 -29.96 -37.93 -29.27
CA GLY B 176 -30.17 -38.69 -28.04
C GLY B 176 -29.94 -40.16 -28.25
N ILE B 177 -30.28 -40.99 -27.28
CA ILE B 177 -29.99 -42.40 -27.41
C ILE B 177 -31.25 -43.26 -27.30
N THR B 178 -32.45 -42.69 -27.46
CA THR B 178 -33.63 -43.54 -27.31
C THR B 178 -33.86 -44.40 -28.54
N GLY B 179 -33.29 -44.07 -29.69
CA GLY B 179 -33.57 -44.98 -30.80
C GLY B 179 -32.80 -46.31 -30.83
N LEU B 180 -32.15 -46.73 -29.73
CA LEU B 180 -31.17 -47.83 -29.82
C LEU B 180 -31.74 -49.25 -29.57
N ALA B 181 -31.43 -50.18 -30.46
CA ALA B 181 -31.86 -51.58 -30.31
C ALA B 181 -30.94 -52.39 -29.37
N GLN B 182 -29.70 -51.94 -29.25
CA GLN B 182 -28.74 -52.57 -28.37
C GLN B 182 -28.42 -51.65 -27.19
N ARG B 183 -28.71 -52.10 -26.00
CA ARG B 183 -28.49 -51.37 -24.80
C ARG B 183 -27.00 -51.07 -24.49
N PRO B 184 -26.68 -49.80 -24.33
CA PRO B 184 -25.27 -49.44 -24.04
C PRO B 184 -24.88 -49.80 -22.63
N VAL B 185 -23.66 -50.30 -22.42
CA VAL B 185 -23.27 -50.67 -21.06
C VAL B 185 -21.82 -50.28 -20.82
N ILE B 186 -21.49 -50.18 -19.55
CA ILE B 186 -20.11 -49.85 -19.17
C ILE B 186 -19.66 -50.88 -18.12
N PHE B 187 -18.35 -51.02 -17.93
CA PHE B 187 -17.84 -51.99 -16.97
C PHE B 187 -17.06 -51.31 -15.86
N ALA B 188 -17.20 -51.77 -14.64
CA ALA B 188 -16.42 -51.14 -13.57
C ALA B 188 -16.22 -52.15 -12.51
N SER B 189 -15.18 -51.99 -11.68
CA SER B 189 -15.00 -52.90 -10.57
C SER B 189 -16.23 -52.91 -9.64
N GLU B 190 -16.55 -54.08 -9.08
CA GLU B 190 -17.57 -54.15 -8.03
C GLU B 190 -17.19 -53.23 -6.89
N ALA B 191 -15.92 -52.82 -6.80
CA ALA B 191 -15.56 -51.84 -5.76
C ALA B 191 -15.63 -50.35 -6.19
N ALA B 192 -16.07 -50.08 -7.42
CA ALA B 192 -15.97 -48.71 -7.99
C ALA B 192 -17.06 -47.79 -7.44
N HIS B 193 -16.89 -46.47 -7.54
CA HIS B 193 -17.72 -45.50 -6.83
C HIS B 193 -19.15 -45.43 -7.35
N THR B 194 -20.13 -45.19 -6.48
CA THR B 194 -21.52 -45.20 -6.95
C THR B 194 -21.89 -44.01 -7.83
N SER B 195 -20.98 -43.04 -7.99
CA SER B 195 -21.27 -41.96 -8.92
C SER B 195 -21.30 -42.55 -10.33
N LEU B 196 -20.79 -43.79 -10.52
CA LEU B 196 -20.94 -44.38 -11.82
C LEU B 196 -22.41 -44.75 -12.02
N GLN B 197 -23.03 -45.41 -11.05
CA GLN B 197 -24.48 -45.73 -11.18
C GLN B 197 -25.34 -44.47 -11.29
N LYS B 198 -25.05 -43.46 -10.46
CA LYS B 198 -25.77 -42.20 -10.55
C LYS B 198 -25.58 -41.59 -11.94
N ALA B 199 -24.37 -41.60 -12.45
CA ALA B 199 -24.14 -41.04 -13.77
C ALA B 199 -24.89 -41.81 -14.84
N ALA B 200 -24.84 -43.14 -14.75
CA ALA B 200 -25.53 -43.98 -15.72
C ALA B 200 -27.04 -43.64 -15.70
N LEU B 202 -28.45 -40.74 -14.86
CA LEU B 202 -28.60 -39.41 -15.43
C LEU B 202 -28.42 -39.43 -16.92
N LEU B 203 -27.50 -40.27 -17.44
CA LEU B 203 -27.18 -40.25 -18.87
C LEU B 203 -28.25 -41.02 -19.70
N GLY B 204 -29.23 -41.56 -19.01
CA GLY B 204 -30.32 -42.31 -19.65
C GLY B 204 -29.97 -43.75 -19.94
N LEU B 205 -28.87 -44.24 -19.35
CA LEU B 205 -28.42 -45.62 -19.50
C LEU B 205 -29.05 -46.52 -18.47
N GLY B 206 -29.55 -45.91 -17.39
CA GLY B 206 -30.03 -46.62 -16.21
C GLY B 206 -28.95 -47.18 -15.33
N THR B 207 -29.27 -47.39 -14.06
CA THR B 207 -28.25 -47.86 -13.11
C THR B 207 -27.73 -49.22 -13.50
N ALA B 208 -28.59 -50.05 -14.09
CA ALA B 208 -28.19 -51.43 -14.39
C ALA B 208 -27.16 -51.50 -15.50
N ALA B 209 -26.93 -50.37 -16.17
CA ALA B 209 -26.03 -50.40 -17.30
C ALA B 209 -24.57 -50.47 -16.79
N VAL B 210 -24.36 -50.32 -15.48
CA VAL B 210 -23.00 -50.41 -14.94
C VAL B 210 -22.74 -51.84 -14.53
N ILE B 211 -22.01 -52.59 -15.34
CA ILE B 211 -21.84 -54.03 -15.11
C ILE B 211 -20.62 -54.22 -14.24
N PRO B 212 -20.80 -54.79 -13.06
CA PRO B 212 -19.74 -55.00 -12.06
C PRO B 212 -18.78 -56.11 -12.47
N VAL B 213 -17.50 -55.85 -12.29
CA VAL B 213 -16.45 -56.77 -12.65
C VAL B 213 -15.88 -57.22 -11.33
N ARG B 214 -15.62 -58.50 -11.24
CA ARG B 214 -15.06 -59.09 -10.04
C ARG B 214 -13.74 -58.44 -9.63
N ALA B 215 -13.56 -58.25 -8.32
CA ALA B 215 -12.35 -57.67 -7.79
C ALA B 215 -11.67 -58.73 -6.96
N THR B 216 -10.35 -58.67 -6.85
CA THR B 216 -9.60 -59.65 -6.10
C THR B 216 -9.83 -59.49 -4.61
N ALA B 217 -9.17 -60.37 -3.86
CA ALA B 217 -9.19 -60.31 -2.41
C ALA B 217 -8.63 -58.96 -1.92
N ASP B 218 -7.81 -58.31 -2.76
CA ASP B 218 -7.26 -56.98 -2.44
C ASP B 218 -8.00 -55.84 -3.11
N SER B 219 -9.25 -56.11 -3.54
CA SER B 219 -10.13 -55.08 -4.02
C SER B 219 -9.64 -54.39 -5.29
N ARG B 220 -8.92 -55.12 -6.13
CA ARG B 220 -8.48 -54.60 -7.45
C ARG B 220 -9.24 -55.31 -8.55
N ASP B 222 -10.35 -57.51 -11.61
CA ASP B 222 -9.76 -58.69 -12.23
C ASP B 222 -9.88 -58.60 -13.73
N PRO B 223 -8.76 -58.39 -14.43
CA PRO B 223 -8.84 -58.23 -15.89
C PRO B 223 -9.37 -59.44 -16.63
N GLU B 224 -9.13 -60.64 -16.10
CA GLU B 224 -9.67 -61.85 -16.75
C GLU B 224 -11.21 -61.76 -16.66
N ASP B 225 -11.72 -61.33 -15.51
CA ASP B 225 -13.17 -61.16 -15.41
C ASP B 225 -13.68 -60.04 -16.29
N LEU B 226 -12.94 -58.95 -16.42
CA LEU B 226 -13.40 -57.92 -17.33
C LEU B 226 -13.61 -58.50 -18.76
N ARG B 227 -12.62 -59.25 -19.23
CA ARG B 227 -12.69 -59.83 -20.55
C ARG B 227 -13.93 -60.73 -20.72
N ALA B 228 -14.16 -61.58 -19.71
CA ALA B 228 -15.33 -62.44 -19.67
C ALA B 228 -16.62 -61.61 -19.81
N ARG B 229 -16.73 -60.51 -19.04
CA ARG B 229 -17.98 -59.75 -18.98
C ARG B 229 -18.25 -59.01 -20.28
N ILE B 230 -17.20 -58.61 -20.98
CA ILE B 230 -17.38 -57.97 -22.28
C ILE B 230 -17.95 -58.94 -23.35
N ASP B 231 -17.39 -60.15 -23.38
CA ASP B 231 -17.89 -61.20 -24.27
C ASP B 231 -19.33 -61.56 -23.96
N GLN B 232 -19.62 -61.67 -22.67
CA GLN B 232 -20.97 -61.97 -22.24
C GLN B 232 -21.92 -60.84 -22.65
N ALA B 233 -21.48 -59.57 -22.52
CA ALA B 233 -22.37 -58.48 -22.86
C ALA B 233 -22.73 -58.50 -24.37
N ARG B 234 -21.70 -58.66 -25.21
CA ARG B 234 -21.85 -58.75 -26.64
C ARG B 234 -22.73 -59.94 -27.00
N GLY B 235 -22.52 -61.08 -26.35
CA GLY B 235 -23.35 -62.25 -26.61
C GLY B 235 -24.81 -61.98 -26.28
N ALA B 236 -25.06 -61.08 -25.32
CA ALA B 236 -26.43 -60.79 -24.91
C ALA B 236 -27.00 -59.63 -25.71
N GLY B 237 -26.29 -59.21 -26.76
CA GLY B 237 -26.82 -58.13 -27.60
C GLY B 237 -26.73 -56.74 -26.98
N GLN B 238 -25.87 -56.61 -25.99
CA GLN B 238 -25.55 -55.32 -25.40
C GLN B 238 -24.46 -54.61 -26.16
N HIS B 239 -24.32 -53.30 -25.95
CA HIS B 239 -23.32 -52.57 -26.65
C HIS B 239 -22.36 -51.90 -25.66
N PRO B 240 -21.30 -52.58 -25.28
CA PRO B 240 -20.27 -51.98 -24.44
C PRO B 240 -19.68 -50.78 -25.06
N PHE B 241 -19.51 -49.71 -24.31
CA PHE B 241 -18.81 -48.56 -24.82
C PHE B 241 -17.72 -47.96 -23.93
N CYS B 242 -17.62 -48.39 -22.68
CA CYS B 242 -16.68 -47.80 -21.74
C CYS B 242 -16.23 -48.75 -20.64
N VAL B 243 -14.97 -48.62 -20.24
CA VAL B 243 -14.44 -49.32 -19.10
C VAL B 243 -13.89 -48.29 -18.13
N VAL B 244 -14.29 -48.39 -16.87
CA VAL B 244 -13.82 -47.50 -15.85
C VAL B 244 -12.93 -48.25 -14.87
N ALA B 245 -11.69 -47.81 -14.77
CA ALA B 245 -10.75 -48.31 -13.80
C ALA B 245 -10.65 -47.28 -12.68
N THR B 246 -10.51 -47.73 -11.46
CA THR B 246 -10.43 -46.84 -10.32
C THR B 246 -9.04 -46.83 -9.72
N ALA B 247 -8.44 -45.66 -9.62
CA ALA B 247 -7.15 -45.52 -8.97
C ALA B 247 -7.34 -44.95 -7.57
N GLY B 248 -7.53 -45.83 -6.60
CA GLY B 248 -7.93 -45.47 -5.26
C GLY B 248 -9.43 -45.61 -4.99
N THR B 249 -9.84 -46.84 -4.72
CA THR B 249 -11.23 -47.14 -4.44
C THR B 249 -11.67 -46.46 -3.15
N THR B 250 -12.94 -46.09 -3.10
CA THR B 250 -13.40 -45.28 -1.99
C THR B 250 -13.28 -46.00 -0.65
N THR B 251 -13.70 -47.25 -0.58
CA THR B 251 -13.64 -47.97 0.67
C THR B 251 -12.26 -48.41 1.16
N THR B 252 -11.49 -49.01 0.27
CA THR B 252 -10.23 -49.61 0.66
C THR B 252 -8.99 -48.89 0.12
N GLY B 253 -9.19 -47.94 -0.77
CA GLY B 253 -8.09 -47.20 -1.35
C GLY B 253 -7.17 -48.00 -2.25
N ASN B 254 -7.69 -49.08 -2.83
CA ASN B 254 -6.85 -49.86 -3.73
C ASN B 254 -6.83 -49.33 -5.17
N ILE B 255 -5.84 -49.75 -5.92
CA ILE B 255 -5.68 -49.26 -7.29
C ILE B 255 -5.80 -50.41 -8.27
N ASP B 256 -6.71 -50.29 -9.26
CA ASP B 256 -6.89 -51.33 -10.29
C ASP B 256 -5.62 -51.45 -11.13
N PRO B 257 -5.40 -52.59 -11.82
CA PRO B 257 -4.19 -52.67 -12.65
C PRO B 257 -4.43 -51.91 -13.98
N LEU B 258 -4.12 -50.63 -13.98
CA LEU B 258 -4.57 -49.71 -15.02
C LEU B 258 -4.04 -50.09 -16.39
N ALA B 259 -2.79 -50.61 -16.46
CA ALA B 259 -2.24 -50.92 -17.77
C ALA B 259 -3.01 -52.10 -18.39
N GLU B 260 -3.24 -53.14 -17.59
CA GLU B 260 -3.96 -54.31 -18.14
C GLU B 260 -5.41 -53.99 -18.56
N ILE B 261 -6.11 -53.24 -17.73
N ILE B 261 -6.11 -53.26 -17.71
CA ILE B 261 -7.46 -52.84 -18.03
CA ILE B 261 -7.46 -52.84 -17.98
C ILE B 261 -7.51 -52.00 -19.25
C ILE B 261 -7.50 -52.03 -19.25
N GLY B 262 -6.67 -51.04 -19.31
CA GLY B 262 -6.59 -50.20 -20.49
C GLY B 262 -6.32 -51.01 -21.74
N ALA B 263 -5.45 -52.03 -21.64
CA ALA B 263 -5.15 -52.80 -22.82
C ALA B 263 -6.41 -53.56 -23.28
N ILE B 264 -7.17 -54.09 -22.32
CA ILE B 264 -8.45 -54.74 -22.68
C ILE B 264 -9.45 -53.76 -23.30
N ALA B 265 -9.59 -52.54 -22.71
CA ALA B 265 -10.50 -51.55 -23.27
C ALA B 265 -10.14 -51.25 -24.71
N ARG B 266 -8.85 -51.07 -24.99
CA ARG B 266 -8.41 -50.65 -26.31
C ARG B 266 -8.59 -51.77 -27.32
N GLU B 267 -8.40 -53.00 -26.86
CA GLU B 267 -8.57 -54.20 -27.71
C GLU B 267 -10.00 -54.24 -28.22
N HIS B 268 -10.92 -53.84 -27.34
CA HIS B 268 -12.35 -53.95 -27.67
C HIS B 268 -12.99 -52.62 -28.14
N GLY B 269 -12.17 -51.61 -28.39
CA GLY B 269 -12.64 -50.30 -28.87
C GLY B 269 -13.47 -49.53 -27.84
N LEU B 270 -13.25 -49.77 -26.54
CA LEU B 270 -14.04 -49.11 -25.49
C LEU B 270 -13.29 -47.88 -25.03
N TRP B 271 -14.02 -46.81 -24.75
CA TRP B 271 -13.47 -45.68 -24.05
C TRP B 271 -12.84 -46.16 -22.73
N PHE B 272 -11.61 -45.72 -22.43
CA PHE B 272 -11.01 -46.05 -21.15
C PHE B 272 -10.97 -44.84 -20.21
N HIS B 273 -11.73 -44.88 -19.12
CA HIS B 273 -11.81 -43.77 -18.16
C HIS B 273 -11.17 -44.22 -16.87
N VAL B 274 -10.28 -43.39 -16.33
CA VAL B 274 -9.69 -43.77 -15.07
C VAL B 274 -10.23 -42.86 -13.98
N ASP B 275 -10.88 -43.45 -12.97
CA ASP B 275 -11.39 -42.65 -11.87
C ASP B 275 -10.27 -42.58 -10.83
N ALA B 276 -9.47 -41.50 -10.91
CA ALA B 276 -8.34 -41.33 -10.00
C ALA B 276 -8.69 -40.18 -9.01
N ALA B 277 -9.98 -40.06 -8.69
CA ALA B 277 -10.46 -39.03 -7.77
C ALA B 277 -9.50 -38.86 -6.58
N TYR B 278 -9.18 -39.98 -5.93
CA TYR B 278 -8.29 -39.97 -4.79
C TYR B 278 -6.80 -40.20 -5.21
N GLY B 279 -6.52 -41.35 -5.78
CA GLY B 279 -5.17 -41.80 -6.05
C GLY B 279 -4.42 -40.93 -7.07
N GLY B 280 -5.09 -40.05 -7.79
CA GLY B 280 -4.37 -39.26 -8.80
C GLY B 280 -3.29 -38.36 -8.20
N ALA B 281 -3.37 -38.11 -6.90
CA ALA B 281 -2.42 -37.22 -6.23
C ALA B 281 -1.02 -37.83 -6.22
N LEU B 282 -0.95 -39.14 -6.48
CA LEU B 282 0.33 -39.81 -6.55
C LEU B 282 1.19 -39.25 -7.69
N VAL B 283 0.60 -38.53 -8.65
CA VAL B 283 1.49 -37.95 -9.66
C VAL B 283 2.51 -37.01 -9.04
N PHE B 284 2.29 -36.54 -7.83
CA PHE B 284 3.29 -35.64 -7.21
C PHE B 284 4.37 -36.38 -6.40
N SER B 285 4.31 -37.72 -6.38
CA SER B 285 5.26 -38.50 -5.64
C SER B 285 6.10 -39.46 -6.50
N GLU B 286 7.38 -39.10 -6.69
CA GLU B 286 8.31 -39.99 -7.37
C GLU B 286 8.29 -41.37 -6.78
N ARG B 287 8.24 -41.45 -5.45
CA ARG B 287 8.34 -42.72 -4.77
C ARG B 287 7.16 -43.72 -5.07
N HIS B 288 5.99 -43.14 -5.34
CA HIS B 288 4.73 -43.91 -5.42
C HIS B 288 4.02 -43.81 -6.77
N ARG B 289 4.47 -42.88 -7.59
CA ARG B 289 3.86 -42.62 -8.90
C ARG B 289 3.75 -43.89 -9.79
N TRP B 290 4.68 -44.85 -9.64
CA TRP B 290 4.66 -46.06 -10.45
C TRP B 290 3.32 -46.83 -10.30
N ARG B 291 2.65 -46.66 -9.16
CA ARG B 291 1.41 -47.35 -8.89
C ARG B 291 0.32 -47.00 -9.90
N LEU B 292 0.47 -45.85 -10.56
CA LEU B 292 -0.48 -45.38 -11.56
C LEU B 292 -0.13 -45.82 -12.98
N ALA B 293 0.86 -46.69 -13.12
CA ALA B 293 1.34 -47.00 -14.47
C ALA B 293 0.18 -47.51 -15.34
N GLY B 294 0.09 -46.98 -16.56
CA GLY B 294 -1.01 -47.26 -17.48
C GLY B 294 -2.00 -46.10 -17.57
N ILE B 295 -1.99 -45.24 -16.54
CA ILE B 295 -2.96 -44.15 -16.54
C ILE B 295 -2.70 -43.20 -17.71
N GLU B 296 -1.49 -43.18 -18.22
CA GLU B 296 -1.14 -42.23 -19.27
C GLU B 296 -1.80 -42.56 -20.58
N GLN B 297 -2.31 -43.79 -20.76
CA GLN B 297 -3.06 -44.09 -21.96
C GLN B 297 -4.60 -43.88 -21.89
N ALA B 298 -5.09 -43.38 -20.77
CA ALA B 298 -6.53 -43.16 -20.55
C ALA B 298 -7.11 -42.23 -21.60
N ASP B 299 -8.34 -42.45 -22.03
CA ASP B 299 -9.02 -41.39 -22.78
C ASP B 299 -9.44 -40.22 -21.89
N SER B 300 -9.70 -40.54 -20.61
CA SER B 300 -10.12 -39.49 -19.69
C SER B 300 -9.72 -39.90 -18.29
N ILE B 301 -9.60 -38.91 -17.44
CA ILE B 301 -9.21 -39.09 -16.06
C ILE B 301 -10.00 -38.16 -15.17
N THR B 302 -10.49 -38.68 -14.09
CA THR B 302 -11.09 -37.85 -13.06
C THR B 302 -10.08 -37.70 -11.93
N PHE B 303 -9.94 -36.51 -11.37
CA PHE B 303 -8.95 -36.31 -10.29
C PHE B 303 -9.47 -35.24 -9.33
N ASN B 304 -9.43 -35.47 -8.01
CA ASN B 304 -9.98 -34.52 -7.03
C ASN B 304 -8.99 -33.95 -6.04
N PRO B 305 -8.42 -32.78 -6.33
CA PRO B 305 -7.50 -32.15 -5.38
C PRO B 305 -8.15 -31.88 -4.02
N GLN B 306 -9.49 -31.84 -3.94
CA GLN B 306 -10.12 -31.65 -2.64
C GLN B 306 -9.85 -32.82 -1.70
N TRP B 308 -6.78 -35.72 -1.64
CA TRP B 308 -5.40 -35.85 -1.18
C TRP B 308 -4.51 -34.62 -1.43
N LEU B 309 -5.01 -33.54 -2.05
CA LEU B 309 -4.13 -32.34 -2.16
C LEU B 309 -4.58 -31.25 -1.21
N TYR B 310 -5.51 -31.57 -0.32
CA TYR B 310 -5.91 -30.66 0.78
C TYR B 310 -6.58 -29.37 0.35
N VAL B 311 -7.09 -29.29 -0.89
CA VAL B 311 -7.79 -28.09 -1.35
C VAL B 311 -9.20 -28.09 -0.78
N ALA B 312 -9.60 -27.01 -0.14
CA ALA B 312 -10.96 -26.93 0.43
C ALA B 312 -12.03 -27.31 -0.62
N LYS B 313 -13.01 -28.11 -0.24
CA LYS B 313 -14.10 -28.50 -1.19
C LYS B 313 -14.80 -27.28 -1.82
N THR B 314 -15.24 -27.36 -3.07
CA THR B 314 -14.94 -28.50 -3.95
C THR B 314 -13.81 -28.15 -4.89
N CYS B 315 -13.10 -29.18 -5.33
CA CYS B 315 -12.04 -29.01 -6.32
C CYS B 315 -11.79 -30.37 -6.95
N ALA B 316 -12.21 -30.52 -8.20
CA ALA B 316 -12.13 -31.78 -8.87
C ALA B 316 -12.01 -31.41 -10.35
N VAL B 318 -12.09 -33.09 -14.69
CA VAL B 318 -11.99 -34.18 -15.64
C VAL B 318 -11.00 -33.76 -16.74
N LEU B 319 -10.07 -34.65 -17.05
CA LEU B 319 -9.07 -34.45 -18.11
C LEU B 319 -9.32 -35.35 -19.27
N PHE B 320 -9.21 -34.83 -20.49
CA PHE B 320 -9.27 -35.65 -21.69
C PHE B 320 -7.90 -35.70 -22.42
N ARG B 321 -7.54 -36.87 -22.91
CA ARG B 321 -6.30 -36.99 -23.67
C ARG B 321 -6.38 -36.12 -24.91
N ASP B 322 -7.56 -35.99 -25.50
CA ASP B 322 -7.75 -35.06 -26.58
C ASP B 322 -8.84 -34.07 -26.18
N ALA B 323 -8.45 -32.87 -25.71
CA ALA B 323 -9.43 -31.88 -25.26
C ALA B 323 -10.39 -31.47 -26.39
N GLY B 324 -9.97 -31.69 -27.61
CA GLY B 324 -10.76 -31.37 -28.78
C GLY B 324 -12.04 -32.16 -28.86
N VAL B 325 -12.08 -33.29 -28.19
CA VAL B 325 -13.26 -34.13 -28.16
C VAL B 325 -14.48 -33.40 -27.56
N LEU B 326 -14.25 -32.50 -26.62
CA LEU B 326 -15.30 -31.68 -26.02
C LEU B 326 -16.00 -30.81 -27.05
N GLU B 327 -15.25 -30.29 -28.00
CA GLU B 327 -15.86 -29.60 -29.13
C GLU B 327 -16.67 -30.52 -30.03
N ARG B 328 -16.16 -31.70 -30.33
CA ARG B 328 -16.82 -32.72 -31.16
C ARG B 328 -18.01 -33.49 -30.60
N ALA B 329 -17.92 -33.89 -29.35
CA ALA B 329 -18.86 -34.81 -28.74
C ALA B 329 -19.44 -34.36 -27.40
N PHE B 330 -19.45 -33.06 -27.18
CA PHE B 330 -20.07 -32.52 -25.98
C PHE B 330 -20.79 -31.23 -26.27
N ARG B 331 -20.04 -30.25 -26.75
CA ARG B 331 -20.55 -28.91 -26.90
C ARG B 331 -21.79 -28.96 -27.78
N ILE B 332 -22.84 -28.31 -27.32
CA ILE B 332 -24.09 -28.21 -28.09
C ILE B 332 -23.93 -27.40 -29.40
N PRO B 333 -24.73 -27.73 -30.43
CA PRO B 333 -24.79 -26.93 -31.67
C PRO B 333 -25.20 -25.47 -31.40
N ALA B 334 -24.47 -24.51 -31.95
CA ALA B 334 -24.80 -23.09 -31.75
C ALA B 334 -24.29 -22.21 -32.89
N PHE B 343 -10.83 -17.84 -27.18
CA PHE B 343 -10.83 -19.26 -26.84
C PHE B 343 -12.25 -19.72 -26.56
N ILE B 344 -12.35 -20.85 -25.89
CA ILE B 344 -13.65 -21.48 -25.68
C ILE B 344 -14.24 -21.14 -24.30
N ASN B 345 -15.37 -20.45 -24.28
CA ASN B 345 -16.08 -20.21 -23.02
C ASN B 345 -16.25 -21.54 -22.28
N LEU B 346 -15.74 -21.67 -21.07
CA LEU B 346 -15.73 -22.99 -20.41
C LEU B 346 -17.10 -23.59 -20.12
N GLY B 347 -18.09 -22.73 -19.92
CA GLY B 347 -19.47 -23.21 -19.76
C GLY B 347 -19.99 -24.09 -20.90
N GLU B 348 -19.44 -23.90 -22.09
CA GLU B 348 -19.92 -24.65 -23.24
C GLU B 348 -19.40 -26.08 -23.23
N ILE B 349 -18.32 -26.30 -22.48
CA ILE B 349 -17.72 -27.60 -22.47
C ILE B 349 -17.64 -28.21 -21.07
N GLY B 350 -18.52 -27.81 -20.19
CA GLY B 350 -18.67 -28.49 -18.92
C GLY B 350 -20.13 -28.85 -18.69
N VAL B 351 -20.38 -29.76 -17.76
CA VAL B 351 -21.74 -30.01 -17.32
C VAL B 351 -22.35 -28.71 -16.75
N GLN B 352 -21.57 -28.03 -15.92
CA GLN B 352 -22.03 -26.75 -15.37
C GLN B 352 -21.93 -25.63 -16.37
N GLY B 353 -22.75 -24.59 -16.14
CA GLY B 353 -22.64 -23.32 -16.81
C GLY B 353 -21.87 -22.40 -15.86
N THR B 354 -22.58 -21.64 -15.04
CA THR B 354 -21.98 -20.86 -13.98
C THR B 354 -21.26 -21.76 -13.03
N ARG B 355 -20.11 -21.33 -12.60
CA ARG B 355 -19.30 -22.17 -11.78
C ARG B 355 -18.37 -21.22 -11.01
N HIS B 356 -18.23 -21.48 -9.72
CA HIS B 356 -17.32 -20.79 -8.82
C HIS B 356 -15.85 -20.97 -9.26
N ALA B 357 -15.03 -19.94 -9.04
CA ALA B 357 -13.61 -20.01 -9.46
C ALA B 357 -12.73 -20.81 -8.51
N ASP B 358 -12.85 -22.15 -8.60
CA ASP B 358 -12.03 -23.09 -7.81
C ASP B 358 -10.57 -22.98 -8.21
N VAL B 359 -10.31 -22.50 -9.42
CA VAL B 359 -8.90 -22.42 -9.83
C VAL B 359 -8.08 -21.51 -8.87
N VAL B 360 -8.74 -20.54 -8.19
CA VAL B 360 -7.98 -19.67 -7.31
C VAL B 360 -7.40 -20.48 -6.15
N LYS B 361 -8.22 -21.18 -5.38
CA LYS B 361 -7.65 -21.94 -4.28
C LYS B 361 -6.74 -23.10 -4.75
N LEU B 362 -7.04 -23.64 -5.91
CA LEU B 362 -6.18 -24.74 -6.45
C LEU B 362 -4.76 -24.18 -6.73
N TRP B 363 -4.68 -23.10 -7.48
CA TRP B 363 -3.38 -22.61 -7.92
C TRP B 363 -2.57 -22.05 -6.75
N LEU B 364 -3.23 -21.34 -5.83
CA LEU B 364 -2.54 -20.82 -4.64
C LEU B 364 -2.06 -21.96 -3.78
N THR B 365 -2.87 -23.01 -3.64
CA THR B 365 -2.47 -24.19 -2.84
C THR B 365 -1.31 -24.94 -3.43
N LEU B 366 -1.40 -25.20 -4.72
CA LEU B 366 -0.32 -25.92 -5.41
C LEU B 366 1.01 -25.17 -5.27
N GLN B 367 0.97 -23.84 -5.37
CA GLN B 367 2.21 -23.03 -5.26
C GLN B 367 2.77 -22.98 -3.88
N HIS B 368 1.92 -22.87 -2.89
CA HIS B 368 2.41 -22.79 -1.54
C HIS B 368 2.94 -24.10 -1.01
N ILE B 369 2.35 -25.26 -1.36
CA ILE B 369 2.85 -26.53 -0.84
C ILE B 369 3.93 -27.08 -1.76
N GLY B 370 3.77 -26.93 -3.08
CA GLY B 370 4.77 -27.40 -4.03
C GLY B 370 4.74 -28.91 -4.24
N GLN B 371 5.24 -29.37 -5.39
CA GLN B 371 5.37 -30.83 -5.59
C GLN B 371 6.14 -31.54 -4.49
N GLN B 372 7.24 -30.94 -3.97
CA GLN B 372 8.02 -31.62 -2.92
C GLN B 372 7.26 -31.72 -1.63
N GLY B 373 6.48 -30.67 -1.32
CA GLY B 373 5.59 -30.68 -0.18
C GLY B 373 4.58 -31.85 -0.26
N TYR B 374 3.92 -32.00 -1.39
CA TYR B 374 2.96 -33.12 -1.54
C TYR B 374 3.68 -34.46 -1.47
N ALA B 375 4.89 -34.55 -2.01
CA ALA B 375 5.58 -35.86 -1.95
C ALA B 375 5.82 -36.25 -0.51
N ARG B 376 6.16 -35.26 0.31
CA ARG B 376 6.33 -35.51 1.75
C ARG B 376 5.04 -35.82 2.50
N LEU B 377 3.94 -35.10 2.24
CA LEU B 377 2.65 -35.39 2.88
C LEU B 377 2.21 -36.81 2.54
N ILE B 378 2.43 -37.17 1.28
CA ILE B 378 2.00 -38.48 0.79
C ILE B 378 2.81 -39.57 1.47
N ASP B 379 4.15 -39.43 1.54
CA ASP B 379 4.99 -40.38 2.30
C ASP B 379 4.52 -40.57 3.72
N ASP B 380 4.22 -39.47 4.38
CA ASP B 380 3.80 -39.58 5.76
C ASP B 380 2.44 -40.27 5.93
N GLY B 381 1.56 -40.11 4.93
CA GLY B 381 0.28 -40.81 4.95
C GLY B 381 0.55 -42.32 4.87
N TYR B 382 1.40 -42.74 3.94
CA TYR B 382 1.76 -44.15 3.83
C TYR B 382 2.34 -44.71 5.11
N ARG B 383 3.18 -43.91 5.76
CA ARG B 383 3.84 -44.39 6.96
C ARG B 383 2.83 -44.65 8.08
N LEU B 384 1.92 -43.70 8.35
CA LEU B 384 0.81 -43.92 9.29
C LEU B 384 -0.03 -45.12 8.89
N ALA B 385 -0.38 -45.20 7.60
CA ALA B 385 -1.15 -46.35 7.12
C ALA B 385 -0.43 -47.68 7.45
N GLU B 386 0.87 -47.72 7.20
CA GLU B 386 1.62 -48.95 7.45
C GLU B 386 1.66 -49.27 8.94
N ARG B 387 1.65 -48.25 9.79
CA ARG B 387 1.58 -48.50 11.22
C ARG B 387 0.22 -49.13 11.60
N VAL B 388 -0.85 -48.64 10.99
CA VAL B 388 -2.14 -49.27 11.20
C VAL B 388 -2.11 -50.74 10.71
N VAL B 389 -1.53 -50.98 9.53
CA VAL B 389 -1.50 -52.35 9.01
C VAL B 389 -0.74 -53.30 9.93
N GLU B 390 0.34 -52.80 10.51
CA GLU B 390 1.15 -53.62 11.42
C GLU B 390 0.40 -53.94 12.72
N GLY B 391 -0.32 -52.93 13.23
CA GLY B 391 -1.15 -53.13 14.41
C GLY B 391 -2.24 -54.14 14.16
N VAL B 392 -2.84 -54.10 12.97
CA VAL B 392 -3.84 -55.11 12.66
C VAL B 392 -3.17 -56.49 12.56
N ARG B 393 -1.94 -56.57 12.06
CA ARG B 393 -1.29 -57.89 11.86
C ARG B 393 -0.95 -58.53 13.20
N GLN B 394 -0.61 -57.71 14.18
CA GLN B 394 -0.32 -58.22 15.49
C GLN B 394 -1.54 -58.71 16.26
N ARG B 395 -2.74 -58.48 15.73
CA ARG B 395 -3.96 -58.77 16.51
C ARG B 395 -4.84 -59.79 15.81
N PRO B 396 -4.86 -61.02 16.34
CA PRO B 396 -5.59 -62.13 15.70
C PRO B 396 -7.07 -61.87 15.54
N PHE B 397 -7.68 -61.08 16.42
CA PHE B 397 -9.12 -60.81 16.29
C PHE B 397 -9.46 -59.74 15.23
N LEU B 398 -8.46 -59.02 14.74
CA LEU B 398 -8.66 -58.06 13.64
C LEU B 398 -8.31 -58.64 12.29
N ARG B 399 -9.06 -58.28 11.25
CA ARG B 399 -8.78 -58.74 9.89
C ARG B 399 -8.59 -57.55 8.98
N LEU B 400 -7.55 -57.58 8.17
CA LEU B 400 -7.36 -56.60 7.14
C LEU B 400 -8.29 -56.89 5.96
N ALA B 401 -8.85 -55.87 5.34
CA ALA B 401 -9.63 -56.08 4.13
C ALA B 401 -8.77 -56.67 3.02
N GLY B 402 -7.53 -56.23 2.92
CA GLY B 402 -6.58 -56.72 1.95
C GLY B 402 -5.31 -55.88 1.98
N GLU B 403 -4.40 -56.09 1.04
CA GLU B 403 -3.20 -55.25 0.93
C GLU B 403 -3.64 -53.82 0.61
N ILE B 404 -2.85 -52.84 1.05
CA ILE B 404 -3.13 -51.43 0.78
C ILE B 404 -2.33 -50.88 -0.40
N ASP B 405 -2.94 -49.98 -1.18
CA ASP B 405 -2.25 -49.28 -2.25
C ASP B 405 -2.02 -47.78 -1.94
N THR B 406 -2.75 -47.26 -0.97
CA THR B 406 -2.74 -45.85 -0.59
C THR B 406 -2.80 -45.70 0.94
N ASN B 407 -2.89 -44.47 1.46
CA ASN B 407 -2.90 -44.27 2.90
C ASN B 407 -4.28 -44.47 3.54
N ILE B 408 -4.92 -45.56 3.16
CA ILE B 408 -6.23 -45.96 3.63
C ILE B 408 -6.16 -47.40 4.07
N VAL B 409 -6.67 -47.68 5.25
CA VAL B 409 -6.70 -49.03 5.75
C VAL B 409 -8.08 -49.41 6.23
N CYS B 410 -8.69 -50.38 5.57
CA CYS B 410 -9.99 -50.90 5.95
C CYS B 410 -9.76 -52.22 6.67
N PHE B 411 -10.25 -52.32 7.89
CA PHE B 411 -10.12 -53.52 8.71
C PHE B 411 -11.33 -53.71 9.61
N ARG B 412 -11.52 -54.89 10.13
CA ARG B 412 -12.63 -55.05 11.08
C ARG B 412 -12.34 -56.15 12.08
N GLY B 413 -13.06 -56.12 13.20
CA GLY B 413 -13.00 -57.21 14.16
C GLY B 413 -13.78 -58.37 13.59
N GLU B 414 -13.18 -59.56 13.67
CA GLU B 414 -13.88 -60.83 13.45
C GLU B 414 -13.61 -61.72 14.69
N PRO B 415 -14.03 -61.25 15.88
CA PRO B 415 -13.70 -61.96 17.13
C PRO B 415 -14.23 -63.40 17.10
N ASP B 416 -13.35 -64.38 17.27
CA ASP B 416 -13.81 -65.76 17.12
C ASP B 416 -14.66 -66.28 18.27
N TRP B 417 -14.84 -65.46 19.30
CA TRP B 417 -15.69 -65.79 20.44
C TRP B 417 -17.09 -65.26 20.24
N LEU B 418 -17.38 -64.82 19.03
CA LEU B 418 -18.68 -64.25 18.77
C LEU B 418 -19.25 -64.87 17.51
N PRO B 419 -20.55 -65.12 17.50
CA PRO B 419 -21.15 -65.50 16.21
C PRO B 419 -20.96 -64.38 15.19
N ALA B 420 -20.69 -64.74 13.93
CA ALA B 420 -20.46 -63.75 12.90
C ALA B 420 -21.67 -62.81 12.79
N GLU B 421 -22.84 -63.28 13.22
CA GLU B 421 -24.07 -62.49 13.19
C GLU B 421 -23.99 -61.26 14.07
N ARG B 422 -23.03 -61.24 14.97
CA ARG B 422 -22.87 -60.15 15.89
C ARG B 422 -21.60 -59.31 15.61
N TRP B 423 -20.92 -59.56 14.50
CA TRP B 423 -19.67 -58.83 14.22
C TRP B 423 -20.00 -57.38 13.85
N ASP B 424 -21.06 -57.17 13.08
CA ASP B 424 -21.47 -55.79 12.75
C ASP B 424 -21.69 -54.98 14.04
N ASP B 425 -22.38 -55.56 15.02
CA ASP B 425 -22.60 -54.88 16.31
C ASP B 425 -21.31 -54.59 17.03
N TRP B 426 -20.39 -55.53 17.00
CA TRP B 426 -19.10 -55.38 17.67
C TRP B 426 -18.27 -54.23 17.04
N ASN B 427 -18.20 -54.21 15.72
CA ASN B 427 -17.44 -53.14 15.06
C ASN B 427 -18.12 -51.77 15.20
N ALA B 428 -19.45 -51.73 15.16
CA ALA B 428 -20.20 -50.50 15.43
C ALA B 428 -19.95 -49.97 16.84
N ALA B 429 -19.94 -50.88 17.81
CA ALA B 429 -19.68 -50.49 19.19
C ALA B 429 -18.24 -49.97 19.36
N LEU B 430 -17.29 -50.61 18.68
CA LEU B 430 -15.90 -50.19 18.75
C LEU B 430 -15.78 -48.80 18.13
N GLN B 431 -16.39 -48.59 16.97
CA GLN B 431 -16.32 -47.27 16.34
C GLN B 431 -16.86 -46.17 17.27
N ALA B 432 -17.98 -46.42 17.94
CA ALA B 432 -18.59 -45.43 18.84
C ALA B 432 -17.73 -45.15 20.08
N LEU B 433 -17.07 -46.18 20.59
CA LEU B 433 -16.20 -46.08 21.74
C LEU B 433 -14.91 -45.33 21.43
N LEU B 434 -14.30 -45.66 20.29
CA LEU B 434 -13.11 -44.95 19.87
C LEU B 434 -13.41 -43.46 19.82
N LEU B 435 -14.63 -43.13 19.40
CA LEU B 435 -14.99 -41.74 19.22
C LEU B 435 -15.28 -41.06 20.57
N ARG B 436 -16.13 -41.71 21.37
CA ARG B 436 -16.57 -41.19 22.66
C ARG B 436 -15.43 -41.08 23.67
N GLU B 437 -14.62 -42.12 23.83
CA GLU B 437 -13.56 -42.10 24.83
C GLU B 437 -12.17 -41.80 24.28
N GLY B 438 -11.89 -42.21 23.05
CA GLY B 438 -10.58 -41.90 22.48
C GLY B 438 -10.51 -40.62 21.66
N LYS B 439 -11.64 -39.98 21.41
CA LYS B 439 -11.71 -38.84 20.48
C LYS B 439 -11.04 -39.18 19.14
N ILE B 440 -11.28 -40.40 18.66
CA ILE B 440 -10.72 -40.87 17.41
C ILE B 440 -11.88 -41.27 16.51
N PHE B 441 -11.94 -40.69 15.30
CA PHE B 441 -13.01 -41.03 14.36
C PHE B 441 -12.52 -41.93 13.21
N LEU B 442 -13.05 -43.14 13.19
CA LEU B 442 -12.97 -44.05 12.06
C LEU B 442 -14.34 -44.08 11.39
N SER B 443 -14.42 -44.27 10.06
CA SER B 443 -15.74 -44.48 9.46
C SER B 443 -16.10 -45.97 9.48
N LEU B 444 -17.35 -46.27 9.12
CA LEU B 444 -17.87 -47.64 9.28
C LEU B 444 -18.70 -48.00 8.04
N PRO B 445 -18.03 -48.11 6.88
CA PRO B 445 -18.74 -48.41 5.64
C PRO B 445 -19.30 -49.81 5.63
N VAL B 446 -20.30 -50.04 4.78
CA VAL B 446 -20.73 -51.38 4.39
C VAL B 446 -19.80 -51.94 3.31
N TYR B 447 -19.23 -53.12 3.57
CA TYR B 447 -18.31 -53.68 2.58
C TYR B 447 -18.39 -55.17 2.63
N ARG B 448 -18.47 -55.80 1.46
CA ARG B 448 -18.60 -57.26 1.40
C ARG B 448 -19.75 -57.72 2.29
N GLY B 449 -20.85 -56.96 2.28
CA GLY B 449 -22.02 -57.33 3.06
C GLY B 449 -21.88 -57.18 4.58
N GLY B 450 -20.83 -56.51 5.06
CA GLY B 450 -20.63 -56.34 6.50
C GLY B 450 -20.19 -54.92 6.88
N ARG B 451 -20.16 -54.59 8.17
CA ARG B 451 -19.69 -53.28 8.58
C ARG B 451 -18.19 -53.38 8.89
N TRP B 452 -17.36 -52.61 8.18
CA TRP B 452 -15.89 -52.60 8.39
C TRP B 452 -15.47 -51.27 8.93
N LEU B 453 -14.35 -51.21 9.67
CA LEU B 453 -13.78 -49.94 10.09
C LEU B 453 -12.90 -49.41 8.98
N ARG B 454 -12.74 -48.10 8.92
CA ARG B 454 -12.00 -47.52 7.81
C ARG B 454 -11.22 -46.32 8.28
N ALA B 455 -9.89 -46.46 8.19
CA ALA B 455 -8.92 -45.37 8.45
C ALA B 455 -8.47 -44.69 7.17
N VAL B 456 -8.48 -43.37 7.16
CA VAL B 456 -7.95 -42.60 6.05
C VAL B 456 -6.92 -41.64 6.66
N LEU B 457 -5.64 -41.90 6.44
CA LEU B 457 -4.62 -41.20 7.24
C LEU B 457 -4.12 -39.94 6.53
N LEU B 458 -4.94 -38.87 6.64
CA LEU B 458 -4.74 -37.62 5.87
C LEU B 458 -4.24 -36.42 6.67
N ASN B 459 -4.69 -36.29 7.91
CA ASN B 459 -4.39 -35.11 8.71
C ASN B 459 -2.87 -35.04 8.90
N PRO B 460 -2.24 -33.93 8.49
CA PRO B 460 -0.80 -33.78 8.71
C PRO B 460 -0.42 -33.83 10.20
N TYR B 461 -1.37 -33.61 11.12
CA TYR B 461 -1.07 -33.60 12.57
C TYR B 461 -1.45 -34.89 13.29
N THR B 462 -1.95 -35.88 12.54
CA THR B 462 -2.09 -37.22 13.09
C THR B 462 -0.66 -37.82 13.28
N THR B 463 -0.41 -38.39 14.45
CA THR B 463 0.90 -38.93 14.76
C THR B 463 0.85 -40.41 15.07
N ASP B 464 2.01 -41.02 15.26
CA ASP B 464 2.12 -42.39 15.75
C ASP B 464 1.40 -42.60 17.07
N ALA B 465 1.48 -41.61 17.95
CA ALA B 465 0.80 -41.66 19.23
C ALA B 465 -0.72 -41.81 19.07
N VAL B 466 -1.33 -41.12 18.08
CA VAL B 466 -2.77 -41.29 17.86
C VAL B 466 -3.07 -42.76 17.48
N ILE B 467 -2.31 -43.30 16.55
CA ILE B 467 -2.47 -44.70 16.11
C ILE B 467 -2.31 -45.67 17.30
N ASP B 468 -1.27 -45.46 18.12
CA ASP B 468 -1.01 -46.34 19.27
C ASP B 468 -2.15 -46.20 20.26
N ALA B 469 -2.62 -44.98 20.44
CA ALA B 469 -3.78 -44.74 21.23
C ALA B 469 -5.01 -45.50 20.71
N PHE B 471 -5.15 -48.31 19.07
CA PHE B 471 -4.96 -49.75 19.29
C PHE B 471 -5.08 -50.09 20.77
N LYS B 472 -4.54 -49.22 21.63
CA LYS B 472 -4.72 -49.43 23.05
C LYS B 472 -6.22 -49.54 23.40
N GLN B 473 -7.05 -48.63 22.91
CA GLN B 473 -8.48 -48.69 23.24
C GLN B 473 -9.19 -49.86 22.58
N ILE B 474 -8.68 -50.29 21.44
CA ILE B 474 -9.21 -51.48 20.77
C ILE B 474 -8.93 -52.71 21.64
N ASP B 475 -7.70 -52.86 22.11
CA ASP B 475 -7.35 -53.96 23.03
C ASP B 475 -8.24 -53.96 24.30
N ARG B 476 -8.41 -52.79 24.90
CA ARG B 476 -9.28 -52.67 26.05
C ARG B 476 -10.73 -53.07 25.70
N PHE B 477 -11.20 -52.69 24.53
CA PHE B 477 -12.56 -53.08 24.12
C PHE B 477 -12.63 -54.59 23.89
N ALA B 478 -11.58 -55.15 23.30
CA ALA B 478 -11.59 -56.56 22.96
C ALA B 478 -11.61 -57.40 24.23
N GLY B 479 -10.80 -57.01 25.22
CA GLY B 479 -10.72 -57.74 26.48
C GLY B 479 -11.78 -57.36 27.48
N ARG B 480 -12.80 -56.65 27.01
CA ARG B 480 -13.94 -56.20 27.82
C ARG B 480 -13.51 -55.57 29.16
N ASN C 2 51.40 32.27 18.95
CA ASN C 2 52.21 31.19 18.44
C ASN C 2 52.04 31.06 16.94
N ALA C 3 50.95 30.45 16.51
CA ALA C 3 50.65 30.38 15.09
C ALA C 3 50.71 31.76 14.46
N ASP C 5 52.47 34.47 15.32
CA ASP C 5 53.78 35.08 15.19
C ASP C 5 54.48 34.44 14.02
N SER C 6 53.86 33.38 13.53
CA SER C 6 54.62 32.51 12.66
C SER C 6 54.61 33.07 11.23
N ARG C 7 55.55 32.62 10.42
CA ARG C 7 55.56 33.07 9.04
C ARG C 7 54.52 32.30 8.21
N PHE C 8 53.75 31.40 8.83
CA PHE C 8 52.80 30.61 8.06
C PHE C 8 51.36 31.15 8.10
N LEU C 9 51.16 32.26 8.77
CA LEU C 9 49.85 32.88 8.80
C LEU C 9 49.98 34.36 8.50
N PRO C 10 49.04 34.94 7.78
CA PRO C 10 49.09 36.39 7.63
C PRO C 10 48.77 37.09 8.95
N ALA C 11 49.42 38.24 9.15
CA ALA C 11 49.33 38.93 10.43
C ALA C 11 47.88 39.42 10.71
N THR C 12 47.03 39.45 9.70
CA THR C 12 45.63 39.79 9.90
C THR C 12 44.64 38.62 9.80
N ALA C 13 45.10 37.38 9.90
CA ALA C 13 44.21 36.22 9.78
C ALA C 13 43.11 36.22 10.85
N PHE C 14 43.46 36.70 12.04
CA PHE C 14 42.57 36.83 13.20
C PHE C 14 42.77 38.18 13.82
N ILE C 15 41.79 38.63 14.59
CA ILE C 15 41.93 39.87 15.34
C ILE C 15 42.52 39.60 16.70
N ASP C 16 43.70 40.16 16.94
CA ASP C 16 44.40 39.96 18.19
C ASP C 16 43.57 40.55 19.32
N PRO C 17 43.27 39.75 20.34
CA PRO C 17 42.31 40.26 21.34
C PRO C 17 42.97 41.19 22.38
N GLU C 18 44.26 41.39 22.23
CA GLU C 18 44.94 42.39 23.08
C GLU C 18 45.38 43.55 22.24
N GLY C 19 44.84 43.62 21.03
CA GLY C 19 45.02 44.84 20.24
C GLY C 19 46.30 44.94 19.44
N ARG C 20 47.16 43.90 19.48
CA ARG C 20 48.48 44.02 18.86
C ARG C 20 48.48 44.11 17.36
N ASN C 21 47.43 43.66 16.68
CA ASN C 21 47.40 43.93 15.22
C ASN C 21 46.29 44.88 14.83
N ARG C 22 45.84 45.70 15.79
N ARG C 22 45.87 45.71 15.78
CA ARG C 22 44.68 46.57 15.57
CA ARG C 22 44.71 46.55 15.58
C ARG C 22 44.78 47.38 14.27
C ARG C 22 44.77 47.40 14.31
N ASN C 23 45.91 48.02 14.05
CA ASN C 23 46.02 48.92 12.90
C ASN C 23 45.93 48.19 11.58
N GLU C 24 46.62 47.06 11.51
CA GLU C 24 46.60 46.22 10.32
C GLU C 24 45.18 45.71 10.09
N VAL C 25 44.56 45.24 11.15
CA VAL C 25 43.15 44.77 10.98
C VAL C 25 42.20 45.90 10.51
N GLU C 26 42.35 47.07 11.12
CA GLU C 26 41.48 48.20 10.78
C GLU C 26 41.61 48.56 9.30
N ARG C 27 42.83 48.55 8.79
CA ARG C 27 43.06 48.85 7.39
C ARG C 27 42.42 47.84 6.45
N LEU C 28 42.52 46.57 6.82
CA LEU C 28 41.97 45.55 5.97
C LEU C 28 40.45 45.64 6.01
N VAL C 29 39.90 45.76 7.20
CA VAL C 29 38.45 45.91 7.33
C VAL C 29 37.93 47.13 6.56
N GLN C 30 38.63 48.25 6.67
CA GLN C 30 38.19 49.47 5.98
C GLN C 30 38.15 49.34 4.43
N GLN C 31 39.12 48.64 3.85
CA GLN C 31 39.14 48.41 2.42
C GLN C 31 37.89 47.65 1.98
N VAL C 32 37.49 46.62 2.72
CA VAL C 32 36.27 45.86 2.36
C VAL C 32 35.04 46.72 2.54
N VAL C 33 34.98 47.44 3.64
CA VAL C 33 33.83 48.29 3.90
C VAL C 33 33.67 49.34 2.79
N ASP C 34 34.76 50.02 2.45
CA ASP C 34 34.70 51.08 1.43
C ASP C 34 34.28 50.52 0.07
N LEU C 35 34.74 49.31 -0.28
CA LEU C 35 34.40 48.71 -1.58
C LEU C 35 32.90 48.39 -1.59
N ILE C 36 32.45 47.72 -0.55
CA ILE C 36 31.04 47.32 -0.42
C ILE C 36 30.09 48.56 -0.45
N LEU C 37 30.45 49.61 0.29
CA LEU C 37 29.58 50.80 0.26
C LEU C 37 29.56 51.41 -1.12
N ALA C 38 30.74 51.48 -1.78
CA ALA C 38 30.76 51.97 -3.16
C ALA C 38 29.80 51.19 -4.05
N LYS C 39 29.85 49.86 -3.95
CA LYS C 39 28.96 49.01 -4.72
C LYS C 39 27.48 49.19 -4.34
N LEU C 40 27.17 49.40 -3.05
CA LEU C 40 25.76 49.54 -2.63
C LEU C 40 25.22 50.95 -2.90
N THR C 41 26.00 51.98 -2.52
CA THR C 41 25.51 53.36 -2.75
C THR C 41 25.54 53.63 -4.26
N GLY C 42 26.17 52.74 -5.05
CA GLY C 42 26.16 52.89 -6.49
C GLY C 42 25.48 51.73 -7.21
N ALA C 43 24.53 51.06 -6.54
CA ALA C 43 23.99 49.79 -7.08
C ALA C 43 23.22 50.00 -8.37
N ALA C 44 22.64 51.17 -8.58
CA ALA C 44 21.88 51.38 -9.81
C ALA C 44 22.79 51.41 -11.04
N GLU C 45 24.10 51.47 -10.82
CA GLU C 45 25.04 51.43 -11.96
C GLU C 45 25.29 50.01 -12.44
N ARG C 46 24.78 49.03 -11.72
CA ARG C 46 24.90 47.62 -12.10
C ARG C 46 23.52 47.13 -12.50
N PRO C 47 23.44 46.35 -13.58
CA PRO C 47 22.13 45.87 -14.03
C PRO C 47 21.53 44.89 -13.02
N PRO C 48 20.22 44.65 -13.08
CA PRO C 48 19.65 43.73 -12.07
C PRO C 48 20.18 42.31 -12.13
N PRO C 50 23.75 40.01 -13.64
CA PRO C 50 25.07 40.31 -14.21
C PRO C 50 25.09 39.94 -15.71
N GLU C 51 25.94 40.61 -16.47
CA GLU C 51 26.01 40.37 -17.92
C GLU C 51 27.29 39.64 -18.30
N ILE C 59 38.59 25.46 -9.46
CA ILE C 59 38.98 26.24 -8.28
C ILE C 59 40.10 25.51 -7.51
N THR C 60 41.10 26.22 -7.00
CA THR C 60 42.07 25.56 -6.10
C THR C 60 42.30 26.30 -4.80
N ILE C 61 42.35 25.55 -3.71
CA ILE C 61 42.65 26.13 -2.41
C ILE C 61 44.17 26.35 -2.32
N PRO C 62 44.64 27.60 -2.11
CA PRO C 62 46.09 27.84 -2.20
C PRO C 62 46.89 27.27 -1.00
N GLU C 63 48.18 26.98 -1.22
CA GLU C 63 49.07 26.57 -0.14
C GLU C 63 49.39 27.74 0.77
N ALA C 64 49.77 28.85 0.15
CA ALA C 64 50.23 30.06 0.85
C ALA C 64 49.06 31.07 0.95
N ALA C 65 49.06 31.90 1.98
CA ALA C 65 48.06 32.97 2.16
C ALA C 65 47.91 33.82 0.93
N ALA C 66 46.69 34.15 0.51
CA ALA C 66 46.47 35.07 -0.61
C ALA C 66 46.82 36.48 -0.18
N THR C 67 47.16 37.36 -1.12
CA THR C 67 47.41 38.73 -0.78
C THR C 67 46.11 39.53 -0.58
N GLU C 68 46.21 40.72 0.04
CA GLU C 68 45.04 41.53 0.23
C GLU C 68 44.49 41.96 -1.11
N ALA C 69 45.37 42.22 -2.09
CA ALA C 69 44.90 42.55 -3.45
C ALA C 69 44.09 41.41 -4.10
N THR C 70 44.56 40.17 -3.98
CA THR C 70 43.78 39.03 -4.49
C THR C 70 42.42 38.96 -3.81
N LEU C 71 42.41 39.14 -2.48
CA LEU C 71 41.14 39.00 -1.73
C LEU C 71 40.14 40.10 -2.10
N LEU C 72 40.63 41.32 -2.21
CA LEU C 72 39.74 42.41 -2.60
C LEU C 72 39.23 42.26 -4.04
N GLN C 73 40.07 41.72 -4.93
CA GLN C 73 39.66 41.52 -6.34
C GLN C 73 38.57 40.43 -6.39
N ALA C 74 38.71 39.43 -5.52
CA ALA C 74 37.74 38.36 -5.46
C ALA C 74 36.41 38.92 -5.01
N ILE C 75 36.44 39.85 -4.05
CA ILE C 75 35.20 40.43 -3.57
C ILE C 75 34.57 41.22 -4.71
N ARG C 76 35.38 42.00 -5.41
N ARG C 76 35.39 42.00 -5.41
CA ARG C 76 34.89 42.81 -6.52
CA ARG C 76 34.89 42.81 -6.51
C ARG C 76 34.26 41.94 -7.62
C ARG C 76 34.24 41.91 -7.59
N ASP C 77 34.91 40.82 -7.94
CA ASP C 77 34.39 39.91 -8.97
C ASP C 77 33.07 39.27 -8.53
N VAL C 79 30.89 40.41 -6.26
CA VAL C 79 29.79 41.38 -6.26
C VAL C 79 29.30 41.63 -7.71
N ASP C 80 30.25 41.86 -8.62
CA ASP C 80 29.90 42.14 -10.02
C ASP C 80 29.20 40.96 -10.70
N GLY C 81 29.50 39.72 -10.29
CA GLY C 81 28.80 38.59 -10.90
C GLY C 81 27.52 38.16 -10.21
N SER C 82 27.04 38.98 -9.28
CA SER C 82 25.90 38.60 -8.45
C SER C 82 24.60 39.25 -8.89
N ASN C 84 21.53 41.59 -8.44
CA ASN C 84 21.50 42.92 -7.88
C ASN C 84 20.07 43.41 -7.63
N PRO C 85 19.45 43.00 -6.54
CA PRO C 85 18.07 43.40 -6.25
C PRO C 85 17.98 44.81 -5.73
N ALA C 86 19.11 45.44 -5.48
CA ALA C 86 19.13 46.87 -5.21
C ALA C 86 18.72 47.71 -6.43
N ASN C 87 18.99 47.23 -7.63
CA ASN C 87 18.62 47.98 -8.83
C ASN C 87 17.11 48.21 -8.88
N PRO C 88 16.69 49.45 -9.10
CA PRO C 88 15.22 49.66 -9.16
C PRO C 88 14.45 48.85 -10.19
N GLY C 89 15.09 48.32 -11.25
CA GLY C 89 14.41 47.46 -12.21
C GLY C 89 14.34 45.99 -11.79
N TYR C 90 14.85 45.67 -10.61
CA TYR C 90 14.73 44.28 -10.15
C TYR C 90 13.34 44.11 -9.52
N ILE C 91 12.46 43.44 -10.23
CA ILE C 91 11.10 43.33 -9.74
C ILE C 91 10.58 41.92 -9.95
N GLY C 92 11.45 40.92 -9.88
CA GLY C 92 10.99 39.60 -10.29
C GLY C 92 10.88 38.48 -9.27
N HIS C 93 11.39 38.69 -8.05
CA HIS C 93 11.45 37.63 -7.03
C HIS C 93 11.18 38.16 -5.63
N ASP C 95 12.96 38.37 -3.22
CA ASP C 95 14.30 38.56 -2.73
C ASP C 95 14.65 40.04 -2.81
N PRO C 96 14.54 40.75 -1.71
CA PRO C 96 14.74 42.18 -1.69
C PRO C 96 16.17 42.63 -1.41
N PRO C 98 18.60 44.38 0.98
CA PRO C 98 18.53 44.26 2.43
C PRO C 98 18.45 45.61 3.17
N ALA C 99 17.77 45.61 4.30
CA ALA C 99 17.76 46.75 5.18
C ALA C 99 19.19 46.97 5.68
N THR C 100 19.54 48.22 5.89
CA THR C 100 20.89 48.59 6.28
C THR C 100 21.29 47.93 7.58
N ALA C 102 20.21 45.20 8.76
CA ALA C 102 20.34 43.74 8.56
C ALA C 102 21.76 43.38 8.14
N ILE C 103 22.30 44.19 7.23
CA ILE C 103 23.70 44.06 6.82
C ILE C 103 24.59 44.21 8.03
N LEU C 104 24.34 45.24 8.81
CA LEU C 104 25.16 45.51 9.96
C LEU C 104 24.95 44.46 11.06
N GLY C 105 23.72 43.99 11.19
CA GLY C 105 23.44 42.90 12.10
C GLY C 105 24.23 41.64 11.80
N ASP C 106 24.34 41.26 10.52
CA ASP C 106 25.14 40.06 10.22
C ASP C 106 26.65 40.31 10.49
N LEU C 107 27.12 41.55 10.38
CA LEU C 107 28.52 41.86 10.74
C LEU C 107 28.75 41.65 12.26
N VAL C 108 27.84 42.20 13.06
CA VAL C 108 27.84 42.01 14.49
C VAL C 108 27.77 40.49 14.83
N ALA C 109 26.78 39.78 14.27
CA ALA C 109 26.68 38.34 14.52
C ALA C 109 27.97 37.57 14.21
N ALA C 110 28.49 37.72 12.97
CA ALA C 110 29.75 37.00 12.61
C ALA C 110 30.91 37.38 13.55
N ALA C 111 30.98 38.63 14.00
CA ALA C 111 32.11 39.05 14.85
C ALA C 111 32.03 38.38 16.22
N VAL C 112 30.83 38.30 16.84
CA VAL C 112 30.83 37.66 18.17
C VAL C 112 30.76 36.13 18.00
N ASN C 113 30.32 35.69 16.84
CA ASN C 113 30.30 34.26 16.46
C ASN C 113 29.73 33.35 17.56
N ASN C 114 28.54 33.69 18.10
CA ASN C 114 27.95 32.82 19.09
C ASN C 114 27.18 31.70 18.34
N ASN C 115 26.62 30.76 19.07
CA ASN C 115 25.98 29.61 18.44
C ASN C 115 24.64 29.32 19.10
N LEU C 117 23.00 26.76 19.29
CA LEU C 117 22.80 25.40 19.67
C LEU C 117 22.41 25.27 21.18
N SER C 118 23.02 26.09 22.01
CA SER C 118 22.81 26.03 23.46
C SER C 118 22.90 27.42 24.09
N LEU C 119 22.28 27.53 25.25
CA LEU C 119 22.25 28.78 25.97
C LEU C 119 23.65 29.25 26.31
N GLU C 120 24.49 28.33 26.72
CA GLU C 120 25.83 28.70 27.12
C GLU C 120 26.69 29.23 25.96
N SER C 122 25.19 30.90 23.46
CA SER C 122 24.54 32.13 23.03
C SER C 122 23.71 32.73 24.16
N PRO C 123 24.33 33.16 25.25
CA PRO C 123 23.54 33.50 26.44
C PRO C 123 22.63 34.70 26.26
N SER C 124 23.08 35.72 25.59
CA SER C 124 22.17 36.77 25.24
C SER C 124 21.18 36.44 24.10
N PHE C 125 21.69 35.89 23.01
CA PHE C 125 20.89 35.67 21.82
C PHE C 125 19.75 34.69 21.99
N SER C 126 19.99 33.61 22.72
CA SER C 126 18.99 32.60 22.93
C SER C 126 17.77 33.14 23.66
N ARG C 127 18.01 33.93 24.69
CA ARG C 127 16.92 34.54 25.42
C ARG C 127 16.17 35.59 24.57
N LEU C 128 16.91 36.40 23.85
CA LEU C 128 16.33 37.38 22.97
C LEU C 128 15.48 36.72 21.88
N GLU C 129 15.98 35.65 21.27
CA GLU C 129 15.17 34.97 20.25
C GLU C 129 13.88 34.42 20.83
N THR C 130 13.96 33.75 21.97
CA THR C 130 12.75 33.17 22.57
C THR C 130 11.69 34.24 22.81
N LEU C 131 12.13 35.32 23.43
CA LEU C 131 11.21 36.39 23.76
C LEU C 131 10.66 37.08 22.51
N LEU C 132 11.54 37.41 21.58
CA LEU C 132 11.11 38.05 20.36
C LEU C 132 10.06 37.17 19.67
N LEU C 133 10.29 35.88 19.62
CA LEU C 133 9.37 35.01 18.93
C LEU C 133 8.02 34.88 19.63
N ARG C 134 8.05 34.90 20.94
CA ARG C 134 6.79 34.96 21.70
C ARG C 134 6.02 36.24 21.32
N ALA C 135 6.74 37.35 21.21
CA ALA C 135 6.11 38.64 20.90
C ALA C 135 5.51 38.60 19.47
N ILE C 136 6.24 37.98 18.54
CA ILE C 136 5.72 37.87 17.16
C ILE C 136 4.52 36.90 17.13
N ALA C 137 4.60 35.80 17.89
CA ALA C 137 3.51 34.86 17.88
C ALA C 137 2.23 35.58 18.40
N GLY C 138 2.44 36.54 19.32
CA GLY C 138 1.38 37.42 19.84
C GLY C 138 0.72 38.29 18.78
N LEU C 139 1.54 38.87 17.90
CA LEU C 139 1.02 39.65 16.78
C LEU C 139 0.17 38.79 15.84
N PHE C 140 0.54 37.53 15.68
CA PHE C 140 -0.29 36.62 14.88
C PHE C 140 -1.55 36.16 15.65
N GLY C 141 -1.65 36.41 16.95
CA GLY C 141 -2.85 36.07 17.69
C GLY C 141 -2.93 34.65 18.19
N LEU C 142 -1.78 33.98 18.26
CA LEU C 142 -1.68 32.59 18.64
C LEU C 142 -1.89 32.32 20.12
N GLY C 143 -1.91 33.37 20.93
CA GLY C 143 -2.20 33.26 22.35
C GLY C 143 -0.99 33.02 23.24
N GLU C 144 -1.23 32.81 24.53
CA GLU C 144 -0.16 32.99 25.51
C GLU C 144 0.80 31.79 25.65
N GLN C 145 0.44 30.64 25.09
CA GLN C 145 1.37 29.51 25.14
C GLN C 145 2.27 29.47 23.91
N ALA C 146 2.19 30.47 23.04
CA ALA C 146 2.77 30.33 21.69
C ALA C 146 4.23 30.77 21.70
N GLY C 147 5.01 30.29 20.74
CA GLY C 147 6.39 30.76 20.56
C GLY C 147 6.98 29.83 19.51
N GLY C 148 8.29 29.90 19.30
CA GLY C 148 8.89 29.00 18.32
C GLY C 148 10.36 29.28 18.21
N VAL C 149 10.95 28.93 17.06
CA VAL C 149 12.39 29.07 16.86
C VAL C 149 12.66 29.67 15.48
N LEU C 150 13.77 30.38 15.37
CA LEU C 150 14.21 30.79 14.05
C LEU C 150 14.85 29.57 13.37
N THR C 151 14.76 29.52 12.03
CA THR C 151 15.30 28.43 11.26
C THR C 151 15.95 29.03 10.01
N SER C 152 16.91 28.33 9.43
CA SER C 152 17.66 28.89 8.27
C SER C 152 16.79 28.68 7.03
N GLY C 153 15.69 29.42 6.93
CA GLY C 153 14.83 29.38 5.73
C GLY C 153 13.47 28.77 5.98
N GLY C 154 12.47 29.12 5.16
CA GLY C 154 11.11 28.68 5.39
C GLY C 154 10.96 27.20 5.06
N SER C 155 11.92 26.63 4.31
CA SER C 155 11.80 25.18 4.03
C SER C 155 11.97 24.38 5.29
N LEU C 156 12.92 24.78 6.12
CA LEU C 156 13.16 24.11 7.43
C LEU C 156 12.02 24.37 8.37
N ALA C 157 11.44 25.57 8.30
CA ALA C 157 10.27 25.82 9.15
C ALA C 157 9.10 24.90 8.80
N ASN C 158 8.81 24.77 7.50
CA ASN C 158 7.76 23.84 7.07
C ASN C 158 8.08 22.38 7.46
N LEU C 159 9.33 21.98 7.25
CA LEU C 159 9.75 20.63 7.62
C LEU C 159 9.49 20.39 9.09
N GLN C 160 9.88 21.33 9.95
CA GLN C 160 9.69 21.14 11.39
C GLN C 160 8.20 21.13 11.77
N ALA C 161 7.42 22.00 11.16
CA ALA C 161 5.98 21.94 11.46
C ALA C 161 5.37 20.58 11.09
N LEU C 162 5.65 20.12 9.89
CA LEU C 162 5.14 18.83 9.44
C LEU C 162 5.67 17.68 10.30
N ALA C 163 6.95 17.74 10.69
CA ALA C 163 7.51 16.72 11.60
C ALA C 163 6.73 16.69 12.90
N VAL C 164 6.41 17.85 13.47
CA VAL C 164 5.62 17.87 14.69
C VAL C 164 4.23 17.31 14.44
N ALA C 165 3.58 17.72 13.35
CA ALA C 165 2.21 17.26 13.09
C ALA C 165 2.25 15.71 12.98
N ARG C 166 3.27 15.18 12.31
CA ARG C 166 3.45 13.71 12.15
C ARG C 166 3.70 13.05 13.51
N ASN C 167 4.60 13.60 14.30
CA ASN C 167 4.87 13.00 15.61
C ASN C 167 3.69 12.97 16.55
N VAL C 168 2.86 14.03 16.51
CA VAL C 168 1.69 14.12 17.34
C VAL C 168 0.62 13.09 16.85
N ALA C 169 0.45 12.92 15.54
CA ALA C 169 -0.55 11.99 15.02
C ALA C 169 -0.13 10.52 15.22
N PHE C 170 1.16 10.23 15.12
CA PHE C 170 1.60 8.84 15.05
C PHE C 170 2.54 8.41 16.16
N ASP C 171 2.83 9.31 17.09
CA ASP C 171 3.74 8.99 18.20
C ASP C 171 5.07 8.42 17.65
N SER C 172 5.66 9.10 16.68
CA SER C 172 6.73 8.50 15.91
C SER C 172 8.15 8.89 16.36
N VAL C 173 8.30 9.67 17.42
CA VAL C 173 9.66 10.13 17.77
C VAL C 173 10.62 8.94 18.03
N GLU C 174 10.21 7.96 18.85
CA GLU C 174 11.08 6.85 19.16
C GLU C 174 10.96 5.67 18.15
N PRO C 175 9.73 5.29 17.76
CA PRO C 175 9.74 4.10 16.92
C PRO C 175 9.64 4.38 15.43
N GLY C 176 9.50 5.65 15.02
CA GLY C 176 9.42 5.93 13.58
C GLY C 176 8.06 5.61 13.04
N ILE C 177 7.91 5.67 11.72
CA ILE C 177 6.66 5.40 11.11
C ILE C 177 6.63 4.17 10.22
N THR C 178 7.64 3.31 10.23
CA THR C 178 7.59 2.20 9.25
C THR C 178 6.60 1.15 9.65
N GLY C 179 6.13 1.15 10.90
CA GLY C 179 5.16 0.11 11.22
C GLY C 179 3.77 0.33 10.62
N LEU C 180 3.51 1.52 10.05
CA LEU C 180 2.15 1.92 9.73
C LEU C 180 1.53 1.15 8.56
N ALA C 181 0.33 0.63 8.76
CA ALA C 181 -0.43 0.00 7.67
C ALA C 181 -1.18 1.01 6.78
N GLN C 182 -1.68 2.09 7.37
CA GLN C 182 -2.29 3.16 6.57
C GLN C 182 -1.29 4.32 6.32
N ARG C 183 -1.23 4.76 5.08
CA ARG C 183 -0.29 5.76 4.70
C ARG C 183 -0.67 7.15 5.21
N PRO C 184 0.23 7.83 5.92
CA PRO C 184 -0.08 9.22 6.29
C PRO C 184 -0.03 10.19 5.12
N VAL C 185 -0.97 11.11 5.06
CA VAL C 185 -1.02 12.06 3.95
C VAL C 185 -1.33 13.48 4.50
N ILE C 186 -0.99 14.48 3.72
CA ILE C 186 -1.28 15.88 4.09
C ILE C 186 -1.95 16.56 2.90
N PHE C 187 -2.72 17.62 3.16
CA PHE C 187 -3.37 18.31 2.05
C PHE C 187 -2.81 19.70 1.86
N ALA C 188 -2.65 20.16 0.63
CA ALA C 188 -2.22 21.52 0.40
C ALA C 188 -2.78 21.96 -0.94
N SER C 189 -2.92 23.25 -1.16
CA SER C 189 -3.33 23.78 -2.46
C SER C 189 -2.44 23.33 -3.60
N GLU C 190 -3.03 23.09 -4.78
CA GLU C 190 -2.23 22.78 -5.98
C GLU C 190 -1.33 23.96 -6.31
N ALA C 191 -1.57 25.13 -5.70
CA ALA C 191 -0.58 26.23 -5.79
C ALA C 191 0.49 26.30 -4.62
N ALA C 192 0.51 25.36 -3.71
CA ALA C 192 1.42 25.40 -2.55
C ALA C 192 2.89 25.05 -2.81
N HIS C 193 3.76 25.47 -1.90
CA HIS C 193 5.22 25.43 -2.09
C HIS C 193 5.83 24.04 -2.14
N THR C 194 6.78 23.85 -3.02
CA THR C 194 7.45 22.57 -3.21
C THR C 194 8.12 22.07 -1.91
N SER C 195 8.27 22.96 -0.93
CA SER C 195 8.98 22.60 0.26
C SER C 195 8.18 21.52 0.93
N LEU C 196 6.89 21.50 0.60
CA LEU C 196 6.02 20.52 1.17
C LEU C 196 6.39 19.15 0.61
N GLN C 197 6.57 19.01 -0.68
CA GLN C 197 6.95 17.72 -1.24
C GLN C 197 8.32 17.27 -0.72
N LYS C 198 9.27 18.19 -0.67
CA LYS C 198 10.58 17.87 -0.19
C LYS C 198 10.48 17.50 1.27
N ALA C 199 9.69 18.23 2.06
CA ALA C 199 9.56 17.86 3.47
C ALA C 199 8.93 16.49 3.62
N ALA C 200 7.90 16.23 2.83
CA ALA C 200 7.21 14.92 2.90
C ALA C 200 8.23 13.82 2.55
N LEU C 202 11.41 13.89 3.08
CA LEU C 202 12.41 13.84 4.13
C LEU C 202 11.83 13.09 5.30
N LEU C 203 10.53 13.33 5.57
CA LEU C 203 9.87 12.85 6.76
C LEU C 203 9.47 11.36 6.62
N GLY C 204 9.77 10.78 5.45
CA GLY C 204 9.51 9.37 5.19
C GLY C 204 8.10 9.11 4.68
N LEU C 205 7.39 10.17 4.33
CA LEU C 205 6.01 10.07 3.89
C LEU C 205 5.97 9.89 2.39
N GLY C 206 7.04 10.31 1.72
CA GLY C 206 7.14 10.32 0.26
C GLY C 206 6.54 11.56 -0.36
N THR C 207 7.01 11.94 -1.55
CA THR C 207 6.42 13.12 -2.21
C THR C 207 4.94 12.97 -2.50
N ALA C 208 4.47 11.74 -2.76
CA ALA C 208 3.07 11.51 -3.10
C ALA C 208 2.18 11.69 -1.89
N ALA C 209 2.76 11.84 -0.71
CA ALA C 209 1.90 11.99 0.45
C ALA C 209 1.24 13.39 0.48
N VAL C 210 1.68 14.30 -0.40
CA VAL C 210 1.12 15.67 -0.43
C VAL C 210 0.00 15.67 -1.46
N ILE C 211 -1.24 15.70 -1.01
CA ILE C 211 -2.38 15.59 -1.89
C ILE C 211 -2.79 17.00 -2.27
N PRO C 212 -2.76 17.34 -3.57
CA PRO C 212 -3.10 18.71 -3.99
C PRO C 212 -4.61 18.94 -3.98
N VAL C 213 -4.99 20.11 -3.55
CA VAL C 213 -6.37 20.50 -3.46
C VAL C 213 -6.63 21.55 -4.51
N ARG C 214 -7.78 21.48 -5.15
CA ARG C 214 -8.07 22.38 -6.23
C ARG C 214 -8.06 23.80 -5.73
N ALA C 215 -7.50 24.67 -6.55
CA ALA C 215 -7.52 26.09 -6.32
C ALA C 215 -8.44 26.79 -7.31
N THR C 216 -8.95 27.94 -6.91
CA THR C 216 -9.84 28.73 -7.72
C THR C 216 -9.11 29.42 -8.85
N ALA C 217 -9.83 30.15 -9.67
CA ALA C 217 -9.23 30.89 -10.76
C ALA C 217 -8.25 31.92 -10.20
N ASP C 218 -8.49 32.34 -8.98
CA ASP C 218 -7.65 33.32 -8.31
C ASP C 218 -6.55 32.67 -7.46
N SER C 219 -6.35 31.39 -7.67
CA SER C 219 -5.27 30.65 -7.03
C SER C 219 -5.42 30.56 -5.51
N ARG C 220 -6.65 30.46 -5.04
CA ARG C 220 -6.92 30.30 -3.61
C ARG C 220 -7.49 28.91 -3.37
N ASP C 222 -9.64 25.77 -2.61
CA ASP C 222 -11.08 25.56 -2.53
C ASP C 222 -11.45 24.62 -1.39
N PRO C 223 -12.13 25.16 -0.37
CA PRO C 223 -12.52 24.44 0.83
C PRO C 223 -13.46 23.30 0.49
N GLU C 224 -14.37 23.48 -0.48
CA GLU C 224 -15.25 22.34 -0.88
C GLU C 224 -14.39 21.17 -1.39
N ASP C 225 -13.40 21.48 -2.22
CA ASP C 225 -12.50 20.43 -2.68
C ASP C 225 -11.65 19.84 -1.55
N LEU C 226 -11.20 20.64 -0.58
CA LEU C 226 -10.46 20.06 0.55
C LEU C 226 -11.29 18.96 1.18
N ARG C 227 -12.56 19.28 1.45
CA ARG C 227 -13.46 18.34 2.09
C ARG C 227 -13.58 17.03 1.30
N ALA C 228 -13.76 17.15 -0.02
CA ALA C 228 -13.86 16.00 -0.89
C ALA C 228 -12.56 15.19 -0.88
N ARG C 229 -11.41 15.86 -0.88
CA ARG C 229 -10.14 15.14 -0.91
C ARG C 229 -9.90 14.39 0.40
N ILE C 230 -10.40 14.94 1.50
CA ILE C 230 -10.22 14.28 2.79
C ILE C 230 -11.04 12.98 2.83
N ASP C 231 -12.26 13.05 2.28
CA ASP C 231 -13.11 11.88 2.24
C ASP C 231 -12.54 10.79 1.36
N GLN C 232 -11.98 11.17 0.21
CA GLN C 232 -11.39 10.19 -0.68
C GLN C 232 -10.23 9.50 0.01
N ALA C 233 -9.45 10.30 0.74
CA ALA C 233 -8.27 9.76 1.36
C ALA C 233 -8.68 8.70 2.37
N ARG C 234 -9.65 9.01 3.24
CA ARG C 234 -10.11 8.07 4.25
C ARG C 234 -10.70 6.84 3.53
N GLY C 235 -11.43 7.08 2.44
CA GLY C 235 -12.04 5.99 1.70
C GLY C 235 -10.99 5.07 1.12
N ALA C 236 -9.82 5.64 0.83
CA ALA C 236 -8.76 4.85 0.22
C ALA C 236 -7.87 4.25 1.30
N GLY C 237 -8.29 4.35 2.56
CA GLY C 237 -7.50 3.74 3.62
C GLY C 237 -6.21 4.52 3.92
N GLN C 238 -6.22 5.82 3.61
CA GLN C 238 -5.08 6.67 4.03
C GLN C 238 -5.38 7.34 5.35
N HIS C 239 -4.35 7.94 5.95
CA HIS C 239 -4.48 8.54 7.26
C HIS C 239 -4.04 9.99 7.18
N PRO C 240 -4.97 10.90 6.79
CA PRO C 240 -4.77 12.38 6.81
C PRO C 240 -4.32 12.81 8.18
N PHE C 241 -3.36 13.72 8.31
CA PHE C 241 -2.96 14.20 9.64
C PHE C 241 -2.65 15.72 9.65
N CYS C 242 -2.68 16.38 8.49
CA CYS C 242 -2.30 17.79 8.40
C CYS C 242 -2.89 18.45 7.17
N VAL C 243 -3.33 19.71 7.32
CA VAL C 243 -3.71 20.54 6.19
C VAL C 243 -2.81 21.76 6.22
N VAL C 244 -2.20 22.09 5.08
CA VAL C 244 -1.39 23.30 4.98
C VAL C 244 -2.13 24.38 4.18
N ALA C 245 -2.46 25.49 4.79
CA ALA C 245 -2.98 26.64 4.06
C ALA C 245 -1.85 27.60 3.75
N THR C 246 -1.89 28.24 2.59
CA THR C 246 -0.82 29.15 2.20
C THR C 246 -1.24 30.63 2.18
N ALA C 247 -0.56 31.44 2.98
CA ALA C 247 -0.85 32.86 2.99
C ALA C 247 0.20 33.62 2.19
N GLY C 248 -0.06 33.78 0.90
CA GLY C 248 0.88 34.32 -0.06
C GLY C 248 1.62 33.25 -0.84
N THR C 249 0.95 32.71 -1.86
CA THR C 249 1.52 31.64 -2.65
C THR C 249 2.73 32.15 -3.43
N THR C 250 3.70 31.29 -3.63
CA THR C 250 4.94 31.73 -4.24
C THR C 250 4.76 32.31 -5.65
N THR C 251 3.97 31.67 -6.51
CA THR C 251 3.91 32.16 -7.88
C THR C 251 3.03 33.39 -8.02
N THR C 252 1.83 33.37 -7.48
CA THR C 252 0.87 34.46 -7.67
C THR C 252 0.62 35.35 -6.45
N GLY C 253 1.23 35.03 -5.29
CA GLY C 253 1.05 35.88 -4.12
C GLY C 253 -0.34 35.86 -3.50
N ASN C 254 -1.11 34.79 -3.76
CA ASN C 254 -2.48 34.76 -3.25
C ASN C 254 -2.62 34.13 -1.88
N ILE C 255 -3.72 34.42 -1.20
CA ILE C 255 -3.90 33.95 0.19
C ILE C 255 -5.10 33.01 0.26
N ASP C 256 -4.89 31.81 0.80
CA ASP C 256 -5.95 30.80 0.96
C ASP C 256 -7.02 31.35 1.93
N PRO C 257 -8.25 30.82 1.87
CA PRO C 257 -9.24 31.33 2.85
C PRO C 257 -8.99 30.65 4.19
N LEU C 258 -8.14 31.27 5.01
CA LEU C 258 -7.60 30.58 6.19
C LEU C 258 -8.63 30.14 7.24
N ALA C 259 -9.68 30.93 7.45
CA ALA C 259 -10.65 30.58 8.45
C ALA C 259 -11.42 29.32 8.02
N GLU C 260 -11.84 29.29 6.75
CA GLU C 260 -12.66 28.14 6.25
C GLU C 260 -11.79 26.88 6.22
N ILE C 261 -10.53 27.00 5.76
CA ILE C 261 -9.66 25.80 5.68
C ILE C 261 -9.34 25.30 7.09
N GLY C 262 -9.06 26.23 8.00
CA GLY C 262 -8.79 25.85 9.39
C GLY C 262 -10.01 25.22 10.04
N ALA C 263 -11.21 25.67 9.67
CA ALA C 263 -12.40 25.04 10.26
C ALA C 263 -12.54 23.56 9.83
N ILE C 264 -12.26 23.31 8.55
CA ILE C 264 -12.25 21.94 8.06
C ILE C 264 -11.19 21.06 8.73
N ALA C 265 -9.97 21.58 8.87
CA ALA C 265 -8.93 20.82 9.48
C ALA C 265 -9.34 20.42 10.85
N ARG C 266 -9.89 21.37 11.58
CA ARG C 266 -10.24 21.12 13.00
C ARG C 266 -11.41 20.14 13.12
N GLU C 267 -12.31 20.22 12.17
CA GLU C 267 -13.46 19.34 12.15
C GLU C 267 -12.95 17.90 11.99
N HIS C 268 -11.87 17.70 11.23
CA HIS C 268 -11.39 16.35 10.98
C HIS C 268 -10.19 15.92 11.85
N GLY C 269 -9.87 16.69 12.88
CA GLY C 269 -8.81 16.29 13.79
C GLY C 269 -7.43 16.46 13.19
N LEU C 270 -7.29 17.31 12.16
CA LEU C 270 -6.00 17.49 11.48
C LEU C 270 -5.22 18.72 11.98
N TRP C 271 -3.91 18.58 12.07
CA TRP C 271 -3.06 19.70 12.31
C TRP C 271 -3.26 20.77 11.27
N PHE C 272 -3.40 22.03 11.70
CA PHE C 272 -3.55 23.12 10.76
C PHE C 272 -2.29 23.98 10.74
N HIS C 273 -1.58 23.92 9.64
CA HIS C 273 -0.31 24.65 9.50
C HIS C 273 -0.52 25.75 8.50
N VAL C 274 -0.09 26.98 8.80
CA VAL C 274 -0.27 28.00 7.80
C VAL C 274 1.11 28.40 7.28
N ASP C 275 1.34 28.29 5.97
CA ASP C 275 2.62 28.69 5.41
C ASP C 275 2.45 30.14 5.04
N ALA C 276 2.86 31.03 5.94
CA ALA C 276 2.75 32.47 5.71
C ALA C 276 4.15 33.05 5.46
N ALA C 277 5.02 32.24 4.85
CA ALA C 277 6.40 32.66 4.60
C ALA C 277 6.47 34.13 4.09
N TYR C 278 5.67 34.41 3.05
CA TYR C 278 5.61 35.72 2.45
C TYR C 278 4.56 36.58 3.12
N GLY C 279 3.30 36.12 3.11
CA GLY C 279 2.19 36.96 3.51
C GLY C 279 2.10 37.26 4.98
N GLY C 280 2.80 36.52 5.82
CA GLY C 280 2.81 36.81 7.26
C GLY C 280 3.18 38.24 7.61
N ALA C 281 3.89 38.93 6.71
CA ALA C 281 4.32 40.31 6.97
C ALA C 281 3.14 41.29 7.12
N LEU C 282 1.96 40.88 6.64
CA LEU C 282 0.75 41.71 6.73
C LEU C 282 0.36 41.93 8.19
N VAL C 283 0.96 41.16 9.07
CA VAL C 283 0.66 41.35 10.49
C VAL C 283 1.09 42.76 10.93
N PHE C 284 1.96 43.39 10.15
CA PHE C 284 2.36 44.75 10.52
C PHE C 284 1.49 45.85 9.88
N SER C 285 0.46 45.49 9.12
CA SER C 285 -0.35 46.47 8.37
C SER C 285 -1.79 46.47 8.81
N GLU C 286 -2.22 47.50 9.55
CA GLU C 286 -3.62 47.52 9.99
C GLU C 286 -4.49 47.53 8.75
N ARG C 287 -4.01 48.13 7.69
CA ARG C 287 -4.75 48.22 6.46
C ARG C 287 -5.06 46.86 5.82
N HIS C 288 -4.14 45.93 5.93
CA HIS C 288 -4.25 44.70 5.18
C HIS C 288 -4.31 43.45 6.05
N ARG C 289 -4.12 43.61 7.34
CA ARG C 289 -4.05 42.48 8.25
C ARG C 289 -5.28 41.55 8.21
N TRP C 290 -6.44 42.12 7.84
CA TRP C 290 -7.68 41.34 7.83
C TRP C 290 -7.58 40.18 6.83
N ARG C 291 -6.75 40.37 5.81
CA ARG C 291 -6.50 39.33 4.83
C ARG C 291 -6.03 38.02 5.44
N LEU C 292 -5.40 38.08 6.63
CA LEU C 292 -4.95 36.87 7.31
C LEU C 292 -5.99 36.32 8.30
N ALA C 293 -7.23 36.81 8.26
CA ALA C 293 -8.21 36.35 9.28
C ALA C 293 -8.31 34.80 9.30
N GLY C 294 -8.25 34.19 10.47
CA GLY C 294 -8.20 32.75 10.55
C GLY C 294 -6.82 32.22 10.93
N ILE C 295 -5.78 33.01 10.69
CA ILE C 295 -4.43 32.54 11.01
C ILE C 295 -4.24 32.35 12.52
N GLU C 296 -5.02 33.07 13.32
CA GLU C 296 -4.83 33.07 14.78
C GLU C 296 -5.21 31.71 15.38
N GLN C 297 -5.94 30.88 14.62
CA GLN C 297 -6.26 29.53 15.11
C GLN C 297 -5.33 28.43 14.66
N ALA C 298 -4.31 28.79 13.89
CA ALA C 298 -3.38 27.77 13.37
C ALA C 298 -2.71 26.96 14.50
N ASP C 299 -2.40 25.68 14.27
CA ASP C 299 -1.46 24.98 15.17
C ASP C 299 -0.03 25.43 15.00
N SER C 300 0.33 25.81 13.77
CA SER C 300 1.71 26.30 13.51
C SER C 300 1.68 27.27 12.34
N ILE C 301 2.69 28.13 12.30
CA ILE C 301 2.81 29.15 11.26
C ILE C 301 4.25 29.20 10.81
N THR C 302 4.47 29.21 9.52
CA THR C 302 5.80 29.55 8.98
C THR C 302 5.77 31.02 8.56
N PHE C 303 6.82 31.78 8.88
CA PHE C 303 6.87 33.20 8.51
C PHE C 303 8.33 33.55 8.17
N ASN C 304 8.61 34.19 7.03
CA ASN C 304 10.01 34.50 6.61
C ASN C 304 10.26 36.06 6.52
N PRO C 305 10.76 36.69 7.59
CA PRO C 305 11.22 38.09 7.50
C PRO C 305 12.21 38.36 6.37
N GLN C 306 12.96 37.33 5.91
CA GLN C 306 13.90 37.59 4.80
C GLN C 306 13.15 38.00 3.51
N TRP C 308 9.37 39.75 2.86
CA TRP C 308 8.75 41.07 2.93
C TRP C 308 9.14 41.95 4.11
N LEU C 309 9.98 41.49 5.03
CA LEU C 309 10.50 42.42 6.05
C LEU C 309 11.96 42.87 5.76
N TYR C 310 12.50 42.48 4.61
CA TYR C 310 13.74 43.05 4.14
C TYR C 310 14.97 42.66 4.96
N VAL C 311 14.85 41.60 5.73
CA VAL C 311 15.98 41.07 6.48
C VAL C 311 16.89 40.24 5.57
N ALA C 312 18.18 40.47 5.65
CA ALA C 312 19.11 39.78 4.79
C ALA C 312 19.02 38.27 5.03
N LYS C 313 19.09 37.48 3.98
CA LYS C 313 18.94 36.05 4.10
C LYS C 313 20.01 35.44 5.01
N THR C 314 19.68 34.44 5.80
CA THR C 314 18.34 33.88 5.93
C THR C 314 17.71 34.33 7.21
N CYS C 315 16.40 34.48 7.19
CA CYS C 315 15.66 34.74 8.40
C CYS C 315 14.24 34.22 8.27
N ALA C 316 13.96 33.16 8.98
CA ALA C 316 12.66 32.52 8.95
C ALA C 316 12.36 31.93 10.32
N VAL C 318 9.43 29.13 12.59
CA VAL C 318 8.23 28.36 12.79
C VAL C 318 7.70 28.67 14.18
N LEU C 319 6.42 28.97 14.24
CA LEU C 319 5.72 29.30 15.46
C LEU C 319 4.68 28.24 15.77
N PHE C 320 4.57 27.87 17.04
CA PHE C 320 3.56 26.88 17.47
C PHE C 320 2.61 27.53 18.44
N ARG C 321 1.32 27.29 18.32
CA ARG C 321 0.37 27.88 19.25
C ARG C 321 0.65 27.36 20.65
N ASP C 322 1.15 26.13 20.71
CA ASP C 322 1.58 25.59 22.00
C ASP C 322 3.05 25.23 21.93
N ALA C 323 3.94 26.14 22.34
CA ALA C 323 5.38 25.93 22.19
C ALA C 323 5.80 24.68 22.96
N GLY C 324 5.04 24.32 24.01
CA GLY C 324 5.32 23.09 24.76
C GLY C 324 5.26 21.78 23.95
N VAL C 325 4.59 21.83 22.81
CA VAL C 325 4.52 20.70 21.91
C VAL C 325 5.91 20.26 21.45
N LEU C 326 6.85 21.20 21.36
CA LEU C 326 8.20 20.89 20.97
C LEU C 326 8.88 19.94 21.95
N GLU C 327 8.64 20.15 23.24
CA GLU C 327 9.11 19.24 24.27
C GLU C 327 8.49 17.86 24.21
N ARG C 328 7.18 17.79 23.99
CA ARG C 328 6.44 16.55 23.85
C ARG C 328 6.63 15.70 22.60
N ALA C 329 6.72 16.36 21.46
CA ALA C 329 6.66 15.69 20.19
C ALA C 329 7.75 16.04 19.19
N PHE C 330 8.89 16.48 19.69
CA PHE C 330 10.02 16.76 18.83
C PHE C 330 11.35 16.44 19.48
N ARG C 331 11.57 17.04 20.64
CA ARG C 331 12.82 16.95 21.35
C ARG C 331 13.13 15.50 21.61
N ILE C 332 14.35 15.10 21.31
CA ILE C 332 14.73 13.71 21.51
C ILE C 332 15.04 13.40 22.97
N PRO C 333 14.79 12.17 23.40
CA PRO C 333 15.10 11.81 24.80
C PRO C 333 16.56 12.04 25.18
N PRO C 335 23.79 16.06 25.19
CA PRO C 335 24.56 15.91 26.45
C PRO C 335 25.98 16.50 26.41
N TYR C 336 26.18 17.72 25.89
CA TYR C 336 27.55 18.24 25.73
C TYR C 336 27.87 19.45 26.58
N ARG C 338 26.98 21.78 30.58
CA ARG C 338 26.37 21.90 31.90
C ARG C 338 24.85 22.09 31.77
N ALA C 339 24.11 21.43 32.65
CA ALA C 339 22.68 21.67 32.83
C ALA C 339 22.42 23.19 32.86
N THR C 340 21.33 23.63 32.24
CA THR C 340 20.91 25.02 32.35
C THR C 340 20.01 25.14 33.60
N ASP C 341 19.42 26.33 33.81
CA ASP C 341 18.47 26.53 34.89
C ASP C 341 17.07 26.01 34.51
N GLY C 342 16.98 25.22 33.43
CA GLY C 342 15.71 24.70 32.95
C GLY C 342 15.32 25.19 31.55
N PHE C 343 15.97 26.27 31.09
CA PHE C 343 15.74 26.77 29.73
C PHE C 343 16.11 25.72 28.78
N ILE C 344 15.37 25.68 27.70
CA ILE C 344 15.73 24.67 26.72
C ILE C 344 16.73 25.22 25.73
N ASN C 345 17.88 24.59 25.70
CA ASN C 345 18.81 24.81 24.62
C ASN C 345 18.07 24.69 23.25
N LEU C 346 18.15 25.73 22.44
CA LEU C 346 17.34 25.81 21.23
C LEU C 346 17.68 24.70 20.22
N GLY C 347 18.92 24.22 20.19
CA GLY C 347 19.29 23.06 19.38
C GLY C 347 18.38 21.83 19.61
N GLU C 348 17.90 21.64 20.82
CA GLU C 348 17.08 20.45 21.11
C GLU C 348 15.68 20.50 20.54
N ILE C 349 15.23 21.69 20.17
CA ILE C 349 13.87 21.83 19.68
C ILE C 349 13.86 22.45 18.25
N GLY C 350 14.95 22.30 17.51
CA GLY C 350 14.96 22.77 16.11
C GLY C 350 15.44 21.66 15.22
N VAL C 351 15.22 21.76 13.91
CA VAL C 351 15.83 20.82 13.02
C VAL C 351 17.38 20.96 13.04
N GLN C 352 17.84 22.21 13.03
CA GLN C 352 19.27 22.46 13.18
C GLN C 352 19.77 22.30 14.60
N GLY C 353 21.08 22.02 14.74
CA GLY C 353 21.74 22.08 16.03
C GLY C 353 22.44 23.43 16.05
N THR C 354 23.69 23.48 15.61
CA THR C 354 24.35 24.75 15.43
C THR C 354 23.65 25.61 14.43
N ARG C 355 23.51 26.87 14.78
CA ARG C 355 22.80 27.78 13.96
C ARG C 355 23.33 29.20 14.16
N HIS C 356 23.38 29.96 13.09
CA HIS C 356 23.84 31.33 13.08
C HIS C 356 22.83 32.23 13.81
N ALA C 357 23.31 33.29 14.43
CA ALA C 357 22.45 34.12 15.24
C ALA C 357 21.69 35.13 14.39
N ASP C 358 20.69 34.65 13.66
CA ASP C 358 19.82 35.49 12.84
C ASP C 358 19.03 36.49 13.67
N VAL C 359 18.88 36.21 14.94
CA VAL C 359 18.10 37.08 15.80
C VAL C 359 18.68 38.51 15.80
N VAL C 360 20.00 38.63 15.70
CA VAL C 360 20.62 39.95 15.71
C VAL C 360 20.19 40.87 14.55
N LYS C 361 20.25 40.41 13.32
CA LYS C 361 19.75 41.26 12.24
C LYS C 361 18.22 41.44 12.30
N LEU C 362 17.51 40.41 12.73
CA LEU C 362 16.05 40.49 12.82
C LEU C 362 15.67 41.64 13.80
N TRP C 363 16.19 41.56 15.01
CA TRP C 363 15.82 42.51 16.05
C TRP C 363 16.26 43.94 15.73
N LEU C 364 17.46 44.09 15.16
CA LEU C 364 17.95 45.41 14.84
C LEU C 364 17.15 45.95 13.69
N THR C 365 16.76 45.07 12.77
CA THR C 365 15.97 45.52 11.63
C THR C 365 14.56 45.93 12.04
N LEU C 366 13.92 45.12 12.84
CA LEU C 366 12.57 45.47 13.31
C LEU C 366 12.53 46.83 14.03
N GLN C 367 13.53 47.09 14.86
CA GLN C 367 13.62 48.38 15.60
C GLN C 367 13.89 49.58 14.74
N HIS C 368 14.72 49.43 13.72
CA HIS C 368 15.07 50.57 12.91
C HIS C 368 13.93 50.90 11.98
N ILE C 369 13.20 49.89 11.50
CA ILE C 369 12.14 50.25 10.56
C ILE C 369 10.86 50.50 11.33
N GLY C 370 10.63 49.73 12.39
CA GLY C 370 9.37 49.80 13.14
C GLY C 370 8.09 49.34 12.43
N GLN C 371 7.01 49.08 13.19
CA GLN C 371 5.74 48.66 12.56
C GLN C 371 5.18 49.65 11.55
N GLN C 372 5.32 50.96 11.82
CA GLN C 372 4.84 51.99 10.90
C GLN C 372 5.60 52.06 9.60
N GLY C 373 6.91 51.83 9.65
CA GLY C 373 7.72 51.73 8.45
C GLY C 373 7.26 50.58 7.57
N TYR C 374 7.07 49.43 8.18
CA TYR C 374 6.61 48.26 7.44
C TYR C 374 5.21 48.47 6.88
N ALA C 375 4.32 49.04 7.69
CA ALA C 375 2.96 49.35 7.17
C ALA C 375 3.04 50.17 5.89
N ARG C 376 3.98 51.11 5.89
CA ARG C 376 4.14 51.99 4.74
C ARG C 376 4.84 51.33 3.54
N LEU C 377 5.88 50.54 3.81
CA LEU C 377 6.52 49.74 2.76
C LEU C 377 5.48 48.84 2.07
N ILE C 378 4.67 48.18 2.91
CA ILE C 378 3.63 47.28 2.40
C ILE C 378 2.60 48.02 1.51
N ASP C 379 2.10 49.17 2.00
CA ASP C 379 1.26 50.06 1.15
C ASP C 379 1.87 50.40 -0.20
N ASP C 380 3.14 50.78 -0.20
CA ASP C 380 3.74 51.13 -1.49
C ASP C 380 3.89 49.93 -2.42
N GLY C 381 4.16 48.76 -1.85
CA GLY C 381 4.20 47.55 -2.65
C GLY C 381 2.85 47.31 -3.34
N TYR C 382 1.79 47.38 -2.58
CA TYR C 382 0.44 47.23 -3.16
C TYR C 382 0.14 48.27 -4.26
N ARG C 383 0.55 49.52 -4.05
CA ARG C 383 0.24 50.55 -5.04
C ARG C 383 0.98 50.27 -6.37
N LEU C 384 2.26 49.87 -6.30
CA LEU C 384 2.93 49.44 -7.53
C LEU C 384 2.25 48.21 -8.16
N ALA C 385 1.87 47.22 -7.34
CA ALA C 385 1.19 46.04 -7.88
C ALA C 385 -0.06 46.43 -8.70
N GLU C 386 -0.86 47.32 -8.15
CA GLU C 386 -2.09 47.77 -8.81
C GLU C 386 -1.80 48.48 -10.13
N ARG C 387 -0.70 49.21 -10.18
CA ARG C 387 -0.30 49.84 -11.42
C ARG C 387 0.04 48.77 -12.47
N VAL C 388 0.71 47.70 -12.06
CA VAL C 388 0.93 46.58 -12.99
C VAL C 388 -0.44 45.98 -13.42
N VAL C 389 -1.37 45.84 -12.48
CA VAL C 389 -2.63 45.16 -12.79
C VAL C 389 -3.42 46.05 -13.80
N GLU C 390 -3.46 47.35 -13.56
CA GLU C 390 -4.13 48.26 -14.49
C GLU C 390 -3.50 48.16 -15.88
N GLY C 391 -2.18 48.22 -15.93
CA GLY C 391 -1.51 48.09 -17.22
C GLY C 391 -1.86 46.81 -17.98
N VAL C 392 -2.04 45.70 -17.28
CA VAL C 392 -2.38 44.44 -17.93
C VAL C 392 -3.83 44.48 -18.45
N ARG C 393 -4.71 45.15 -17.71
CA ARG C 393 -6.11 45.27 -18.06
C ARG C 393 -6.28 45.91 -19.43
N GLN C 394 -5.59 47.03 -19.60
CA GLN C 394 -5.60 47.83 -20.81
C GLN C 394 -5.06 47.10 -22.05
N ARG C 395 -4.53 45.89 -21.90
CA ARG C 395 -3.82 45.25 -23.02
C ARG C 395 -4.29 43.83 -23.33
N PRO C 396 -5.18 43.70 -24.34
CA PRO C 396 -5.95 42.47 -24.61
C PRO C 396 -5.07 41.26 -24.86
N PHE C 397 -3.83 41.50 -25.26
CA PHE C 397 -2.91 40.40 -25.52
C PHE C 397 -2.24 39.88 -24.22
N LEU C 398 -2.34 40.66 -23.14
CA LEU C 398 -1.82 40.23 -21.82
C LEU C 398 -2.89 39.62 -20.93
N ARG C 399 -2.69 38.42 -20.39
CA ARG C 399 -3.68 37.86 -19.48
C ARG C 399 -3.17 37.80 -18.04
N LEU C 400 -3.93 38.36 -17.12
CA LEU C 400 -3.69 38.24 -15.68
C LEU C 400 -3.95 36.81 -15.20
N ALA C 401 -3.12 36.32 -14.27
CA ALA C 401 -3.31 35.00 -13.70
C ALA C 401 -4.59 34.88 -12.90
N GLY C 402 -4.92 35.93 -12.16
CA GLY C 402 -6.10 36.02 -11.34
C GLY C 402 -6.04 37.31 -10.56
N GLU C 403 -6.96 37.50 -9.63
CA GLU C 403 -6.96 38.62 -8.70
C GLU C 403 -5.73 38.53 -7.80
N ILE C 404 -5.27 39.65 -7.28
CA ILE C 404 -4.08 39.70 -6.44
C ILE C 404 -4.43 39.90 -4.96
N ASP C 405 -3.73 39.22 -4.05
CA ASP C 405 -3.90 39.41 -2.61
C ASP C 405 -2.74 40.17 -1.93
N THR C 406 -1.59 40.21 -2.60
CA THR C 406 -0.36 40.81 -2.11
C THR C 406 0.31 41.57 -3.25
N ASN C 407 1.52 42.08 -3.03
CA ASN C 407 2.18 42.91 -4.02
C ASN C 407 2.90 42.07 -5.07
N ILE C 408 2.23 41.05 -5.55
CA ILE C 408 2.74 40.14 -6.54
C ILE C 408 1.73 40.08 -7.70
N VAL C 409 2.23 40.18 -8.91
CA VAL C 409 1.39 40.09 -10.10
C VAL C 409 1.95 39.10 -11.11
N CYS C 410 1.16 38.09 -11.44
CA CYS C 410 1.55 37.12 -12.41
C CYS C 410 0.64 37.32 -13.65
N PHE C 411 1.28 37.46 -14.81
CA PHE C 411 0.60 37.65 -16.07
C PHE C 411 1.44 37.10 -17.19
N ARG C 412 0.78 36.82 -18.31
CA ARG C 412 1.46 36.39 -19.51
C ARG C 412 0.86 37.00 -20.76
N GLY C 413 1.67 37.07 -21.81
CA GLY C 413 1.18 37.39 -23.13
C GLY C 413 0.41 36.20 -23.64
N GLU C 414 -0.80 36.48 -24.12
CA GLU C 414 -1.61 35.52 -24.86
C GLU C 414 -2.10 36.20 -26.12
N PRO C 415 -1.23 36.24 -27.12
CA PRO C 415 -1.46 36.94 -28.39
C PRO C 415 -2.11 36.05 -29.46
N ASP C 416 -3.29 36.45 -29.93
CA ASP C 416 -4.02 35.66 -30.93
C ASP C 416 -3.28 35.48 -32.27
N TRP C 417 -2.37 36.39 -32.61
CA TRP C 417 -1.68 36.30 -33.90
C TRP C 417 -0.67 35.16 -33.96
N LEU C 418 -0.54 34.42 -32.85
CA LEU C 418 0.28 33.23 -32.84
C LEU C 418 -0.49 32.02 -32.25
N PRO C 419 -0.06 30.80 -32.61
CA PRO C 419 -0.64 29.60 -31.98
C PRO C 419 -0.21 29.48 -30.51
N ALA C 420 -1.13 29.02 -29.68
CA ALA C 420 -0.86 28.82 -28.27
C ALA C 420 0.46 28.07 -28.03
N GLU C 421 0.79 27.11 -28.89
CA GLU C 421 1.93 26.23 -28.65
C GLU C 421 3.29 26.92 -28.75
N ARG C 422 3.30 28.22 -29.04
CA ARG C 422 4.54 28.98 -28.95
C ARG C 422 4.43 30.25 -28.09
N TRP C 423 3.37 30.36 -27.28
CA TRP C 423 3.30 31.42 -26.27
C TRP C 423 4.43 31.33 -25.22
N ASP C 424 4.82 30.11 -24.82
CA ASP C 424 5.98 29.99 -23.93
C ASP C 424 7.22 30.64 -24.57
N ASP C 425 7.47 30.34 -25.85
CA ASP C 425 8.58 30.96 -26.59
C ASP C 425 8.48 32.49 -26.60
N TRP C 426 7.26 32.99 -26.76
CA TRP C 426 6.94 34.44 -26.78
C TRP C 426 7.27 35.14 -25.45
N ASN C 427 6.71 34.64 -24.36
CA ASN C 427 6.97 35.25 -23.05
C ASN C 427 8.43 35.09 -22.63
N ALA C 428 9.05 33.93 -22.94
CA ALA C 428 10.46 33.78 -22.71
C ALA C 428 11.25 34.89 -23.43
N ALA C 429 10.88 35.13 -24.69
CA ALA C 429 11.51 36.15 -25.51
C ALA C 429 11.23 37.54 -24.94
N LEU C 430 10.00 37.77 -24.47
CA LEU C 430 9.70 39.07 -23.84
C LEU C 430 10.52 39.36 -22.55
N GLN C 431 10.56 38.37 -21.67
CA GLN C 431 11.38 38.45 -20.46
C GLN C 431 12.84 38.79 -20.80
N ALA C 432 13.40 38.16 -21.84
CA ALA C 432 14.80 38.44 -22.19
C ALA C 432 14.96 39.87 -22.64
N LEU C 433 13.98 40.34 -23.40
CA LEU C 433 14.00 41.69 -23.95
C LEU C 433 13.93 42.75 -22.87
N LEU C 434 12.97 42.59 -21.95
CA LEU C 434 12.80 43.54 -20.82
C LEU C 434 14.09 43.71 -20.02
N LEU C 435 14.84 42.63 -19.92
CA LEU C 435 16.07 42.59 -19.15
C LEU C 435 17.22 43.16 -19.96
N ARG C 436 17.40 42.70 -21.20
CA ARG C 436 18.54 43.15 -22.01
C ARG C 436 18.42 44.63 -22.33
N GLU C 437 17.23 45.08 -22.74
CA GLU C 437 17.07 46.46 -23.22
C GLU C 437 16.44 47.39 -22.19
N GLY C 438 15.44 46.90 -21.45
CA GLY C 438 14.81 47.73 -20.43
C GLY C 438 15.54 47.76 -19.08
N LYS C 439 16.52 46.86 -18.89
CA LYS C 439 17.17 46.66 -17.59
C LYS C 439 16.12 46.30 -16.51
N ILE C 440 15.12 45.51 -16.88
CA ILE C 440 14.03 45.19 -15.97
C ILE C 440 13.91 43.68 -15.81
N PHE C 441 13.97 43.18 -14.57
CA PHE C 441 13.95 41.72 -14.39
C PHE C 441 12.60 41.23 -13.87
N LEU C 442 11.93 40.37 -14.66
CA LEU C 442 10.74 39.66 -14.25
C LEU C 442 11.10 38.20 -14.21
N SER C 443 10.50 37.41 -13.34
CA SER C 443 10.81 36.00 -13.37
C SER C 443 9.85 35.33 -14.32
N LEU C 444 10.15 34.11 -14.74
CA LEU C 444 9.30 33.36 -15.67
C LEU C 444 8.95 31.96 -15.16
N PRO C 445 8.04 31.86 -14.18
CA PRO C 445 7.75 30.53 -13.64
C PRO C 445 6.88 29.71 -14.57
N VAL C 446 6.91 28.39 -14.40
CA VAL C 446 5.88 27.52 -14.96
C VAL C 446 4.63 27.56 -14.06
N TYR C 447 3.49 27.89 -14.64
CA TYR C 447 2.22 27.94 -13.91
C TYR C 447 1.07 27.50 -14.81
N ARG C 448 0.21 26.63 -14.30
CA ARG C 448 -0.85 26.04 -15.11
C ARG C 448 -0.37 25.50 -16.47
N GLY C 449 0.72 24.74 -16.44
CA GLY C 449 1.29 24.15 -17.65
C GLY C 449 1.97 25.05 -18.68
N GLY C 450 2.05 26.36 -18.41
CA GLY C 450 2.69 27.30 -19.31
C GLY C 450 3.71 28.18 -18.61
N ARG C 451 4.35 29.08 -19.36
CA ARG C 451 5.35 30.00 -18.80
C ARG C 451 4.73 31.37 -18.59
N TRP C 452 4.70 31.85 -17.35
CA TRP C 452 4.10 33.14 -17.06
C TRP C 452 5.12 34.15 -16.56
N LEU C 453 4.86 35.43 -16.80
CA LEU C 453 5.68 36.50 -16.25
C LEU C 453 5.22 36.75 -14.80
N ARG C 454 6.15 37.18 -13.94
CA ARG C 454 5.84 37.41 -12.55
C ARG C 454 6.59 38.62 -12.01
N ALA C 455 5.79 39.61 -11.58
CA ALA C 455 6.37 40.76 -10.88
C ALA C 455 6.16 40.66 -9.36
N VAL C 456 7.22 40.97 -8.64
CA VAL C 456 7.22 41.06 -7.18
C VAL C 456 7.68 42.47 -6.80
N LEU C 457 6.75 43.32 -6.34
CA LEU C 457 7.05 44.76 -6.22
C LEU C 457 7.59 45.08 -4.84
N LEU C 458 8.88 44.81 -4.60
CA LEU C 458 9.46 44.87 -3.25
C LEU C 458 10.45 46.00 -3.04
N ASN C 459 11.23 46.27 -4.08
CA ASN C 459 12.29 47.26 -3.99
C ASN C 459 11.66 48.63 -3.64
N PRO C 460 12.03 49.19 -2.46
CA PRO C 460 11.52 50.52 -2.06
C PRO C 460 11.81 51.57 -3.12
N TYR C 461 12.84 51.37 -3.94
CA TYR C 461 13.24 52.35 -4.94
C TYR C 461 12.64 52.04 -6.33
N THR C 462 11.77 51.04 -6.43
CA THR C 462 11.03 50.87 -7.68
C THR C 462 9.95 51.96 -7.74
N THR C 463 9.79 52.59 -8.89
CA THR C 463 8.89 53.74 -9.01
C THR C 463 7.81 53.49 -10.05
N ASP C 464 6.78 54.33 -10.04
CA ASP C 464 5.79 54.36 -11.13
C ASP C 464 6.47 54.37 -12.51
N ALA C 465 7.56 55.11 -12.65
CA ALA C 465 8.28 55.24 -13.91
C ALA C 465 8.91 53.92 -14.40
N VAL C 466 9.39 53.09 -13.47
CA VAL C 466 9.90 51.77 -13.83
C VAL C 466 8.76 50.94 -14.43
N ILE C 467 7.62 50.89 -13.75
CA ILE C 467 6.45 50.19 -14.29
C ILE C 467 6.08 50.69 -15.71
N ASP C 468 6.02 52.00 -15.90
CA ASP C 468 5.69 52.61 -17.21
C ASP C 468 6.73 52.23 -18.24
N ALA C 469 8.00 52.30 -17.87
CA ALA C 469 9.00 51.80 -18.80
C ALA C 469 8.78 50.33 -19.18
N PHE C 471 6.03 48.61 -19.56
CA PHE C 471 4.89 48.45 -20.47
C PHE C 471 5.18 48.95 -21.89
N LYS C 472 5.95 50.04 -22.03
CA LYS C 472 6.32 50.56 -23.34
C LYS C 472 7.18 49.52 -24.02
N GLN C 473 8.10 48.94 -23.29
CA GLN C 473 8.88 47.84 -23.82
C GLN C 473 8.00 46.69 -24.33
N ILE C 474 6.96 46.38 -23.57
CA ILE C 474 6.12 45.24 -23.92
C ILE C 474 5.39 45.55 -25.24
N ASP C 475 4.70 46.69 -25.28
CA ASP C 475 4.10 47.21 -26.52
C ASP C 475 5.02 47.13 -27.75
N ARG C 476 6.21 47.69 -27.63
CA ARG C 476 7.14 47.67 -28.74
C ARG C 476 7.50 46.22 -29.16
N PHE C 477 7.51 45.28 -28.21
CA PHE C 477 7.72 43.86 -28.56
C PHE C 477 6.52 43.22 -29.25
N ALA C 478 5.32 43.63 -28.83
CA ALA C 478 4.09 43.03 -29.32
C ALA C 478 3.72 43.56 -30.70
N GLY C 479 4.20 44.75 -31.04
CA GLY C 479 3.85 45.42 -32.29
C GLY C 479 2.66 46.36 -32.19
N ASN D 2 9.58 55.26 -2.57
CA ASN D 2 8.50 56.20 -2.33
C ASN D 2 8.17 56.26 -0.86
N ALA D 3 8.26 55.11 -0.21
CA ALA D 3 8.18 55.00 1.24
C ALA D 3 9.35 55.72 1.87
N ASP D 5 10.87 58.33 0.79
CA ASP D 5 10.57 59.76 0.79
C ASP D 5 9.64 60.11 1.94
N SER D 6 9.05 59.09 2.55
CA SER D 6 8.13 59.25 3.67
C SER D 6 8.73 59.60 5.04
N ARG D 7 7.89 60.17 5.89
CA ARG D 7 8.22 60.46 7.27
C ARG D 7 8.34 59.15 8.03
N PHE D 8 7.80 58.08 7.48
CA PHE D 8 7.65 56.84 8.20
C PHE D 8 8.89 55.94 8.28
N LEU D 9 9.94 56.27 7.53
CA LEU D 9 11.18 55.49 7.50
C LEU D 9 12.38 56.35 7.85
N PRO D 10 13.28 55.83 8.69
CA PRO D 10 14.56 56.52 8.88
C PRO D 10 15.34 56.66 7.56
N ALA D 11 16.09 57.76 7.44
CA ALA D 11 16.80 58.12 6.21
C ALA D 11 17.81 57.04 5.83
N THR D 12 18.25 56.25 6.82
CA THR D 12 19.20 55.17 6.53
C THR D 12 18.60 53.74 6.53
N ALA D 13 17.26 53.60 6.42
CA ALA D 13 16.67 52.29 6.57
C ALA D 13 17.17 51.37 5.45
N PHE D 14 17.41 51.95 4.27
CA PHE D 14 17.97 51.25 3.11
C PHE D 14 19.09 52.09 2.54
N ILE D 15 19.89 51.47 1.70
CA ILE D 15 20.94 52.20 1.03
C ILE D 15 20.43 52.63 -0.34
N ASP D 16 20.37 53.93 -0.55
CA ASP D 16 19.87 54.43 -1.81
C ASP D 16 20.78 54.03 -2.98
N PRO D 17 20.25 53.30 -3.98
CA PRO D 17 21.13 52.75 -5.04
C PRO D 17 21.64 53.85 -5.99
N GLU D 18 21.18 55.08 -5.80
CA GLU D 18 21.71 56.23 -6.56
C GLU D 18 22.49 57.22 -5.72
N GLY D 19 22.82 56.84 -4.49
CA GLY D 19 23.80 57.58 -3.71
C GLY D 19 23.16 58.70 -2.92
N ARG D 20 21.83 58.80 -2.92
CA ARG D 20 21.22 59.98 -2.28
C ARG D 20 21.33 60.02 -0.77
N ASN D 21 21.54 58.87 -0.10
CA ASN D 21 21.75 58.94 1.35
C ASN D 21 23.14 58.41 1.71
N ARG D 22 24.07 58.55 0.77
CA ARG D 22 25.39 57.99 0.93
C ARG D 22 26.13 58.48 2.18
N ASN D 23 26.10 59.77 2.50
CA ASN D 23 26.84 60.26 3.68
C ASN D 23 26.29 59.70 5.00
N GLU D 24 24.98 59.71 5.16
CA GLU D 24 24.38 59.18 6.39
C GLU D 24 24.58 57.68 6.51
N VAL D 25 24.45 56.94 5.39
CA VAL D 25 24.74 55.49 5.43
C VAL D 25 26.18 55.21 5.78
N GLU D 26 27.13 55.93 5.14
CA GLU D 26 28.56 55.79 5.50
C GLU D 26 28.83 56.03 6.96
N ARG D 27 28.23 57.07 7.54
CA ARG D 27 28.42 57.35 8.95
C ARG D 27 27.86 56.30 9.89
N LEU D 28 26.67 55.79 9.60
CA LEU D 28 26.08 54.79 10.46
C LEU D 28 26.89 53.51 10.39
N VAL D 29 27.22 53.11 9.16
CA VAL D 29 28.03 51.91 8.97
C VAL D 29 29.35 52.03 9.75
N GLN D 30 30.00 53.20 9.65
CA GLN D 30 31.30 53.37 10.31
C GLN D 30 31.17 53.28 11.82
N GLN D 31 30.08 53.81 12.41
CA GLN D 31 29.94 53.70 13.89
C GLN D 31 29.83 52.25 14.36
N VAL D 32 29.09 51.45 13.60
CA VAL D 32 28.98 50.05 13.93
C VAL D 32 30.33 49.35 13.70
N VAL D 33 31.00 49.66 12.58
CA VAL D 33 32.29 49.00 12.30
C VAL D 33 33.28 49.34 13.40
N ASP D 34 33.34 50.61 13.80
CA ASP D 34 34.28 51.01 14.85
C ASP D 34 33.94 50.39 16.19
N LEU D 35 32.65 50.32 16.55
CA LEU D 35 32.24 49.66 17.79
C LEU D 35 32.65 48.16 17.81
N ILE D 36 32.31 47.43 16.74
CA ILE D 36 32.67 46.01 16.67
C ILE D 36 34.19 45.77 16.75
N LEU D 37 34.96 46.58 16.04
CA LEU D 37 36.41 46.40 16.06
C LEU D 37 36.99 46.72 17.45
N ALA D 38 36.45 47.72 18.13
CA ALA D 38 36.86 48.00 19.50
C ALA D 38 36.59 46.78 20.41
N LYS D 39 35.44 46.15 20.27
CA LYS D 39 35.13 45.01 21.11
C LYS D 39 36.03 43.82 20.80
N LEU D 40 36.38 43.64 19.53
CA LEU D 40 37.19 42.47 19.16
C LEU D 40 38.68 42.77 19.41
N THR D 41 39.13 43.99 19.14
CA THR D 41 40.54 44.25 19.41
C THR D 41 40.78 44.42 20.91
N GLY D 42 39.72 44.50 21.67
CA GLY D 42 39.83 44.50 23.12
C GLY D 42 39.16 43.32 23.75
N ALA D 43 39.04 42.20 23.00
CA ALA D 43 38.23 41.08 23.49
C ALA D 43 38.77 40.51 24.76
N ALA D 44 40.09 40.58 24.97
CA ALA D 44 40.62 39.95 26.17
C ALA D 44 40.22 40.73 27.43
N GLU D 45 39.62 41.91 27.24
CA GLU D 45 39.09 42.71 28.35
C GLU D 45 37.69 42.24 28.77
N ARG D 46 37.11 41.33 28.00
CA ARG D 46 35.83 40.74 28.38
C ARG D 46 36.10 39.30 28.77
N PRO D 47 35.48 38.81 29.85
CA PRO D 47 35.70 37.42 30.26
C PRO D 47 35.16 36.45 29.21
N PRO D 48 35.50 35.18 29.30
CA PRO D 48 35.06 34.18 28.33
C PRO D 48 33.53 34.00 28.29
N PRO D 50 29.74 35.91 29.89
CA PRO D 50 29.28 37.18 30.49
C PRO D 50 29.02 36.99 31.99
N GLU D 51 29.32 38.04 32.76
CA GLU D 51 29.29 38.07 34.24
C GLU D 51 28.06 38.78 34.79
N ILE D 59 9.67 41.69 25.33
CA ILE D 59 10.29 42.46 24.28
C ILE D 59 9.14 42.98 23.45
N THR D 60 9.27 44.19 22.92
CA THR D 60 8.23 44.71 22.04
C THR D 60 8.77 45.34 20.76
N ILE D 61 8.10 45.03 19.68
CA ILE D 61 8.42 45.61 18.39
C ILE D 61 7.80 47.00 18.31
N PRO D 62 8.62 48.03 18.20
CA PRO D 62 8.14 49.42 18.36
C PRO D 62 7.29 49.87 17.19
N GLU D 63 6.41 50.83 17.44
CA GLU D 63 5.62 51.43 16.36
C GLU D 63 6.51 52.28 15.48
N ALA D 64 7.31 53.14 16.11
CA ALA D 64 8.19 54.05 15.39
C ALA D 64 9.66 53.59 15.39
N ALA D 65 10.38 54.03 14.37
CA ALA D 65 11.80 53.76 14.21
C ALA D 65 12.56 54.11 15.46
N ALA D 66 13.46 53.23 15.82
CA ALA D 66 14.42 53.46 16.89
C ALA D 66 15.47 54.45 16.41
N THR D 67 16.03 55.19 17.33
CA THR D 67 17.09 56.14 16.98
C THR D 67 18.40 55.38 16.79
N GLU D 68 19.36 55.96 16.06
CA GLU D 68 20.68 55.33 15.94
C GLU D 68 21.33 55.10 17.31
N ALA D 69 21.07 55.99 18.25
CA ALA D 69 21.68 55.85 19.57
C ALA D 69 21.18 54.60 20.29
N THR D 70 19.88 54.38 20.23
CA THR D 70 19.29 53.18 20.79
C THR D 70 19.88 51.90 20.14
N LEU D 71 20.04 51.93 18.81
CA LEU D 71 20.49 50.78 18.04
C LEU D 71 21.96 50.50 18.37
N LEU D 72 22.78 51.54 18.51
CA LEU D 72 24.18 51.26 18.85
C LEU D 72 24.22 50.73 20.30
N GLN D 73 23.34 51.20 21.16
CA GLN D 73 23.42 50.72 22.53
C GLN D 73 22.93 49.26 22.57
N ALA D 74 22.00 48.92 21.71
CA ALA D 74 21.56 47.54 21.67
C ALA D 74 22.72 46.61 21.27
N ILE D 75 23.53 47.06 20.30
CA ILE D 75 24.69 46.27 19.86
C ILE D 75 25.70 46.10 20.98
N ARG D 76 25.94 47.17 21.72
CA ARG D 76 26.87 47.12 22.84
C ARG D 76 26.39 46.14 23.87
N ASP D 77 25.11 46.20 24.18
CA ASP D 77 24.52 45.29 25.17
C ASP D 77 24.55 43.86 24.67
N VAL D 79 26.66 42.49 22.45
CA VAL D 79 28.05 42.00 22.49
C VAL D 79 28.46 41.72 23.95
N ASP D 80 28.17 42.65 24.86
CA ASP D 80 28.58 42.42 26.26
C ASP D 80 27.88 41.23 26.91
N GLY D 81 26.68 40.89 26.47
CA GLY D 81 26.03 39.70 26.99
C GLY D 81 26.36 38.37 26.27
N SER D 82 27.30 38.36 25.32
CA SER D 82 27.54 37.15 24.51
C SER D 82 28.70 36.31 25.01
N ASN D 84 32.33 34.82 24.59
CA ASN D 84 33.48 35.53 23.99
C ASN D 84 34.60 34.51 23.76
N PRO D 85 34.52 33.77 22.65
CA PRO D 85 35.55 32.76 22.36
C PRO D 85 36.89 33.43 21.96
N ALA D 86 36.90 34.73 21.72
CA ALA D 86 38.18 35.39 21.46
C ALA D 86 39.00 35.53 22.75
N ASN D 87 38.38 35.44 23.91
CA ASN D 87 39.20 35.43 25.12
C ASN D 87 40.17 34.23 25.13
N PRO D 88 41.50 34.48 25.33
CA PRO D 88 42.44 33.33 25.31
C PRO D 88 42.13 32.21 26.33
N GLY D 89 41.36 32.52 27.37
CA GLY D 89 40.88 31.52 28.33
C GLY D 89 39.64 30.73 27.92
N TYR D 90 39.07 31.04 26.75
CA TYR D 90 37.94 30.26 26.25
C TYR D 90 38.51 29.02 25.58
N ILE D 91 38.37 27.89 26.26
CA ILE D 91 39.00 26.66 25.79
C ILE D 91 38.05 25.48 25.98
N GLY D 92 36.77 25.74 25.86
CA GLY D 92 35.83 24.67 26.24
C GLY D 92 34.92 24.05 25.18
N HIS D 93 34.85 24.63 23.98
CA HIS D 93 33.88 24.10 22.99
C HIS D 93 34.45 24.21 21.57
N ASP D 95 33.88 25.97 19.15
CA ASP D 95 33.36 27.25 18.74
C ASP D 95 34.47 28.28 18.86
N PRO D 96 35.06 28.63 17.72
CA PRO D 96 36.30 29.39 17.65
C PRO D 96 36.07 30.89 17.53
N PRO D 98 36.36 33.89 15.06
CA PRO D 98 36.26 33.79 13.60
C PRO D 98 37.49 34.40 12.94
N ALA D 99 37.95 33.80 11.86
CA ALA D 99 38.88 34.43 10.94
C ALA D 99 38.39 35.81 10.55
N THR D 100 39.33 36.74 10.42
CA THR D 100 38.94 38.10 10.01
C THR D 100 38.15 38.13 8.71
N ALA D 102 36.35 35.88 7.48
CA ALA D 102 35.01 35.25 7.60
C ALA D 102 34.01 36.30 8.08
N ILE D 103 34.47 37.18 8.95
CA ILE D 103 33.61 38.29 9.38
C ILE D 103 33.30 39.16 8.15
N LEU D 104 34.33 39.46 7.38
CA LEU D 104 34.17 40.34 6.24
C LEU D 104 33.37 39.65 5.14
N GLY D 105 33.59 38.35 5.00
CA GLY D 105 32.78 37.56 4.08
C GLY D 105 31.28 37.63 4.37
N ASP D 106 30.88 37.57 5.64
CA ASP D 106 29.43 37.70 5.88
C ASP D 106 28.90 39.12 5.65
N LEU D 107 29.75 40.12 5.85
CA LEU D 107 29.36 41.48 5.52
C LEU D 107 29.09 41.58 4.01
N VAL D 108 30.00 41.03 3.21
CA VAL D 108 29.81 41.01 1.73
C VAL D 108 28.55 40.24 1.36
N ALA D 109 28.41 39.03 1.91
CA ALA D 109 27.24 38.18 1.59
C ALA D 109 25.91 38.91 1.91
N ALA D 110 25.79 39.48 3.11
CA ALA D 110 24.55 40.19 3.45
C ALA D 110 24.31 41.40 2.53
N ALA D 111 25.37 42.11 2.19
CA ALA D 111 25.22 43.30 1.36
C ALA D 111 24.64 42.92 -0.02
N VAL D 112 25.16 41.89 -0.68
CA VAL D 112 24.59 41.60 -1.98
C VAL D 112 23.31 40.76 -1.83
N ASN D 113 23.14 40.05 -0.71
CA ASN D 113 21.89 39.35 -0.40
C ASN D 113 21.34 38.48 -1.57
N ASN D 114 22.21 37.66 -2.14
CA ASN D 114 21.84 36.64 -3.11
C ASN D 114 21.27 35.39 -2.43
N ASN D 115 20.76 34.42 -3.17
CA ASN D 115 19.97 33.34 -2.57
C ASN D 115 20.44 32.11 -3.31
N LEU D 117 19.08 29.28 -3.40
CA LEU D 117 17.95 28.50 -3.86
C LEU D 117 18.15 28.12 -5.36
N SER D 118 18.59 29.08 -6.18
CA SER D 118 18.71 28.83 -7.61
C SER D 118 19.80 29.66 -8.28
N LEU D 119 20.18 29.22 -9.49
CA LEU D 119 21.31 29.88 -10.15
C LEU D 119 20.96 31.30 -10.44
N GLU D 120 19.71 31.52 -10.83
CA GLU D 120 19.41 32.86 -11.31
C GLU D 120 19.36 33.81 -10.12
N SER D 122 21.67 33.38 -7.59
CA SER D 122 23.05 33.46 -7.08
C SER D 122 24.03 33.08 -8.20
N PRO D 123 24.07 33.89 -9.27
CA PRO D 123 24.79 33.43 -10.46
C PRO D 123 26.28 33.15 -10.21
N SER D 124 26.99 33.99 -9.48
CA SER D 124 28.39 33.59 -9.20
C SER D 124 28.48 32.59 -8.04
N PHE D 125 27.71 32.78 -6.97
CA PHE D 125 27.98 31.97 -5.77
C PHE D 125 27.63 30.47 -5.97
N SER D 126 26.56 30.18 -6.72
CA SER D 126 26.16 28.79 -6.97
C SER D 126 27.25 28.08 -7.73
N ARG D 127 27.82 28.73 -8.74
CA ARG D 127 28.91 28.08 -9.46
C ARG D 127 30.17 27.94 -8.60
N LEU D 128 30.50 28.99 -7.85
CA LEU D 128 31.66 28.94 -6.98
C LEU D 128 31.47 27.85 -5.91
N GLU D 129 30.28 27.75 -5.36
CA GLU D 129 30.08 26.69 -4.34
C GLU D 129 30.28 25.32 -4.95
N THR D 130 29.68 25.09 -6.11
CA THR D 130 29.76 23.77 -6.73
C THR D 130 31.19 23.42 -7.05
N LEU D 131 31.92 24.38 -7.62
CA LEU D 131 33.34 24.08 -7.87
C LEU D 131 34.23 23.90 -6.64
N LEU D 132 34.02 24.74 -5.63
CA LEU D 132 34.83 24.66 -4.44
C LEU D 132 34.55 23.32 -3.75
N LEU D 133 33.29 22.84 -3.74
CA LEU D 133 33.05 21.59 -3.02
C LEU D 133 33.52 20.38 -3.83
N ARG D 134 33.55 20.48 -5.15
CA ARG D 134 34.29 19.44 -5.92
C ARG D 134 35.78 19.44 -5.57
N ALA D 135 36.38 20.61 -5.48
CA ALA D 135 37.79 20.68 -5.09
C ALA D 135 38.01 20.05 -3.69
N ILE D 136 37.17 20.41 -2.74
CA ILE D 136 37.33 19.85 -1.38
C ILE D 136 37.05 18.35 -1.37
N ALA D 137 36.02 17.88 -2.09
CA ALA D 137 35.76 16.42 -2.18
C ALA D 137 37.01 15.72 -2.71
N GLY D 138 37.66 16.37 -3.66
CA GLY D 138 38.93 15.89 -4.20
C GLY D 138 40.02 15.73 -3.14
N LEU D 139 40.18 16.71 -2.29
CA LEU D 139 41.15 16.65 -1.17
C LEU D 139 40.85 15.55 -0.17
N PHE D 140 39.58 15.21 -0.01
CA PHE D 140 39.22 14.08 0.83
C PHE D 140 39.50 12.76 0.11
N GLY D 141 39.81 12.79 -1.19
CA GLY D 141 40.17 11.56 -1.89
C GLY D 141 38.94 10.86 -2.50
N LEU D 142 37.83 11.58 -2.66
CA LEU D 142 36.57 10.88 -2.98
C LEU D 142 36.43 10.57 -4.47
N GLY D 143 37.31 11.08 -5.30
CA GLY D 143 37.24 10.70 -6.71
C GLY D 143 36.61 11.73 -7.62
N GLU D 144 36.57 11.42 -8.92
CA GLU D 144 36.23 12.48 -9.86
C GLU D 144 34.72 12.74 -10.03
N GLN D 145 33.87 11.86 -9.54
CA GLN D 145 32.46 12.10 -9.54
C GLN D 145 31.95 12.83 -8.29
N ALA D 146 32.85 13.11 -7.35
CA ALA D 146 32.48 13.63 -6.04
C ALA D 146 32.11 15.10 -6.03
N GLY D 147 31.11 15.41 -5.22
CA GLY D 147 30.62 16.76 -5.06
C GLY D 147 29.67 16.85 -3.88
N GLY D 148 29.23 18.05 -3.58
CA GLY D 148 28.25 18.21 -2.53
C GLY D 148 27.66 19.60 -2.46
N VAL D 149 26.93 19.84 -1.38
CA VAL D 149 26.36 21.14 -1.12
C VAL D 149 26.70 21.65 0.29
N LEU D 150 26.83 22.95 0.42
CA LEU D 150 26.91 23.61 1.70
C LEU D 150 25.53 23.55 2.38
N THR D 151 25.54 23.41 3.69
CA THR D 151 24.35 23.35 4.52
C THR D 151 24.51 24.23 5.76
N SER D 152 23.39 24.65 6.34
CA SER D 152 23.42 25.50 7.52
C SER D 152 23.60 24.62 8.76
N GLY D 153 24.78 24.05 8.89
CA GLY D 153 25.07 23.22 10.04
C GLY D 153 25.33 21.76 9.70
N GLY D 154 26.15 21.10 10.53
CA GLY D 154 26.47 19.69 10.36
C GLY D 154 25.28 18.78 10.61
N SER D 155 24.30 19.24 11.40
CA SER D 155 23.13 18.42 11.61
C SER D 155 22.35 18.20 10.30
N LEU D 156 22.20 19.23 9.50
CA LEU D 156 21.53 19.15 8.21
C LEU D 156 22.37 18.30 7.27
N ALA D 157 23.71 18.43 7.36
CA ALA D 157 24.56 17.61 6.48
C ALA D 157 24.36 16.09 6.80
N ASN D 158 24.34 15.74 8.10
CA ASN D 158 24.07 14.36 8.52
C ASN D 158 22.67 13.94 8.12
N LEU D 159 21.71 14.83 8.31
CA LEU D 159 20.32 14.55 7.87
C LEU D 159 20.29 14.25 6.37
N GLN D 160 20.93 15.09 5.57
CA GLN D 160 20.89 14.82 4.13
C GLN D 160 21.61 13.52 3.71
N ALA D 161 22.74 13.20 4.33
CA ALA D 161 23.43 11.94 4.02
C ALA D 161 22.60 10.71 4.33
N LEU D 162 22.02 10.68 5.53
CA LEU D 162 21.12 9.59 5.90
C LEU D 162 19.85 9.52 5.03
N ALA D 163 19.29 10.67 4.65
CA ALA D 163 18.14 10.68 3.72
C ALA D 163 18.50 9.97 2.44
N VAL D 164 19.64 10.32 1.88
CA VAL D 164 20.11 9.69 0.65
C VAL D 164 20.36 8.19 0.84
N ALA D 165 21.07 7.81 1.90
CA ALA D 165 21.29 6.39 2.21
C ALA D 165 19.95 5.63 2.28
N ARG D 166 19.00 6.24 2.96
CA ARG D 166 17.66 5.66 3.11
C ARG D 166 16.98 5.57 1.72
N ASN D 167 17.01 6.67 0.94
CA ASN D 167 16.35 6.63 -0.36
C ASN D 167 16.94 5.60 -1.29
N VAL D 168 18.26 5.47 -1.29
CA VAL D 168 18.92 4.44 -2.12
C VAL D 168 18.49 3.05 -1.70
N ALA D 169 18.41 2.79 -0.41
CA ALA D 169 18.16 1.44 0.06
C ALA D 169 16.69 1.08 -0.11
N PHE D 170 15.81 2.05 -0.02
CA PHE D 170 14.38 1.69 0.06
C PHE D 170 13.52 2.30 -1.00
N ASP D 171 14.14 3.01 -1.93
CA ASP D 171 13.41 3.68 -2.99
C ASP D 171 12.26 4.51 -2.45
N SER D 172 12.56 5.35 -1.46
CA SER D 172 11.50 5.99 -0.67
C SER D 172 11.13 7.39 -1.13
N VAL D 173 11.74 7.92 -2.22
CA VAL D 173 11.53 9.34 -2.53
C VAL D 173 10.02 9.59 -2.75
N GLU D 174 9.37 8.73 -3.53
CA GLU D 174 7.94 8.95 -3.85
C GLU D 174 6.94 8.26 -2.91
N PRO D 175 7.15 6.96 -2.63
CA PRO D 175 6.14 6.30 -1.80
C PRO D 175 6.39 6.42 -0.29
N GLY D 176 7.55 6.94 0.14
CA GLY D 176 7.86 7.02 1.56
C GLY D 176 8.28 5.67 2.14
N ILE D 177 8.36 5.54 3.46
CA ILE D 177 8.82 4.27 4.05
C ILE D 177 7.77 3.60 4.93
N THR D 178 6.55 4.11 4.96
CA THR D 178 5.54 3.48 5.85
C THR D 178 5.14 2.07 5.44
N GLY D 179 5.42 1.66 4.22
CA GLY D 179 4.98 0.31 3.86
C GLY D 179 5.93 -0.82 4.30
N LEU D 180 6.99 -0.49 5.03
CA LEU D 180 8.03 -1.48 5.27
C LEU D 180 7.62 -2.41 6.39
N ALA D 181 7.91 -3.69 6.20
CA ALA D 181 7.67 -4.74 7.20
C ALA D 181 8.81 -4.85 8.22
N GLN D 182 10.01 -4.55 7.74
CA GLN D 182 11.25 -4.59 8.53
C GLN D 182 11.78 -3.17 8.87
N ARG D 183 12.07 -2.92 10.14
CA ARG D 183 12.52 -1.60 10.61
C ARG D 183 13.95 -1.29 10.05
N PRO D 184 14.11 -0.19 9.27
CA PRO D 184 15.46 0.22 8.86
C PRO D 184 16.29 0.67 10.04
N VAL D 185 17.59 0.33 10.09
CA VAL D 185 18.39 0.76 11.22
C VAL D 185 19.73 1.18 10.70
N ILE D 186 20.42 1.99 11.49
CA ILE D 186 21.79 2.38 11.15
C ILE D 186 22.68 2.10 12.38
N PHE D 187 23.99 2.00 12.16
CA PHE D 187 24.92 1.76 13.29
C PHE D 187 25.84 2.91 13.42
N ALA D 188 26.14 3.26 14.67
CA ALA D 188 27.06 4.33 14.97
C ALA D 188 27.66 4.08 16.34
N SER D 189 28.78 4.72 16.60
CA SER D 189 29.47 4.55 17.85
C SER D 189 28.60 5.03 18.97
N GLU D 190 28.69 4.38 20.13
CA GLU D 190 27.99 4.88 21.31
C GLU D 190 28.54 6.27 21.70
N ALA D 191 29.71 6.67 21.18
CA ALA D 191 30.12 8.10 21.31
C ALA D 191 29.64 9.05 20.16
N ALA D 192 28.84 8.60 19.20
CA ALA D 192 28.56 9.40 17.98
C ALA D 192 27.54 10.52 18.22
N HIS D 193 27.43 11.51 17.31
CA HIS D 193 26.64 12.76 17.61
C HIS D 193 25.14 12.50 17.68
N THR D 194 24.44 13.17 18.58
CA THR D 194 22.98 13.00 18.73
C THR D 194 22.20 13.51 17.50
N SER D 195 22.89 14.14 16.55
CA SER D 195 22.17 14.58 15.35
C SER D 195 21.85 13.33 14.53
N LEU D 196 22.44 12.18 14.91
CA LEU D 196 22.06 10.97 14.24
C LEU D 196 20.63 10.61 14.70
N GLN D 197 20.36 10.71 16.01
N GLN D 197 20.38 10.70 16.01
CA GLN D 197 19.04 10.35 16.55
CA GLN D 197 19.05 10.39 16.59
C GLN D 197 17.99 11.35 16.09
C GLN D 197 18.01 11.35 16.05
N LYS D 198 18.36 12.64 16.01
CA LYS D 198 17.46 13.69 15.53
C LYS D 198 17.16 13.45 14.05
N ALA D 199 18.20 13.23 13.27
CA ALA D 199 18.01 12.85 11.85
C ALA D 199 17.11 11.65 11.72
N ALA D 200 17.42 10.58 12.47
CA ALA D 200 16.65 9.35 12.36
C ALA D 200 15.14 9.65 12.71
N LEU D 202 13.57 12.59 12.34
CA LEU D 202 13.10 13.42 11.22
C LEU D 202 12.84 12.51 10.03
N LEU D 203 13.71 11.54 9.79
CA LEU D 203 13.60 10.69 8.55
C LEU D 203 12.48 9.69 8.63
N GLY D 204 11.90 9.54 9.82
CA GLY D 204 10.77 8.66 10.08
C GLY D 204 11.21 7.29 10.58
N LEU D 205 12.47 7.18 10.95
CA LEU D 205 13.06 5.91 11.34
C LEU D 205 12.92 5.79 12.85
N GLY D 206 12.81 6.91 13.53
CA GLY D 206 12.64 6.95 14.98
C GLY D 206 14.02 6.93 15.62
N THR D 207 14.18 7.59 16.77
CA THR D 207 15.47 7.67 17.46
C THR D 207 16.08 6.29 17.78
N ALA D 208 15.24 5.28 18.01
CA ALA D 208 15.75 3.94 18.37
C ALA D 208 16.38 3.21 17.19
N ALA D 209 16.23 3.76 15.99
CA ALA D 209 16.82 3.13 14.81
C ALA D 209 18.33 3.32 14.73
N VAL D 210 18.89 4.21 15.54
CA VAL D 210 20.35 4.37 15.60
C VAL D 210 20.86 3.37 16.63
N ILE D 211 21.44 2.27 16.16
CA ILE D 211 21.91 1.23 17.09
C ILE D 211 23.34 1.55 17.49
N PRO D 212 23.58 1.75 18.80
CA PRO D 212 24.92 2.13 19.30
C PRO D 212 25.88 0.96 19.26
N VAL D 213 27.08 1.22 18.81
CA VAL D 213 28.10 0.20 18.71
C VAL D 213 29.10 0.50 19.80
N ARG D 214 29.57 -0.53 20.48
CA ARG D 214 30.48 -0.37 21.58
C ARG D 214 31.74 0.32 21.10
N ALA D 215 32.24 1.21 21.94
CA ALA D 215 33.48 1.89 21.70
C ALA D 215 34.50 1.50 22.78
N THR D 216 35.77 1.62 22.43
CA THR D 216 36.88 1.25 23.27
C THR D 216 37.06 2.26 24.40
N ALA D 217 38.05 2.00 25.22
CA ALA D 217 38.41 2.86 26.33
C ALA D 217 38.81 4.23 25.80
N ASP D 218 39.28 4.25 24.57
CA ASP D 218 39.69 5.47 23.91
C ASP D 218 38.59 6.10 23.03
N SER D 219 37.37 5.62 23.21
CA SER D 219 36.19 6.19 22.55
C SER D 219 36.20 6.03 21.02
N ARG D 220 36.79 4.94 20.56
CA ARG D 220 36.81 4.65 19.12
C ARG D 220 35.90 3.44 18.89
N ASP D 222 34.37 -0.04 18.05
CA ASP D 222 34.97 -1.37 17.97
C ASP D 222 34.45 -2.14 16.77
N PRO D 223 35.31 -2.44 15.80
CA PRO D 223 34.81 -3.11 14.59
C PRO D 223 34.21 -4.51 14.86
N GLU D 224 34.68 -5.25 15.86
CA GLU D 224 34.04 -6.55 16.12
C GLU D 224 32.62 -6.39 16.66
N ASP D 225 32.39 -5.41 17.53
CA ASP D 225 31.03 -5.18 17.98
C ASP D 225 30.12 -4.69 16.86
N LEU D 226 30.65 -3.92 15.89
CA LEU D 226 29.85 -3.52 14.76
C LEU D 226 29.36 -4.76 14.04
N ARG D 227 30.24 -5.71 13.80
CA ARG D 227 29.84 -6.93 13.09
C ARG D 227 28.77 -7.68 13.90
N ALA D 228 28.91 -7.70 15.20
CA ALA D 228 27.93 -8.41 16.03
C ALA D 228 26.58 -7.71 16.00
N ARG D 229 26.58 -6.38 16.03
CA ARG D 229 25.32 -5.66 16.04
C ARG D 229 24.63 -5.81 14.70
N ILE D 230 25.39 -5.85 13.61
CA ILE D 230 24.76 -6.05 12.32
C ILE D 230 24.08 -7.46 12.21
N ASP D 231 24.81 -8.50 12.60
CA ASP D 231 24.24 -9.86 12.68
C ASP D 231 22.96 -9.89 13.52
N GLN D 232 23.00 -9.19 14.65
CA GLN D 232 21.92 -9.28 15.61
C GLN D 232 20.70 -8.58 15.05
N ALA D 233 20.92 -7.42 14.44
CA ALA D 233 19.86 -6.68 13.78
C ALA D 233 19.19 -7.54 12.72
N ARG D 234 19.99 -8.20 11.90
CA ARG D 234 19.39 -9.05 10.88
C ARG D 234 18.58 -10.19 11.51
N GLY D 235 19.11 -10.80 12.56
CA GLY D 235 18.42 -11.92 13.19
C GLY D 235 17.12 -11.47 13.82
N ALA D 236 17.07 -10.21 14.19
CA ALA D 236 15.91 -9.60 14.84
C ALA D 236 14.84 -9.08 13.86
N GLY D 237 15.02 -9.27 12.57
CA GLY D 237 13.99 -8.82 11.66
C GLY D 237 14.18 -7.41 11.11
N GLN D 238 15.30 -6.75 11.47
CA GLN D 238 15.53 -5.35 11.05
C GLN D 238 16.32 -5.27 9.76
N HIS D 239 16.39 -4.08 9.16
CA HIS D 239 17.04 -3.89 7.87
C HIS D 239 18.14 -2.79 7.93
N PRO D 240 19.36 -3.18 8.28
CA PRO D 240 20.56 -2.33 8.30
C PRO D 240 20.71 -1.66 6.94
N PHE D 241 21.00 -0.37 6.90
CA PHE D 241 21.24 0.21 5.61
C PHE D 241 22.39 1.20 5.65
N CYS D 242 22.92 1.50 6.83
CA CYS D 242 23.97 2.55 6.94
C CYS D 242 24.79 2.32 8.17
N VAL D 243 26.11 2.52 8.00
CA VAL D 243 27.06 2.67 9.09
C VAL D 243 27.64 4.08 9.12
N VAL D 244 27.60 4.69 10.29
CA VAL D 244 28.22 5.98 10.51
C VAL D 244 29.44 5.87 11.41
N ALA D 245 30.58 6.28 10.88
CA ALA D 245 31.82 6.37 11.61
C ALA D 245 32.05 7.83 11.87
N THR D 246 32.68 8.15 12.98
CA THR D 246 32.90 9.52 13.35
C THR D 246 34.38 9.88 13.38
N ALA D 247 34.77 10.90 12.63
CA ALA D 247 36.13 11.41 12.71
C ALA D 247 36.16 12.64 13.57
N GLY D 248 36.40 12.44 14.84
CA GLY D 248 36.34 13.50 15.82
C GLY D 248 35.02 13.56 16.57
N THR D 249 34.90 12.70 17.55
CA THR D 249 33.70 12.63 18.38
C THR D 249 33.55 13.92 19.17
N THR D 250 32.32 14.33 19.39
CA THR D 250 32.08 15.62 19.99
C THR D 250 32.69 15.74 21.39
N THR D 251 32.46 14.76 22.25
CA THR D 251 32.93 14.86 23.60
C THR D 251 34.45 14.75 23.77
N THR D 252 35.05 13.73 23.14
CA THR D 252 36.44 13.43 23.37
C THR D 252 37.36 13.70 22.18
N GLY D 253 36.79 13.98 21.02
CA GLY D 253 37.57 14.30 19.87
C GLY D 253 38.26 13.09 19.25
N ASN D 254 37.79 11.89 19.58
CA ASN D 254 38.42 10.71 18.99
C ASN D 254 37.93 10.35 17.60
N ILE D 255 38.75 9.59 16.89
CA ILE D 255 38.48 9.25 15.47
C ILE D 255 38.30 7.73 15.35
N ASP D 256 37.15 7.30 14.84
CA ASP D 256 36.88 5.87 14.60
C ASP D 256 37.89 5.25 13.64
N PRO D 257 38.10 3.91 13.70
CA PRO D 257 39.07 3.37 12.73
C PRO D 257 38.40 3.25 11.34
N LEU D 258 38.52 4.31 10.52
CA LEU D 258 37.65 4.45 9.32
C LEU D 258 37.84 3.36 8.30
N ALA D 259 39.09 2.91 8.12
CA ALA D 259 39.35 1.90 7.10
C ALA D 259 38.69 0.56 7.44
N GLU D 260 38.80 0.15 8.70
CA GLU D 260 38.20 -1.11 9.16
C GLU D 260 36.67 -1.02 9.18
N ILE D 261 36.15 0.10 9.68
CA ILE D 261 34.68 0.25 9.69
C ILE D 261 34.12 0.26 8.26
N GLY D 262 34.80 1.00 7.38
CA GLY D 262 34.37 1.10 5.98
C GLY D 262 34.46 -0.28 5.32
N ALA D 263 35.48 -1.08 5.65
CA ALA D 263 35.56 -2.42 5.02
C ALA D 263 34.34 -3.26 5.46
N ILE D 264 34.00 -3.17 6.73
CA ILE D 264 32.90 -3.96 7.25
C ILE D 264 31.56 -3.46 6.67
N ALA D 265 31.35 -2.13 6.59
CA ALA D 265 30.17 -1.61 5.87
C ALA D 265 30.06 -2.13 4.43
N ARG D 266 31.15 -2.13 3.69
CA ARG D 266 31.10 -2.56 2.26
C ARG D 266 30.88 -4.08 2.14
N GLU D 267 31.45 -4.84 3.09
CA GLU D 267 31.26 -6.30 3.18
C GLU D 267 29.74 -6.64 3.31
N HIS D 268 29.02 -5.85 4.09
CA HIS D 268 27.60 -6.05 4.34
C HIS D 268 26.68 -5.23 3.47
N GLY D 269 27.23 -4.59 2.44
CA GLY D 269 26.40 -3.84 1.50
C GLY D 269 25.73 -2.58 2.05
N LEU D 270 26.32 -1.97 3.07
CA LEU D 270 25.75 -0.79 3.75
C LEU D 270 26.38 0.54 3.28
N TRP D 271 25.57 1.60 3.21
CA TRP D 271 26.08 2.95 2.95
C TRP D 271 27.07 3.30 4.04
N PHE D 272 28.18 3.90 3.66
CA PHE D 272 29.22 4.23 4.63
C PHE D 272 29.32 5.73 4.72
N HIS D 273 28.86 6.31 5.82
CA HIS D 273 28.91 7.74 6.00
C HIS D 273 29.97 8.09 7.03
N VAL D 274 30.82 9.07 6.76
CA VAL D 274 31.75 9.50 7.81
C VAL D 274 31.32 10.89 8.33
N ASP D 275 31.01 11.00 9.62
CA ASP D 275 30.74 12.29 10.21
C ASP D 275 32.09 12.87 10.64
N ALA D 276 32.68 13.69 9.78
CA ALA D 276 33.98 14.34 10.02
C ALA D 276 33.72 15.83 10.31
N ALA D 277 32.57 16.11 10.89
CA ALA D 277 32.20 17.51 11.20
C ALA D 277 33.42 18.25 11.77
N TYR D 278 34.08 17.64 12.75
CA TYR D 278 35.22 18.33 13.36
C TYR D 278 36.56 17.89 12.73
N GLY D 279 36.84 16.58 12.71
CA GLY D 279 38.16 16.08 12.33
C GLY D 279 38.46 16.18 10.84
N GLY D 280 37.45 16.50 10.06
CA GLY D 280 37.66 16.67 8.64
C GLY D 280 38.69 17.76 8.34
N ALA D 281 38.88 18.71 9.26
CA ALA D 281 39.84 19.78 9.00
C ALA D 281 41.26 19.26 8.80
N LEU D 282 41.51 18.01 9.27
CA LEU D 282 42.83 17.39 9.12
C LEU D 282 43.22 17.18 7.63
N VAL D 283 42.25 17.28 6.71
CA VAL D 283 42.67 17.19 5.31
C VAL D 283 43.59 18.30 4.95
N PHE D 284 43.61 19.40 5.70
CA PHE D 284 44.56 20.44 5.38
C PHE D 284 45.90 20.32 6.07
N SER D 285 46.15 19.23 6.80
CA SER D 285 47.42 19.04 7.53
C SER D 285 48.22 17.83 7.02
N GLU D 286 49.31 18.07 6.30
CA GLU D 286 50.18 16.98 5.86
C GLU D 286 50.62 16.13 7.05
N ARG D 287 50.81 16.77 8.18
CA ARG D 287 51.28 15.99 9.30
C ARG D 287 50.26 15.07 9.97
N HIS D 288 48.97 15.41 9.91
CA HIS D 288 47.99 14.65 10.66
C HIS D 288 46.92 13.98 9.80
N ARG D 289 46.94 14.25 8.49
CA ARG D 289 45.86 13.82 7.59
C ARG D 289 45.78 12.26 7.54
N TRP D 290 46.90 11.58 7.79
CA TRP D 290 46.87 10.10 7.92
C TRP D 290 45.82 9.60 8.92
N ARG D 291 45.42 10.44 9.89
CA ARG D 291 44.45 10.00 10.91
C ARG D 291 43.10 9.75 10.28
N LEU D 292 42.87 10.30 9.06
CA LEU D 292 41.60 10.09 8.35
C LEU D 292 41.66 8.93 7.34
N ALA D 293 42.76 8.20 7.31
CA ALA D 293 42.88 7.11 6.34
C ALA D 293 41.62 6.19 6.37
N GLY D 294 41.07 5.91 5.21
CA GLY D 294 39.81 5.17 5.10
C GLY D 294 38.67 6.07 4.63
N ILE D 295 38.79 7.37 4.86
CA ILE D 295 37.69 8.30 4.61
C ILE D 295 37.46 8.41 3.11
N GLU D 296 38.50 8.11 2.33
CA GLU D 296 38.43 8.32 0.86
C GLU D 296 37.45 7.34 0.19
N GLN D 297 37.11 6.29 0.92
CA GLN D 297 36.20 5.31 0.40
C GLN D 297 34.76 5.50 0.88
N ALA D 298 34.49 6.57 1.63
CA ALA D 298 33.12 6.86 2.09
C ALA D 298 32.15 7.10 0.94
N ASP D 299 30.89 6.73 1.14
CA ASP D 299 29.83 7.12 0.27
C ASP D 299 29.46 8.59 0.46
N SER D 300 29.57 9.03 1.70
CA SER D 300 29.29 10.42 2.00
C SER D 300 30.16 10.87 3.18
N ILE D 301 30.38 12.20 3.24
CA ILE D 301 31.18 12.83 4.31
C ILE D 301 30.47 14.11 4.78
N THR D 302 30.29 14.26 6.08
CA THR D 302 29.93 15.58 6.68
C THR D 302 31.18 16.29 7.16
N PHE D 303 31.32 17.59 6.87
CA PHE D 303 32.48 18.35 7.30
C PHE D 303 32.05 19.79 7.63
N ASN D 304 32.52 20.33 8.76
CA ASN D 304 32.06 21.65 9.21
C ASN D 304 33.24 22.65 9.34
N PRO D 305 33.57 23.43 8.29
CA PRO D 305 34.62 24.48 8.44
C PRO D 305 34.33 25.47 9.59
N GLN D 306 33.10 25.54 10.05
CA GLN D 306 32.74 26.44 11.14
C GLN D 306 33.45 26.06 12.44
N TRP D 308 36.85 23.65 13.01
CA TRP D 308 38.30 23.71 13.01
C TRP D 308 38.94 24.56 11.89
N LEU D 309 38.14 25.09 10.99
CA LEU D 309 38.69 26.03 10.01
C LEU D 309 38.32 27.49 10.34
N TYR D 310 37.74 27.74 11.51
CA TYR D 310 37.52 29.12 11.99
C TYR D 310 36.61 29.97 11.11
N VAL D 311 35.74 29.34 10.34
CA VAL D 311 34.76 30.09 9.57
C VAL D 311 33.58 30.42 10.47
N ALA D 312 33.18 31.68 10.50
CA ALA D 312 32.08 32.09 11.36
C ALA D 312 30.83 31.29 11.01
N LYS D 313 30.07 30.91 12.02
CA LYS D 313 28.89 30.09 11.83
C LYS D 313 27.85 30.76 10.94
N THR D 314 27.15 29.98 10.14
CA THR D 314 27.36 28.55 9.97
C THR D 314 28.17 28.28 8.69
N CYS D 315 28.84 27.15 8.62
CA CYS D 315 29.52 26.72 7.44
C CYS D 315 29.72 25.24 7.60
N ALA D 316 28.98 24.45 6.82
CA ALA D 316 29.10 23.01 6.89
C ALA D 316 28.77 22.43 5.52
N VAL D 318 27.80 18.65 3.12
CA VAL D 318 27.74 17.21 2.92
C VAL D 318 28.34 16.92 1.53
N LEU D 319 29.31 16.01 1.48
CA LEU D 319 29.93 15.57 0.22
C LEU D 319 29.53 14.15 -0.12
N PHE D 320 29.31 13.88 -1.39
CA PHE D 320 28.97 12.52 -1.84
C PHE D 320 30.04 12.03 -2.80
N ARG D 321 30.45 10.78 -2.73
CA ARG D 321 31.43 10.26 -3.66
C ARG D 321 30.88 10.29 -5.10
N ASP D 322 29.59 10.11 -5.23
CA ASP D 322 28.91 10.26 -6.53
C ASP D 322 27.83 11.35 -6.42
N ALA D 323 28.18 12.56 -6.78
CA ALA D 323 27.30 13.69 -6.55
C ALA D 323 25.99 13.49 -7.35
N GLY D 324 26.03 12.63 -8.36
CA GLY D 324 24.88 12.27 -9.15
C GLY D 324 23.75 11.59 -8.39
N VAL D 325 24.08 10.97 -7.27
CA VAL D 325 23.11 10.31 -6.43
C VAL D 325 22.03 11.32 -5.95
N LEU D 326 22.40 12.57 -5.83
CA LEU D 326 21.47 13.63 -5.44
C LEU D 326 20.32 13.80 -6.44
N GLU D 327 20.63 13.68 -7.72
CA GLU D 327 19.63 13.67 -8.77
C GLU D 327 18.74 12.44 -8.78
N ARG D 328 19.34 11.28 -8.56
CA ARG D 328 18.64 10.01 -8.49
C ARG D 328 17.80 9.69 -7.27
N ALA D 329 18.30 10.05 -6.10
CA ALA D 329 17.76 9.59 -4.84
C ALA D 329 17.50 10.69 -3.83
N PHE D 330 17.29 11.91 -4.30
CA PHE D 330 16.97 13.01 -3.42
C PHE D 330 16.04 14.05 -4.05
N ARG D 331 16.47 14.58 -5.19
CA ARG D 331 15.82 15.67 -5.85
C ARG D 331 14.37 15.29 -6.14
N ILE D 332 13.44 16.20 -5.93
CA ILE D 332 12.05 15.78 -6.18
C ILE D 332 11.71 15.87 -7.66
N PRO D 333 10.92 14.88 -8.15
CA PRO D 333 10.53 14.92 -9.57
C PRO D 333 9.93 16.30 -9.90
N ALA D 334 10.50 16.94 -10.92
CA ALA D 334 10.19 18.33 -11.20
C ALA D 334 10.79 18.68 -12.56
N TYR D 336 9.90 27.57 -10.07
CA TYR D 336 9.61 29.01 -9.94
C TYR D 336 10.50 29.91 -10.82
N ARG D 338 13.00 30.44 -14.80
CA ARG D 338 13.32 30.12 -16.19
C ARG D 338 14.27 28.92 -16.29
N THR D 340 20.15 25.96 -18.31
CA THR D 340 21.37 25.39 -17.77
C THR D 340 22.67 25.84 -18.39
N ASP D 341 23.77 25.49 -17.71
CA ASP D 341 25.14 25.50 -18.26
C ASP D 341 26.02 24.36 -17.63
N GLY D 342 25.33 23.31 -17.23
CA GLY D 342 25.91 22.17 -16.53
C GLY D 342 25.80 22.26 -15.01
N PHE D 343 25.40 23.41 -14.50
CA PHE D 343 25.12 23.59 -13.08
C PHE D 343 23.62 23.40 -12.83
N ILE D 344 23.29 22.93 -11.63
CA ILE D 344 21.91 22.69 -11.23
C ILE D 344 21.49 23.56 -10.03
N ASN D 345 20.22 23.94 -9.96
CA ASN D 345 19.75 24.78 -8.86
C ASN D 345 19.94 24.10 -7.50
N LEU D 346 20.74 24.70 -6.63
CA LEU D 346 21.17 23.97 -5.44
C LEU D 346 20.01 23.68 -4.49
N GLY D 347 18.96 24.51 -4.48
CA GLY D 347 17.86 24.21 -3.61
C GLY D 347 17.17 22.88 -3.96
N GLU D 348 17.32 22.40 -5.17
CA GLU D 348 16.70 21.09 -5.51
C GLU D 348 17.44 19.89 -4.93
N ILE D 349 18.70 20.10 -4.56
CA ILE D 349 19.54 18.99 -4.12
C ILE D 349 20.07 19.26 -2.71
N GLY D 350 19.36 20.09 -1.97
CA GLY D 350 19.66 20.30 -0.57
C GLY D 350 18.42 20.17 0.31
N VAL D 351 18.60 19.98 1.62
CA VAL D 351 17.47 20.03 2.51
C VAL D 351 16.84 21.42 2.48
N GLN D 352 17.68 22.44 2.62
CA GLN D 352 17.18 23.82 2.54
C GLN D 352 16.81 24.16 1.12
N GLY D 353 15.94 25.15 0.98
CA GLY D 353 15.67 25.78 -0.31
C GLY D 353 16.44 27.10 -0.26
N THR D 354 15.79 28.18 0.23
CA THR D 354 16.56 29.43 0.36
C THR D 354 17.69 29.20 1.31
N ARG D 355 18.84 29.81 1.06
CA ARG D 355 19.93 29.60 1.93
C ARG D 355 20.92 30.77 1.77
N HIS D 356 21.56 31.15 2.88
CA HIS D 356 22.51 32.28 2.93
C HIS D 356 23.78 31.88 2.14
N ALA D 357 24.46 32.84 1.51
CA ALA D 357 25.63 32.53 0.69
C ALA D 357 26.88 32.30 1.57
N ASP D 358 26.92 31.16 2.27
CA ASP D 358 28.09 30.86 3.14
C ASP D 358 29.36 30.64 2.35
N VAL D 359 29.24 30.30 1.06
CA VAL D 359 30.44 30.15 0.25
C VAL D 359 31.35 31.43 0.25
N VAL D 360 30.79 32.62 0.41
CA VAL D 360 31.62 33.85 0.44
C VAL D 360 32.67 33.83 1.59
N LYS D 361 32.23 33.69 2.84
CA LYS D 361 33.19 33.60 3.91
C LYS D 361 34.08 32.36 3.83
N LEU D 362 33.54 31.25 3.37
CA LEU D 362 34.37 30.04 3.31
C LEU D 362 35.54 30.26 2.32
N TRP D 363 35.21 30.75 1.13
CA TRP D 363 36.22 30.94 0.10
C TRP D 363 37.25 31.99 0.45
N LEU D 364 36.78 33.12 0.94
CA LEU D 364 37.73 34.18 1.33
C LEU D 364 38.61 33.69 2.45
N THR D 365 38.04 32.93 3.39
CA THR D 365 38.83 32.44 4.51
C THR D 365 39.87 31.42 4.09
N LEU D 366 39.46 30.51 3.24
CA LEU D 366 40.38 29.45 2.77
C LEU D 366 41.57 30.10 2.04
N GLN D 367 41.28 31.14 1.29
CA GLN D 367 42.36 31.84 0.57
C GLN D 367 43.29 32.67 1.45
N HIS D 368 42.75 33.29 2.49
CA HIS D 368 43.59 34.17 3.30
C HIS D 368 44.45 33.32 4.22
N ILE D 369 43.91 32.19 4.72
CA ILE D 369 44.70 31.41 5.66
C ILE D 369 45.56 30.40 4.88
N GLY D 370 45.00 29.83 3.82
CA GLY D 370 45.72 28.81 3.06
C GLY D 370 45.94 27.47 3.73
N GLN D 371 46.31 26.47 2.95
CA GLN D 371 46.58 25.15 3.53
C GLN D 371 47.75 25.17 4.57
N GLN D 372 48.77 26.00 4.31
CA GLN D 372 49.90 26.09 5.24
C GLN D 372 49.47 26.70 6.55
N GLY D 373 48.56 27.67 6.48
CA GLY D 373 48.11 28.34 7.68
C GLY D 373 47.31 27.37 8.53
N TYR D 374 46.44 26.55 7.90
CA TYR D 374 45.68 25.59 8.69
C TYR D 374 46.58 24.51 9.28
N ALA D 375 47.56 24.07 8.50
CA ALA D 375 48.51 23.08 9.04
C ALA D 375 49.18 23.59 10.29
N ARG D 376 49.48 24.88 10.32
CA ARG D 376 50.15 25.50 11.46
C ARG D 376 49.20 25.64 12.66
N LEU D 377 47.98 26.11 12.38
CA LEU D 377 46.96 26.22 13.41
C LEU D 377 46.70 24.88 14.05
N ILE D 378 46.56 23.86 13.22
CA ILE D 378 46.25 22.51 13.75
C ILE D 378 47.38 22.01 14.63
N ASP D 379 48.63 22.14 14.16
CA ASP D 379 49.80 21.78 15.00
C ASP D 379 49.79 22.40 16.36
N ASP D 380 49.57 23.71 16.37
CA ASP D 380 49.46 24.40 17.64
C ASP D 380 48.38 23.87 18.57
N GLY D 381 47.22 23.50 18.03
CA GLY D 381 46.18 22.90 18.83
C GLY D 381 46.59 21.55 19.45
N TYR D 382 47.23 20.71 18.65
CA TYR D 382 47.78 19.45 19.16
C TYR D 382 48.77 19.69 20.29
N ARG D 383 49.60 20.72 20.11
CA ARG D 383 50.67 21.00 21.07
C ARG D 383 50.07 21.47 22.39
N LEU D 384 49.05 22.37 22.34
CA LEU D 384 48.32 22.69 23.57
C LEU D 384 47.59 21.45 24.17
N ALA D 385 46.93 20.65 23.33
CA ALA D 385 46.25 19.49 23.87
C ALA D 385 47.24 18.52 24.57
N GLU D 386 48.46 18.38 24.02
CA GLU D 386 49.48 17.51 24.62
C GLU D 386 49.96 18.07 25.96
N ARG D 387 49.96 19.39 26.08
CA ARG D 387 50.30 19.98 27.35
C ARG D 387 49.23 19.68 28.43
N VAL D 388 47.95 19.72 28.05
CA VAL D 388 46.89 19.35 28.98
C VAL D 388 47.05 17.87 29.38
N VAL D 389 47.29 17.00 28.41
CA VAL D 389 47.42 15.58 28.70
C VAL D 389 48.55 15.36 29.72
N GLU D 390 49.69 16.02 29.49
CA GLU D 390 50.83 15.90 30.37
C GLU D 390 50.52 16.39 31.79
N GLY D 391 49.89 17.55 31.90
CA GLY D 391 49.44 18.04 33.19
C GLY D 391 48.49 17.09 33.92
N VAL D 392 47.62 16.42 33.17
CA VAL D 392 46.71 15.43 33.76
C VAL D 392 47.49 14.20 34.25
N ARG D 393 48.42 13.72 33.44
CA ARG D 393 49.22 12.55 33.75
C ARG D 393 50.00 12.75 35.08
N GLN D 394 50.42 13.97 35.38
CA GLN D 394 51.18 14.27 36.57
C GLN D 394 50.36 14.40 37.86
N ARG D 395 49.04 14.36 37.76
CA ARG D 395 48.18 14.58 38.92
C ARG D 395 47.32 13.37 39.15
N PRO D 396 47.65 12.59 40.20
CA PRO D 396 46.98 11.33 40.54
C PRO D 396 45.48 11.44 40.59
N PHE D 397 44.97 12.58 41.05
CA PHE D 397 43.52 12.75 41.27
C PHE D 397 42.72 13.10 40.02
N LEU D 398 43.42 13.34 38.90
CA LEU D 398 42.77 13.60 37.61
C LEU D 398 42.84 12.38 36.71
N ARG D 399 41.77 12.09 35.99
CA ARG D 399 41.82 10.96 35.09
C ARG D 399 41.52 11.39 33.64
N LEU D 400 42.35 10.94 32.70
CA LEU D 400 42.10 11.15 31.26
C LEU D 400 40.94 10.29 30.81
N ALA D 401 40.05 10.79 29.95
CA ALA D 401 39.03 9.93 29.37
C ALA D 401 39.65 8.82 28.51
N GLY D 402 40.72 9.15 27.79
CA GLY D 402 41.42 8.19 26.96
C GLY D 402 42.51 8.84 26.13
N GLU D 403 43.11 8.09 25.23
CA GLU D 403 44.11 8.61 24.31
C GLU D 403 43.40 9.70 23.48
N ILE D 404 44.13 10.69 23.02
CA ILE D 404 43.56 11.77 22.23
C ILE D 404 43.89 11.65 20.75
N ASP D 405 42.94 11.95 19.88
CA ASP D 405 43.16 11.92 18.45
C ASP D 405 43.22 13.31 17.79
N THR D 406 42.69 14.31 18.47
CA THR D 406 42.63 15.67 17.98
C THR D 406 42.99 16.64 19.10
N ASN D 407 42.77 17.93 18.90
CA ASN D 407 43.15 18.93 19.89
C ASN D 407 42.09 19.08 20.98
N ILE D 408 41.47 17.99 21.32
CA ILE D 408 40.46 17.91 22.35
C ILE D 408 40.84 16.98 23.51
N VAL D 409 40.61 17.43 24.72
CA VAL D 409 40.98 16.69 25.88
C VAL D 409 39.88 16.66 26.92
N CYS D 410 39.33 15.49 27.12
CA CYS D 410 38.31 15.26 28.11
C CYS D 410 38.94 14.55 29.33
N PHE D 411 38.77 15.15 30.48
CA PHE D 411 39.32 14.65 31.73
C PHE D 411 38.46 15.07 32.93
N ARG D 412 38.56 14.36 34.04
CA ARG D 412 37.85 14.71 35.26
C ARG D 412 38.58 14.40 36.55
N GLY D 413 38.20 15.08 37.60
CA GLY D 413 38.66 14.72 38.93
C GLY D 413 38.05 13.41 39.37
N GLU D 414 38.88 12.54 39.89
CA GLU D 414 38.42 11.37 40.62
C GLU D 414 39.19 11.32 41.95
N PRO D 415 39.01 12.29 42.80
CA PRO D 415 39.76 12.42 44.06
C PRO D 415 39.47 11.36 45.14
N ASP D 416 40.45 10.58 45.54
CA ASP D 416 40.45 9.68 46.73
C ASP D 416 39.60 10.15 47.90
N TRP D 417 39.64 11.42 48.22
CA TRP D 417 39.11 11.91 49.46
C TRP D 417 37.62 12.16 49.43
N LEU D 418 36.96 11.82 48.34
CA LEU D 418 35.52 11.96 48.31
C LEU D 418 34.91 10.67 47.87
N PRO D 419 33.68 10.45 48.23
CA PRO D 419 32.93 9.36 47.63
C PRO D 419 32.54 9.64 46.13
N ALA D 420 32.62 8.60 45.32
CA ALA D 420 32.50 8.74 43.88
C ALA D 420 31.21 9.43 43.53
N GLU D 421 30.19 9.26 44.36
CA GLU D 421 28.89 9.84 44.07
C GLU D 421 28.89 11.35 44.18
N ARG D 422 29.98 11.92 44.65
CA ARG D 422 30.12 13.38 44.78
C ARG D 422 31.22 13.95 43.83
N TRP D 423 31.79 13.09 43.00
CA TRP D 423 32.71 13.51 41.96
C TRP D 423 32.03 14.49 40.96
N ASP D 424 30.82 14.20 40.51
CA ASP D 424 30.10 15.14 39.64
C ASP D 424 30.07 16.56 40.24
N ASP D 425 29.77 16.64 41.53
CA ASP D 425 29.73 17.93 42.21
C ASP D 425 31.12 18.53 42.38
N TRP D 426 32.13 17.70 42.55
CA TRP D 426 33.51 18.22 42.61
C TRP D 426 33.89 18.89 41.27
N ASN D 427 33.62 18.17 40.18
CA ASN D 427 33.99 18.66 38.85
C ASN D 427 33.19 19.87 38.45
N ALA D 428 31.90 19.91 38.77
CA ALA D 428 31.09 21.09 38.46
C ALA D 428 31.55 22.31 39.27
N ALA D 429 31.98 22.09 40.52
CA ALA D 429 32.54 23.14 41.38
C ALA D 429 33.88 23.66 40.82
N LEU D 430 34.75 22.73 40.39
CA LEU D 430 36.01 23.13 39.79
C LEU D 430 35.78 23.97 38.51
N GLN D 431 34.83 23.54 37.69
CA GLN D 431 34.55 24.27 36.43
C GLN D 431 34.09 25.69 36.73
N ALA D 432 33.23 25.84 37.74
CA ALA D 432 32.71 27.16 38.12
C ALA D 432 33.83 28.03 38.69
N LEU D 433 34.72 27.42 39.49
CA LEU D 433 35.89 28.14 40.02
C LEU D 433 36.87 28.58 38.93
N LEU D 434 37.18 27.68 38.00
CA LEU D 434 38.06 28.01 36.85
C LEU D 434 37.56 29.21 36.09
N LEU D 435 36.24 29.25 35.86
CA LEU D 435 35.61 30.36 35.19
C LEU D 435 35.60 31.62 36.04
N ARG D 436 35.20 31.51 37.29
CA ARG D 436 35.05 32.68 38.13
C ARG D 436 36.37 33.27 38.52
N GLU D 437 37.29 32.46 38.96
CA GLU D 437 38.58 32.98 39.42
C GLU D 437 39.66 33.03 38.35
N GLY D 438 39.82 31.94 37.62
CA GLY D 438 40.84 31.89 36.58
C GLY D 438 40.45 32.57 35.27
N LYS D 439 39.17 32.90 35.06
CA LYS D 439 38.68 33.39 33.75
C LYS D 439 39.02 32.37 32.66
N ILE D 440 38.84 31.10 33.01
CA ILE D 440 39.12 30.00 32.10
C ILE D 440 37.86 29.17 31.99
N PHE D 441 37.42 28.94 30.74
CA PHE D 441 36.20 28.20 30.46
C PHE D 441 36.45 26.79 29.88
N LEU D 442 36.06 25.79 30.67
CA LEU D 442 35.98 24.41 30.23
C LEU D 442 34.53 24.06 30.16
N SER D 443 34.16 23.14 29.29
CA SER D 443 32.79 22.70 29.27
C SER D 443 32.72 21.45 30.16
N LEU D 444 31.50 21.03 30.48
CA LEU D 444 31.24 19.95 31.44
C LEU D 444 30.20 18.97 30.94
N PRO D 445 30.55 18.18 29.89
CA PRO D 445 29.59 17.25 29.31
C PRO D 445 29.29 16.05 30.26
N VAL D 446 28.16 15.40 30.07
CA VAL D 446 27.90 14.08 30.63
C VAL D 446 28.62 13.03 29.78
N TYR D 447 29.43 12.18 30.39
CA TYR D 447 30.09 11.15 29.61
C TYR D 447 30.23 9.96 30.51
N ARG D 448 29.93 8.78 29.95
CA ARG D 448 30.02 7.54 30.73
C ARG D 448 29.29 7.64 32.07
N GLY D 449 28.10 8.23 32.08
CA GLY D 449 27.32 8.38 33.30
C GLY D 449 27.74 9.42 34.32
N GLY D 450 28.81 10.18 34.04
CA GLY D 450 29.24 11.22 34.97
C GLY D 450 29.56 12.56 34.32
N ARG D 451 30.01 13.54 35.11
CA ARG D 451 30.30 14.86 34.56
C ARG D 451 31.80 14.96 34.32
N TRP D 452 32.24 15.26 33.10
CA TRP D 452 33.68 15.41 32.84
C TRP D 452 34.05 16.80 32.40
N LEU D 453 35.31 17.24 32.66
CA LEU D 453 35.76 18.49 32.12
C LEU D 453 36.20 18.27 30.65
N ARG D 454 36.11 19.31 29.82
CA ARG D 454 36.42 19.13 28.40
C ARG D 454 37.10 20.38 27.85
N ALA D 455 38.35 20.19 27.41
CA ALA D 455 39.10 21.27 26.81
C ALA D 455 39.15 21.08 25.29
N VAL D 456 38.84 22.15 24.56
CA VAL D 456 38.89 22.15 23.09
C VAL D 456 39.90 23.28 22.77
N LEU D 457 41.10 22.90 22.34
CA LEU D 457 42.18 23.90 22.31
C LEU D 457 42.21 24.60 20.93
N LEU D 458 41.33 25.59 20.73
CA LEU D 458 41.10 26.18 19.37
C LEU D 458 41.60 27.58 19.20
N ASN D 459 41.47 28.39 20.25
CA ASN D 459 41.80 29.81 20.15
C ASN D 459 43.30 29.91 19.80
N PRO D 460 43.62 30.56 18.67
CA PRO D 460 45.03 30.75 18.27
C PRO D 460 45.79 31.57 19.32
N TYR D 461 45.08 32.28 20.19
CA TYR D 461 45.77 33.05 21.22
C TYR D 461 45.80 32.36 22.58
N THR D 462 45.31 31.13 22.66
CA THR D 462 45.53 30.38 23.89
C THR D 462 47.02 30.00 23.91
N THR D 463 47.67 30.15 25.07
CA THR D 463 49.13 29.88 25.17
C THR D 463 49.43 28.83 26.26
N ASP D 464 50.69 28.36 26.35
CA ASP D 464 51.10 27.57 27.52
C ASP D 464 50.75 28.19 28.86
N ALA D 465 50.88 29.51 28.97
CA ALA D 465 50.67 30.16 30.24
C ALA D 465 49.20 30.00 30.70
N VAL D 466 48.31 29.97 29.72
CA VAL D 466 46.89 29.76 30.04
C VAL D 466 46.72 28.36 30.61
N ILE D 467 47.31 27.36 29.96
CA ILE D 467 47.21 26.01 30.46
C ILE D 467 47.82 25.90 31.87
N ASP D 468 48.98 26.54 32.08
CA ASP D 468 49.67 26.51 33.39
C ASP D 468 48.79 27.10 34.47
N ALA D 469 48.17 28.22 34.12
CA ALA D 469 47.29 28.86 35.06
C ALA D 469 46.08 27.98 35.37
N PHE D 471 45.93 24.60 35.61
CA PHE D 471 46.38 23.56 36.53
C PHE D 471 46.76 24.12 37.92
N LYS D 472 47.22 25.37 37.97
CA LYS D 472 47.55 26.00 39.24
C LYS D 472 46.28 26.15 40.04
N GLN D 473 45.27 26.71 39.38
CA GLN D 473 43.93 26.82 39.92
C GLN D 473 43.35 25.45 40.32
N ILE D 474 43.59 24.43 39.50
CA ILE D 474 43.10 23.09 39.79
C ILE D 474 43.77 22.53 41.06
N ASP D 475 45.08 22.74 41.16
CA ASP D 475 45.86 22.37 42.35
C ASP D 475 45.35 23.04 43.62
N ARG D 476 45.11 24.35 43.57
CA ARG D 476 44.57 25.07 44.72
C ARG D 476 43.25 24.48 45.16
N PHE D 477 42.35 24.26 44.22
CA PHE D 477 41.08 23.62 44.49
C PHE D 477 41.24 22.23 45.03
N ALA D 478 42.10 21.42 44.50
CA ALA D 478 42.14 20.06 44.91
C ALA D 478 42.63 20.19 46.30
N GLY D 479 43.03 21.40 46.60
CA GLY D 479 43.65 21.53 47.91
C GLY D 479 45.14 21.16 47.86
#